data_8F2V
#
_entry.id   8F2V
#
_cell.length_a   110.011
_cell.length_b   184.182
_cell.length_c   181.064
_cell.angle_alpha   90.000
_cell.angle_beta   90.000
_cell.angle_gamma   90.000
#
_symmetry.space_group_name_H-M   'C 2 2 21'
#
loop_
_entity.id
_entity.type
_entity.pdbx_description
1 polymer 'Fab light chain'
2 polymer 'Fab heavy chain'
3 non-polymer '2-(N-MORPHOLINO)-ETHANESULFONIC ACID'
#
loop_
_entity_poly.entity_id
_entity_poly.type
_entity_poly.pdbx_seq_one_letter_code
_entity_poly.pdbx_strand_id
1 'polypeptide(L)'
;SYVLTQPPSVSVAPGQTARITCGGNNIGSKSVHWYQQKPGQAPVLVVYDDSDRPSGIPERFSGSNSGNTATLIISRVEAG
DEADYYCQVWDSSSVHYVFGTGTKLTVLGQPKAAPSVTLFPPSSEELQANKATLVCLISDFYPGAVTVAWKADSSPVKAG
VETTTPSKQSNNKYAASSYLSLTPEQWKSHRSYSCQVTHEGSTVEKTVAPTECS
;
C,A,E
2 'polypeptide(L)'
;EVQLVQSGAEVKKPGSSVRVSCKVSGYTFTGYYMHWVRQAPGQGLEWMGIINPSGGSTSYAQKFQGRVTMTRDTSTSTVY
MELSSLRSEDTAVYYCATVRVGASDAFDIWGQGTMVTVSSASTKGPSVFPLAPSSKSTSGGTAALGCLVKDYFPEPVTVS
WNSGALTSGVHTFPAVLQSSGLYSLSSVVTVPSSSLGTQTYICNVNHKPSNTKVDKKVEPKSC
;
D,B,F
#
# COMPACT_ATOMS: atom_id res chain seq x y z
N TYR A 2 6.19 -25.66 -19.15
CA TYR A 2 5.60 -26.80 -18.46
C TYR A 2 5.34 -26.46 -16.99
N VAL A 3 4.20 -26.96 -16.48
CA VAL A 3 3.70 -26.72 -15.13
C VAL A 3 4.06 -25.35 -14.59
N LEU A 4 3.37 -24.32 -15.08
CA LEU A 4 3.49 -22.99 -14.52
C LEU A 4 2.67 -22.89 -13.23
N THR A 5 3.25 -22.27 -12.21
CA THR A 5 2.75 -22.38 -10.85
C THR A 5 2.58 -21.00 -10.25
N GLN A 6 1.37 -20.71 -9.78
CA GLN A 6 1.02 -19.46 -9.15
C GLN A 6 0.41 -19.70 -7.78
N PRO A 7 0.56 -18.75 -6.85
CA PRO A 7 -0.19 -18.83 -5.59
C PRO A 7 -1.67 -18.57 -5.82
N PRO A 8 -2.55 -19.28 -5.13
CA PRO A 8 -3.99 -19.14 -5.41
C PRO A 8 -4.53 -17.75 -5.10
N SER A 9 -4.19 -17.18 -3.94
CA SER A 9 -4.83 -15.95 -3.48
C SER A 9 -3.79 -14.90 -3.14
N VAL A 10 -4.18 -13.64 -3.36
CA VAL A 10 -3.36 -12.47 -3.03
C VAL A 10 -4.29 -11.35 -2.60
N SER A 11 -3.99 -10.71 -1.48
CA SER A 11 -4.79 -9.61 -0.95
C SER A 11 -3.93 -8.36 -0.80
N VAL A 12 -4.37 -7.27 -1.41
CA VAL A 12 -3.64 -6.00 -1.40
C VAL A 12 -4.64 -4.86 -1.32
N ALA A 13 -4.49 -3.99 -0.34
CA ALA A 13 -5.33 -2.82 -0.20
C ALA A 13 -4.89 -1.73 -1.18
N PRO A 14 -5.78 -0.81 -1.54
CA PRO A 14 -5.47 0.15 -2.61
C PRO A 14 -4.26 1.01 -2.29
N GLY A 15 -3.58 1.45 -3.35
CA GLY A 15 -2.36 2.23 -3.25
C GLY A 15 -1.10 1.39 -3.30
N GLN A 16 -1.12 0.21 -2.67
CA GLN A 16 0.01 -0.69 -2.69
C GLN A 16 0.20 -1.26 -4.11
N THR A 17 1.26 -2.06 -4.26
CA THR A 17 1.54 -2.74 -5.52
C THR A 17 1.45 -4.23 -5.31
N ALA A 18 0.62 -4.89 -6.11
CA ALA A 18 0.50 -6.35 -6.06
C ALA A 18 1.50 -6.96 -7.03
N ARG A 19 2.29 -7.91 -6.54
CA ARG A 19 3.31 -8.59 -7.35
C ARG A 19 2.93 -10.07 -7.43
N ILE A 20 2.04 -10.39 -8.37
CA ILE A 20 1.59 -11.77 -8.55
C ILE A 20 2.70 -12.56 -9.22
N THR A 21 3.17 -13.61 -8.55
CA THR A 21 4.28 -14.41 -9.05
C THR A 21 3.78 -15.60 -9.85
N CYS A 22 4.60 -16.02 -10.82
CA CYS A 22 4.28 -17.17 -11.66
C CYS A 22 5.58 -17.93 -11.92
N GLY A 23 5.67 -19.15 -11.42
CA GLY A 23 6.92 -19.87 -11.43
C GLY A 23 6.94 -21.13 -12.27
N GLY A 24 7.85 -21.18 -13.24
CA GLY A 24 8.13 -22.36 -14.02
C GLY A 24 9.61 -22.68 -13.94
N ASN A 25 9.99 -23.93 -14.22
CA ASN A 25 11.39 -24.34 -14.10
C ASN A 25 12.21 -23.59 -15.15
N ASN A 26 12.97 -22.60 -14.70
CA ASN A 26 13.80 -21.76 -15.56
C ASN A 26 12.97 -21.07 -16.63
N ILE A 27 12.46 -19.88 -16.31
CA ILE A 27 11.69 -19.09 -17.27
C ILE A 27 12.67 -18.13 -17.95
N GLY A 28 13.94 -18.52 -18.01
CA GLY A 28 15.02 -17.69 -18.50
C GLY A 28 14.69 -16.83 -19.71
N SER A 29 14.01 -15.71 -19.45
CA SER A 29 13.58 -14.77 -20.48
C SER A 29 12.69 -15.44 -21.52
N LYS A 30 11.80 -16.32 -21.06
CA LYS A 30 10.83 -16.94 -21.93
C LYS A 30 9.70 -15.96 -22.24
N SER A 31 8.83 -16.33 -23.18
CA SER A 31 7.74 -15.47 -23.62
C SER A 31 6.64 -15.48 -22.55
N VAL A 32 6.83 -14.65 -21.54
CA VAL A 32 5.89 -14.56 -20.44
C VAL A 32 4.73 -13.64 -20.84
N HIS A 33 3.51 -14.08 -20.58
CA HIS A 33 2.31 -13.32 -20.90
C HIS A 33 1.31 -13.43 -19.76
N TRP A 34 0.62 -12.35 -19.48
CA TRP A 34 -0.29 -12.25 -18.34
C TRP A 34 -1.68 -11.86 -18.83
N TYR A 35 -2.71 -12.41 -18.19
CA TYR A 35 -4.09 -12.15 -18.58
C TYR A 35 -4.95 -11.88 -17.36
N GLN A 36 -5.73 -10.80 -17.41
CA GLN A 36 -6.73 -10.52 -16.39
C GLN A 36 -8.06 -11.11 -16.81
N GLN A 37 -8.76 -11.73 -15.85
CA GLN A 37 -10.04 -12.41 -16.12
C GLN A 37 -11.03 -12.02 -15.02
N LYS A 38 -11.66 -10.86 -15.18
CA LYS A 38 -12.69 -10.44 -14.23
C LYS A 38 -13.86 -11.42 -14.27
N PRO A 39 -14.63 -11.51 -13.18
CA PRO A 39 -15.72 -12.50 -13.13
C PRO A 39 -16.72 -12.30 -14.26
N GLY A 40 -17.17 -13.42 -14.84
CA GLY A 40 -18.21 -13.41 -15.84
C GLY A 40 -17.77 -13.13 -17.26
N GLN A 41 -16.65 -12.45 -17.45
CA GLN A 41 -16.19 -12.08 -18.78
C GLN A 41 -14.94 -12.87 -19.17
N ALA A 42 -14.28 -12.41 -20.23
CA ALA A 42 -13.21 -13.13 -20.91
C ALA A 42 -11.85 -12.60 -20.49
N PRO A 43 -10.80 -13.42 -20.63
CA PRO A 43 -9.45 -12.94 -20.35
C PRO A 43 -9.02 -11.88 -21.36
N VAL A 44 -8.38 -10.83 -20.85
CA VAL A 44 -7.87 -9.74 -21.68
C VAL A 44 -6.37 -9.63 -21.43
N LEU A 45 -5.60 -9.53 -22.51
CA LEU A 45 -4.14 -9.44 -22.39
C LEU A 45 -3.76 -8.15 -21.70
N VAL A 46 -2.85 -8.25 -20.72
CA VAL A 46 -2.46 -7.13 -19.90
C VAL A 46 -0.96 -6.85 -19.99
N VAL A 47 -0.13 -7.89 -19.94
CA VAL A 47 1.32 -7.76 -20.10
C VAL A 47 1.79 -8.89 -21.00
N TYR A 48 2.56 -8.56 -22.03
CA TYR A 48 3.13 -9.53 -22.93
C TYR A 48 4.62 -9.32 -23.05
N ASP A 49 5.33 -10.38 -23.42
CA ASP A 49 6.77 -10.36 -23.63
C ASP A 49 7.49 -9.81 -22.39
N ASP A 50 7.35 -10.56 -21.29
CA ASP A 50 7.96 -10.23 -20.01
C ASP A 50 7.39 -8.96 -19.40
N SER A 51 7.58 -7.81 -20.04
CA SER A 51 7.28 -6.53 -19.42
C SER A 51 6.45 -5.57 -20.27
N ASP A 52 6.25 -5.83 -21.55
CA ASP A 52 5.57 -4.88 -22.41
C ASP A 52 4.05 -4.97 -22.23
N ARG A 53 3.38 -3.90 -22.64
CA ARG A 53 1.94 -3.75 -22.52
C ARG A 53 1.28 -3.66 -23.89
N PRO A 54 -0.01 -3.98 -23.99
CA PRO A 54 -0.77 -3.58 -25.17
C PRO A 54 -1.34 -2.19 -24.98
N SER A 55 -1.55 -1.51 -26.10
CA SER A 55 -2.10 -0.16 -26.06
C SER A 55 -3.50 -0.18 -25.45
N GLY A 56 -3.80 0.84 -24.64
CA GLY A 56 -5.05 0.90 -23.92
C GLY A 56 -5.04 0.21 -22.58
N ILE A 57 -3.97 -0.48 -22.23
CA ILE A 57 -3.82 -1.11 -20.91
C ILE A 57 -3.13 -0.10 -20.01
N PRO A 58 -3.61 0.08 -18.77
CA PRO A 58 -3.06 1.14 -17.91
C PRO A 58 -1.56 1.03 -17.73
N GLU A 59 -0.92 2.19 -17.58
CA GLU A 59 0.52 2.25 -17.33
C GLU A 59 0.90 1.53 -16.04
N ARG A 60 -0.04 1.35 -15.12
CA ARG A 60 0.24 0.71 -13.85
C ARG A 60 0.80 -0.69 -14.04
N PHE A 61 0.26 -1.43 -15.00
CA PHE A 61 0.64 -2.83 -15.18
C PHE A 61 2.03 -2.94 -15.79
N SER A 62 2.90 -3.69 -15.13
CA SER A 62 4.24 -3.94 -15.63
C SER A 62 4.65 -5.35 -15.24
N GLY A 63 5.39 -6.01 -16.12
CA GLY A 63 5.82 -7.37 -15.84
C GLY A 63 7.31 -7.48 -15.60
N SER A 64 7.75 -8.59 -15.01
CA SER A 64 9.16 -8.84 -14.79
C SER A 64 9.38 -10.34 -14.76
N ASN A 65 10.32 -10.82 -15.57
CA ASN A 65 10.63 -12.24 -15.70
C ASN A 65 12.10 -12.42 -15.33
N SER A 66 12.35 -12.87 -14.10
CA SER A 66 13.70 -12.91 -13.56
C SER A 66 14.47 -14.13 -14.04
N GLY A 67 14.70 -15.10 -13.15
CA GLY A 67 15.47 -16.28 -13.49
C GLY A 67 14.66 -17.55 -13.52
N ASN A 68 14.08 -17.92 -12.38
CA ASN A 68 13.23 -19.09 -12.27
C ASN A 68 11.79 -18.74 -11.92
N THR A 69 11.48 -17.46 -11.70
CA THR A 69 10.14 -17.02 -11.33
C THR A 69 9.85 -15.68 -11.98
N ALA A 70 8.74 -15.61 -12.71
CA ALA A 70 8.30 -14.38 -13.36
C ALA A 70 7.09 -13.82 -12.62
N THR A 71 7.03 -12.50 -12.48
CA THR A 71 6.00 -11.87 -11.67
C THR A 71 5.37 -10.69 -12.40
N LEU A 72 4.16 -10.35 -11.95
CA LEU A 72 3.35 -9.26 -12.52
C LEU A 72 3.21 -8.17 -11.48
N ILE A 73 3.61 -6.95 -11.83
CA ILE A 73 3.64 -5.82 -10.91
C ILE A 73 2.53 -4.86 -11.29
N ILE A 74 1.47 -4.82 -10.48
CA ILE A 74 0.34 -3.90 -10.69
C ILE A 74 0.53 -2.77 -9.69
N SER A 75 1.27 -1.74 -10.09
CA SER A 75 1.55 -0.63 -9.20
C SER A 75 0.32 0.23 -9.00
N ARG A 76 0.16 0.75 -7.77
CA ARG A 76 -1.04 1.49 -7.36
C ARG A 76 -2.30 0.69 -7.67
N VAL A 77 -2.57 -0.32 -6.84
CA VAL A 77 -3.71 -1.20 -7.07
C VAL A 77 -5.01 -0.44 -6.85
N GLU A 78 -5.98 -0.66 -7.74
CA GLU A 78 -7.29 -0.05 -7.64
C GLU A 78 -8.34 -1.13 -7.44
N ALA A 79 -9.53 -0.70 -6.99
CA ALA A 79 -10.61 -1.65 -6.76
C ALA A 79 -11.04 -2.34 -8.04
N GLY A 80 -10.87 -1.69 -9.19
CA GLY A 80 -11.28 -2.28 -10.45
C GLY A 80 -10.26 -3.25 -11.01
N ASP A 81 -9.26 -3.60 -10.20
CA ASP A 81 -8.26 -4.59 -10.58
C ASP A 81 -8.52 -5.95 -9.97
N GLU A 82 -9.59 -6.10 -9.19
CA GLU A 82 -9.97 -7.39 -8.63
C GLU A 82 -10.35 -8.35 -9.75
N ALA A 83 -9.61 -9.46 -9.88
CA ALA A 83 -9.87 -10.46 -10.91
C ALA A 83 -8.96 -11.66 -10.68
N ASP A 84 -9.08 -12.65 -11.56
CA ASP A 84 -8.11 -13.74 -11.64
C ASP A 84 -7.07 -13.41 -12.69
N TYR A 85 -5.81 -13.69 -12.39
CA TYR A 85 -4.70 -13.39 -13.28
C TYR A 85 -3.95 -14.69 -13.60
N TYR A 86 -3.84 -14.99 -14.88
CA TYR A 86 -3.16 -16.18 -15.37
C TYR A 86 -1.91 -15.80 -16.13
N CYS A 87 -0.86 -16.60 -15.98
CA CYS A 87 0.37 -16.46 -16.75
C CYS A 87 0.45 -17.58 -17.77
N GLN A 88 1.31 -17.39 -18.77
CA GLN A 88 1.38 -18.36 -19.85
C GLN A 88 2.66 -18.17 -20.65
N VAL A 89 3.30 -19.28 -21.02
CA VAL A 89 4.42 -19.30 -21.94
C VAL A 89 4.14 -20.36 -23.00
N TRP A 90 5.02 -20.44 -23.99
CA TRP A 90 4.94 -21.45 -25.04
C TRP A 90 5.98 -22.53 -24.75
N ASP A 91 5.52 -23.72 -24.39
CA ASP A 91 6.41 -24.82 -24.09
C ASP A 91 6.83 -25.51 -25.38
N SER A 92 8.14 -25.51 -25.66
CA SER A 92 8.65 -26.17 -26.84
C SER A 92 8.88 -27.66 -26.65
N SER A 93 8.88 -28.13 -25.39
CA SER A 93 9.11 -29.56 -25.14
C SER A 93 7.97 -30.41 -25.67
N SER A 94 6.73 -29.98 -25.44
CA SER A 94 5.55 -30.66 -25.96
C SER A 94 4.83 -29.84 -27.02
N VAL A 95 5.39 -28.71 -27.42
CA VAL A 95 4.80 -27.79 -28.39
C VAL A 95 3.38 -27.46 -27.95
N HIS A 96 3.24 -27.09 -26.67
CA HIS A 96 1.95 -26.76 -26.08
C HIS A 96 1.96 -25.31 -25.59
N TYR A 97 0.81 -24.88 -25.07
CA TYR A 97 0.64 -23.54 -24.50
C TYR A 97 0.14 -23.74 -23.08
N VAL A 98 1.05 -23.66 -22.11
CA VAL A 98 0.72 -23.94 -20.72
C VAL A 98 0.27 -22.65 -20.03
N PHE A 99 -0.86 -22.73 -19.33
CA PHE A 99 -1.36 -21.63 -18.52
C PHE A 99 -1.04 -21.88 -17.05
N GLY A 100 -0.95 -20.80 -16.29
CA GLY A 100 -0.73 -20.89 -14.86
C GLY A 100 -1.95 -21.42 -14.13
N THR A 101 -1.80 -21.52 -12.81
CA THR A 101 -2.88 -22.02 -11.97
C THR A 101 -3.95 -20.95 -11.70
N GLY A 102 -3.62 -19.69 -11.90
CA GLY A 102 -4.56 -18.62 -11.63
C GLY A 102 -4.41 -18.07 -10.23
N THR A 103 -4.65 -16.76 -10.11
CA THR A 103 -4.46 -16.05 -8.84
C THR A 103 -5.60 -15.06 -8.67
N LYS A 104 -6.49 -15.32 -7.72
CA LYS A 104 -7.55 -14.39 -7.39
C LYS A 104 -6.95 -13.24 -6.57
N LEU A 105 -6.87 -12.06 -7.19
CA LEU A 105 -6.39 -10.87 -6.51
C LEU A 105 -7.57 -10.18 -5.84
N THR A 106 -7.52 -10.06 -4.52
CA THR A 106 -8.61 -9.46 -3.74
C THR A 106 -8.15 -8.09 -3.24
N VAL A 107 -8.71 -7.02 -3.83
CA VAL A 107 -8.53 -5.70 -3.26
C VAL A 107 -9.41 -5.57 -2.03
N LEU A 108 -8.83 -5.05 -0.95
CA LEU A 108 -9.51 -5.04 0.34
C LEU A 108 -10.51 -3.90 0.41
N GLY A 109 -10.32 -2.97 1.35
CA GLY A 109 -11.14 -1.77 1.39
C GLY A 109 -12.61 -2.00 1.69
N GLN A 110 -12.93 -3.09 2.39
CA GLN A 110 -14.30 -3.29 2.85
C GLN A 110 -14.30 -4.10 4.15
N PRO A 111 -14.82 -3.53 5.23
CA PRO A 111 -14.77 -4.22 6.53
C PRO A 111 -15.52 -5.55 6.50
N LYS A 112 -15.11 -6.44 7.41
CA LYS A 112 -15.71 -7.77 7.51
C LYS A 112 -17.20 -7.67 7.79
N ALA A 113 -17.99 -8.49 7.09
CA ALA A 113 -19.44 -8.48 7.21
C ALA A 113 -19.95 -9.85 7.65
N ALA A 114 -21.07 -9.84 8.36
CA ALA A 114 -21.68 -11.03 8.96
C ALA A 114 -22.88 -11.50 8.13
N PRO A 115 -23.01 -12.81 7.98
CA PRO A 115 -24.11 -13.36 7.17
C PRO A 115 -25.48 -13.16 7.84
N SER A 116 -26.51 -13.29 7.01
CA SER A 116 -27.90 -13.36 7.45
C SER A 116 -28.46 -14.68 6.92
N VAL A 117 -28.67 -15.64 7.82
CA VAL A 117 -28.81 -17.05 7.44
C VAL A 117 -30.23 -17.58 7.65
N THR A 118 -31.19 -17.01 6.90
CA THR A 118 -32.59 -17.40 7.04
C THR A 118 -32.79 -18.88 6.71
N LEU A 119 -33.76 -19.51 7.39
CA LEU A 119 -34.09 -20.92 7.23
C LEU A 119 -35.54 -21.07 6.79
N PHE A 120 -35.80 -22.10 5.97
CA PHE A 120 -37.15 -22.47 5.54
C PHE A 120 -37.39 -23.96 5.73
N PRO A 121 -38.45 -24.33 6.46
CA PRO A 121 -38.85 -25.74 6.53
C PRO A 121 -39.34 -26.25 5.19
N PRO A 122 -39.63 -27.54 5.07
CA PRO A 122 -40.33 -28.03 3.87
C PRO A 122 -41.78 -27.55 3.85
N SER A 123 -42.32 -27.45 2.64
CA SER A 123 -43.66 -26.92 2.46
C SER A 123 -44.71 -27.95 2.86
N SER A 124 -45.89 -27.45 3.24
CA SER A 124 -47.05 -28.32 3.40
C SER A 124 -47.42 -28.97 2.08
N GLU A 125 -47.15 -28.29 0.97
CA GLU A 125 -47.37 -28.85 -0.36
C GLU A 125 -46.19 -29.69 -0.83
N GLU A 126 -45.00 -29.44 -0.29
CA GLU A 126 -43.86 -30.31 -0.60
C GLU A 126 -44.01 -31.68 0.05
N LEU A 127 -44.54 -31.72 1.27
CA LEU A 127 -44.84 -32.99 1.90
C LEU A 127 -45.98 -33.71 1.19
N GLN A 128 -46.93 -32.95 0.64
CA GLN A 128 -47.98 -33.55 -0.18
C GLN A 128 -47.40 -34.17 -1.44
N ALA A 129 -46.25 -33.66 -1.90
CA ALA A 129 -45.54 -34.23 -3.03
C ALA A 129 -44.53 -35.29 -2.62
N ASN A 130 -44.61 -35.78 -1.37
CA ASN A 130 -43.78 -36.89 -0.90
C ASN A 130 -42.30 -36.54 -0.89
N LYS A 131 -41.98 -35.33 -0.42
CA LYS A 131 -40.59 -34.90 -0.28
C LYS A 131 -40.50 -33.83 0.79
N ALA A 132 -39.26 -33.45 1.11
CA ALA A 132 -39.00 -32.46 2.16
C ALA A 132 -37.58 -31.94 1.97
N THR A 133 -37.44 -30.67 1.61
CA THR A 133 -36.14 -30.07 1.35
C THR A 133 -35.96 -28.83 2.20
N LEU A 134 -34.83 -28.74 2.91
CA LEU A 134 -34.50 -27.61 3.75
C LEU A 134 -33.76 -26.55 2.93
N VAL A 135 -33.96 -25.28 3.32
CA VAL A 135 -33.43 -24.15 2.57
C VAL A 135 -32.57 -23.31 3.51
N CYS A 136 -31.32 -23.08 3.11
CA CYS A 136 -30.39 -22.20 3.84
C CYS A 136 -29.91 -21.11 2.88
N LEU A 137 -30.22 -19.86 3.22
CA LEU A 137 -29.95 -18.73 2.35
C LEU A 137 -29.05 -17.74 3.07
N ILE A 138 -27.89 -17.47 2.50
CA ILE A 138 -26.88 -16.60 3.10
C ILE A 138 -26.70 -15.39 2.19
N SER A 139 -26.66 -14.21 2.80
CA SER A 139 -26.49 -12.98 2.02
C SER A 139 -25.91 -11.90 2.92
N ASP A 140 -25.32 -10.88 2.27
CA ASP A 140 -24.80 -9.69 2.94
C ASP A 140 -23.62 -10.00 3.85
N PHE A 141 -22.68 -10.80 3.36
CA PHE A 141 -21.46 -11.11 4.08
C PHE A 141 -20.25 -10.91 3.17
N TYR A 142 -19.15 -10.46 3.76
CA TYR A 142 -17.90 -10.28 3.01
C TYR A 142 -16.98 -11.46 3.34
N PRO A 143 -15.63 -11.28 3.48
CA PRO A 143 -14.69 -12.30 2.96
C PRO A 143 -15.32 -13.46 2.20
N GLY A 144 -15.25 -13.41 0.87
CA GLY A 144 -15.84 -14.43 0.03
C GLY A 144 -15.42 -15.86 0.32
N ALA A 145 -15.66 -16.31 1.55
CA ALA A 145 -15.32 -17.67 1.98
C ALA A 145 -16.16 -17.99 3.19
N VAL A 146 -16.94 -19.07 3.11
CA VAL A 146 -17.85 -19.44 4.18
C VAL A 146 -17.94 -20.96 4.23
N THR A 147 -18.00 -21.50 5.45
CA THR A 147 -18.08 -22.93 5.68
C THR A 147 -19.46 -23.26 6.25
N VAL A 148 -20.10 -24.29 5.68
CA VAL A 148 -21.46 -24.66 6.03
C VAL A 148 -21.45 -26.03 6.70
N ALA A 149 -22.26 -26.19 7.73
CA ALA A 149 -22.47 -27.46 8.40
C ALA A 149 -23.89 -27.50 8.95
N TRP A 150 -24.57 -28.63 8.75
CA TRP A 150 -25.96 -28.76 9.13
C TRP A 150 -26.11 -29.54 10.43
N LYS A 151 -27.21 -29.30 11.12
CA LYS A 151 -27.53 -30.04 12.34
C LYS A 151 -29.01 -30.35 12.38
N ALA A 152 -29.35 -31.64 12.45
CA ALA A 152 -30.70 -32.09 12.74
C ALA A 152 -30.84 -32.25 14.24
N ASP A 153 -31.92 -31.70 14.80
CA ASP A 153 -32.04 -31.56 16.24
C ASP A 153 -30.80 -30.86 16.79
N SER A 154 -29.90 -31.64 17.39
CA SER A 154 -28.57 -31.15 17.73
C SER A 154 -27.51 -32.22 17.48
N SER A 155 -27.84 -33.27 16.73
CA SER A 155 -27.03 -34.40 16.33
C SER A 155 -26.45 -34.18 14.93
N PRO A 156 -25.16 -34.51 14.75
CA PRO A 156 -24.47 -34.18 13.50
C PRO A 156 -25.11 -34.87 12.30
N VAL A 157 -24.85 -34.29 11.14
CA VAL A 157 -25.46 -34.71 9.88
C VAL A 157 -24.44 -34.63 8.77
N LYS A 158 -24.46 -35.61 7.88
CA LYS A 158 -23.76 -35.52 6.60
C LYS A 158 -24.44 -36.37 5.53
N ALA A 159 -25.61 -35.92 5.03
CA ALA A 159 -26.36 -36.65 4.03
C ALA A 159 -27.45 -35.78 3.42
N GLY A 160 -27.49 -35.67 2.10
CA GLY A 160 -28.55 -34.95 1.41
C GLY A 160 -28.42 -33.45 1.35
N VAL A 161 -27.24 -32.90 1.66
CA VAL A 161 -27.02 -31.46 1.67
C VAL A 161 -26.27 -31.05 0.42
N GLU A 162 -26.78 -30.05 -0.29
CA GLU A 162 -26.11 -29.46 -1.44
C GLU A 162 -25.98 -27.97 -1.21
N THR A 163 -24.82 -27.41 -1.57
CA THR A 163 -24.52 -26.01 -1.29
C THR A 163 -23.80 -25.41 -2.50
N THR A 164 -24.27 -24.24 -2.92
CA THR A 164 -23.66 -23.53 -4.04
C THR A 164 -22.50 -22.66 -3.55
N THR A 165 -21.71 -22.15 -4.51
CA THR A 165 -20.56 -21.31 -4.24
C THR A 165 -20.98 -19.85 -4.13
N PRO A 166 -20.25 -19.06 -3.33
CA PRO A 166 -20.66 -17.65 -3.10
C PRO A 166 -20.67 -16.84 -4.38
N SER A 167 -21.44 -15.75 -4.33
CA SER A 167 -21.63 -14.89 -5.50
C SER A 167 -21.79 -13.45 -5.04
N LYS A 168 -21.22 -12.52 -5.79
CA LYS A 168 -21.39 -11.11 -5.52
C LYS A 168 -22.84 -10.70 -5.77
N GLN A 169 -23.32 -9.76 -4.96
CA GLN A 169 -24.71 -9.33 -4.99
C GLN A 169 -24.87 -8.07 -5.83
N SER A 170 -26.02 -7.41 -5.70
CA SER A 170 -26.12 -6.00 -6.09
C SER A 170 -25.16 -5.17 -5.24
N ASN A 171 -25.11 -5.45 -3.95
CA ASN A 171 -24.02 -5.00 -3.11
C ASN A 171 -22.72 -5.70 -3.52
N ASN A 172 -21.60 -5.20 -3.01
CA ASN A 172 -20.33 -5.89 -3.19
C ASN A 172 -20.05 -6.88 -2.06
N LYS A 173 -21.09 -7.33 -1.38
CA LYS A 173 -21.00 -8.42 -0.41
C LYS A 173 -21.48 -9.71 -1.05
N TYR A 174 -20.98 -10.83 -0.56
CA TYR A 174 -21.21 -12.10 -1.23
C TYR A 174 -22.53 -12.72 -0.77
N ALA A 175 -22.90 -13.82 -1.44
CA ALA A 175 -24.15 -14.51 -1.14
C ALA A 175 -24.06 -15.94 -1.65
N ALA A 176 -24.66 -16.87 -0.91
CA ALA A 176 -24.66 -18.27 -1.29
C ALA A 176 -25.91 -18.94 -0.72
N SER A 177 -26.20 -20.13 -1.24
CA SER A 177 -27.37 -20.90 -0.86
C SER A 177 -26.98 -22.33 -0.53
N SER A 178 -27.71 -22.93 0.40
CA SER A 178 -27.46 -24.29 0.83
C SER A 178 -28.79 -25.02 0.99
N TYR A 179 -28.89 -26.22 0.42
CA TYR A 179 -30.10 -27.00 0.42
C TYR A 179 -29.88 -28.33 1.12
N LEU A 180 -30.98 -28.94 1.56
CA LEU A 180 -30.92 -30.23 2.25
C LEU A 180 -32.20 -31.00 1.92
N SER A 181 -32.07 -32.08 1.16
CA SER A 181 -33.20 -32.95 0.87
C SER A 181 -33.30 -34.01 1.97
N LEU A 182 -34.53 -34.26 2.42
CA LEU A 182 -34.79 -35.13 3.56
C LEU A 182 -35.88 -36.13 3.22
N THR A 183 -36.16 -37.01 4.18
CA THR A 183 -37.31 -37.89 4.21
C THR A 183 -38.33 -37.38 5.22
N PRO A 184 -39.63 -37.41 4.89
CA PRO A 184 -40.61 -36.74 5.75
C PRO A 184 -40.71 -37.30 7.16
N GLU A 185 -40.43 -38.59 7.36
CA GLU A 185 -40.55 -39.15 8.70
C GLU A 185 -39.44 -38.64 9.61
N GLN A 186 -38.26 -38.36 9.06
CA GLN A 186 -37.20 -37.74 9.84
C GLN A 186 -37.48 -36.28 10.14
N TRP A 187 -38.34 -35.64 9.35
CA TRP A 187 -38.56 -34.21 9.48
C TRP A 187 -39.39 -33.89 10.73
N LYS A 188 -40.42 -34.68 11.00
CA LYS A 188 -41.26 -34.47 12.18
C LYS A 188 -40.85 -35.35 13.36
N SER A 189 -39.88 -36.25 13.17
CA SER A 189 -39.34 -36.99 14.30
C SER A 189 -38.32 -36.16 15.07
N HIS A 190 -37.39 -35.53 14.36
CA HIS A 190 -36.48 -34.59 14.98
C HIS A 190 -37.23 -33.29 15.31
N ARG A 191 -36.96 -32.76 16.50
CA ARG A 191 -37.80 -31.68 17.03
C ARG A 191 -37.62 -30.38 16.25
N SER A 192 -36.38 -30.07 15.83
CA SER A 192 -36.14 -28.81 15.16
C SER A 192 -34.92 -28.94 14.25
N TYR A 193 -34.93 -28.16 13.17
CA TYR A 193 -33.81 -28.07 12.25
C TYR A 193 -33.24 -26.65 12.28
N SER A 194 -31.92 -26.55 12.14
CA SER A 194 -31.24 -25.28 12.30
C SER A 194 -30.11 -25.14 11.29
N CYS A 195 -29.86 -23.91 10.86
CA CYS A 195 -28.77 -23.58 9.96
C CYS A 195 -27.57 -23.12 10.78
N GLN A 196 -26.44 -23.81 10.62
CA GLN A 196 -25.19 -23.44 11.28
C GLN A 196 -24.20 -23.02 10.20
N VAL A 197 -23.89 -21.74 10.13
CA VAL A 197 -23.07 -21.17 9.05
C VAL A 197 -21.91 -20.41 9.67
N THR A 198 -20.68 -20.87 9.40
CA THR A 198 -19.48 -20.30 9.97
C THR A 198 -18.77 -19.45 8.92
N HIS A 199 -18.56 -18.17 9.23
CA HIS A 199 -17.87 -17.24 8.34
C HIS A 199 -16.76 -16.56 9.13
N GLU A 200 -15.51 -16.76 8.71
CA GLU A 200 -14.32 -16.22 9.37
C GLU A 200 -14.20 -16.69 10.82
N GLY A 201 -14.93 -17.73 11.20
CA GLY A 201 -14.97 -18.14 12.59
C GLY A 201 -16.08 -17.52 13.39
N SER A 202 -17.22 -17.22 12.75
CA SER A 202 -18.37 -16.62 13.40
C SER A 202 -19.62 -17.33 12.92
N THR A 203 -20.35 -17.95 13.84
CA THR A 203 -21.48 -18.81 13.52
C THR A 203 -22.80 -18.15 13.92
N VAL A 204 -23.74 -18.11 12.97
CA VAL A 204 -25.09 -17.59 13.21
C VAL A 204 -26.08 -18.71 12.91
N GLU A 205 -27.17 -18.76 13.67
CA GLU A 205 -28.12 -19.85 13.53
C GLU A 205 -29.55 -19.35 13.53
N LYS A 206 -30.42 -20.12 12.89
CA LYS A 206 -31.87 -19.93 12.89
C LYS A 206 -32.53 -21.26 13.22
N THR A 207 -33.68 -21.20 13.90
CA THR A 207 -34.35 -22.41 14.36
C THR A 207 -35.84 -22.35 14.04
N VAL A 208 -36.42 -23.51 13.78
CA VAL A 208 -37.86 -23.64 13.53
C VAL A 208 -38.30 -25.02 13.98
N ALA A 209 -39.58 -25.11 14.36
CA ALA A 209 -40.21 -26.37 14.73
C ALA A 209 -41.41 -26.62 13.81
N PRO A 210 -41.73 -27.88 13.55
CA PRO A 210 -42.83 -28.20 12.63
C PRO A 210 -44.13 -27.51 13.04
N THR A 211 -44.79 -26.91 12.05
CA THR A 211 -46.04 -26.14 12.19
C THR A 211 -46.15 -25.38 13.51
N GLU B 1 -11.26 -1.85 -34.72
CA GLU B 1 -11.27 -2.98 -33.80
C GLU B 1 -11.55 -4.30 -34.52
N VAL B 2 -10.82 -5.34 -34.14
CA VAL B 2 -10.98 -6.68 -34.69
C VAL B 2 -11.63 -7.53 -33.59
N GLN B 3 -12.86 -7.97 -33.84
CA GLN B 3 -13.63 -8.66 -32.82
C GLN B 3 -13.68 -10.16 -33.06
N LEU B 4 -13.86 -10.90 -31.98
CA LEU B 4 -14.10 -12.33 -31.99
C LEU B 4 -15.43 -12.58 -31.30
N VAL B 5 -16.45 -12.98 -32.08
CA VAL B 5 -17.77 -13.30 -31.55
C VAL B 5 -17.98 -14.80 -31.69
N GLN B 6 -18.45 -15.42 -30.60
CA GLN B 6 -18.62 -16.86 -30.56
C GLN B 6 -20.09 -17.24 -30.57
N SER B 7 -20.34 -18.52 -30.81
CA SER B 7 -21.69 -19.05 -30.77
C SER B 7 -22.23 -19.00 -29.34
N GLY B 8 -23.55 -19.03 -29.23
CA GLY B 8 -24.19 -19.01 -27.93
C GLY B 8 -24.00 -20.32 -27.19
N ALA B 9 -24.50 -20.33 -25.95
CA ALA B 9 -24.36 -21.50 -25.10
C ALA B 9 -25.09 -22.70 -25.69
N GLU B 10 -24.48 -23.87 -25.59
CA GLU B 10 -25.03 -25.11 -26.09
C GLU B 10 -25.24 -26.08 -24.94
N VAL B 11 -26.29 -26.90 -25.05
CA VAL B 11 -26.62 -27.90 -24.05
C VAL B 11 -26.62 -29.26 -24.74
N LYS B 12 -25.66 -30.11 -24.37
CA LYS B 12 -25.48 -31.41 -24.98
C LYS B 12 -25.62 -32.50 -23.93
N LYS B 13 -25.78 -33.74 -24.41
CA LYS B 13 -25.89 -34.91 -23.56
C LYS B 13 -24.68 -35.82 -23.81
N PRO B 14 -24.19 -36.50 -22.77
CA PRO B 14 -22.88 -37.15 -22.86
C PRO B 14 -22.81 -38.18 -23.98
N GLY B 15 -21.72 -38.14 -24.74
CA GLY B 15 -21.52 -39.01 -25.87
C GLY B 15 -21.80 -38.37 -27.21
N SER B 16 -22.13 -37.09 -27.25
CA SER B 16 -22.47 -36.40 -28.48
C SER B 16 -21.27 -35.62 -29.02
N SER B 17 -21.54 -34.72 -29.96
CA SER B 17 -20.53 -33.80 -30.46
C SER B 17 -21.09 -32.38 -30.34
N VAL B 18 -20.18 -31.40 -30.33
CA VAL B 18 -20.55 -30.00 -30.23
C VAL B 18 -19.60 -29.17 -31.08
N ARG B 19 -20.15 -28.33 -31.94
CA ARG B 19 -19.37 -27.41 -32.75
C ARG B 19 -19.58 -25.99 -32.23
N VAL B 20 -18.47 -25.27 -32.07
CA VAL B 20 -18.50 -23.89 -31.58
C VAL B 20 -17.77 -23.03 -32.60
N SER B 21 -18.45 -22.00 -33.10
CA SER B 21 -17.88 -21.09 -34.08
C SER B 21 -17.30 -19.86 -33.38
N CYS B 22 -16.38 -19.20 -34.08
CA CYS B 22 -15.72 -18.02 -33.54
C CYS B 22 -15.34 -17.15 -34.73
N LYS B 23 -16.17 -16.15 -35.03
CA LYS B 23 -16.00 -15.35 -36.23
C LYS B 23 -15.07 -14.18 -35.99
N VAL B 24 -14.18 -13.94 -36.95
CA VAL B 24 -13.31 -12.77 -36.97
C VAL B 24 -13.95 -11.72 -37.86
N SER B 25 -13.80 -10.46 -37.49
CA SER B 25 -14.35 -9.35 -38.25
C SER B 25 -13.25 -8.61 -38.98
N GLY B 26 -13.57 -8.11 -40.15
CA GLY B 26 -12.71 -7.13 -40.82
C GLY B 26 -11.72 -7.78 -41.79
N TYR B 27 -10.45 -7.78 -41.42
CA TYR B 27 -9.33 -7.96 -42.35
C TYR B 27 -9.31 -9.33 -43.02
N THR B 28 -8.36 -9.52 -43.94
CA THR B 28 -8.16 -10.80 -44.62
C THR B 28 -7.91 -11.89 -43.58
N PHE B 29 -8.97 -12.64 -43.26
CA PHE B 29 -8.98 -13.63 -42.20
C PHE B 29 -7.69 -14.44 -42.10
N THR B 30 -7.14 -14.87 -43.22
CA THR B 30 -5.94 -15.71 -43.21
C THR B 30 -4.68 -14.88 -43.07
N GLY B 31 -4.67 -13.94 -42.13
CA GLY B 31 -3.48 -13.16 -41.86
C GLY B 31 -2.67 -13.74 -40.73
N TYR B 32 -3.29 -13.86 -39.56
CA TYR B 32 -2.63 -14.32 -38.34
C TYR B 32 -3.51 -15.36 -37.67
N TYR B 33 -2.92 -16.49 -37.28
CA TYR B 33 -3.72 -17.63 -36.85
C TYR B 33 -4.15 -17.50 -35.40
N MET B 34 -5.17 -18.29 -35.04
CA MET B 34 -5.82 -18.22 -33.74
C MET B 34 -5.98 -19.62 -33.15
N HIS B 35 -6.23 -19.66 -31.84
CA HIS B 35 -6.28 -20.91 -31.09
C HIS B 35 -7.57 -20.98 -30.27
N TRP B 36 -7.70 -22.06 -29.50
CA TRP B 36 -8.87 -22.32 -28.68
C TRP B 36 -8.43 -22.65 -27.26
N VAL B 37 -9.30 -22.35 -26.29
CA VAL B 37 -8.99 -22.53 -24.87
C VAL B 37 -10.24 -23.00 -24.14
N ARG B 38 -10.10 -24.06 -23.36
CA ARG B 38 -11.15 -24.55 -22.46
C ARG B 38 -10.95 -23.97 -21.07
N GLN B 39 -12.05 -23.84 -20.33
CA GLN B 39 -11.97 -23.40 -18.93
C GLN B 39 -13.15 -24.01 -18.19
N ALA B 40 -12.92 -25.12 -17.50
CA ALA B 40 -13.95 -25.77 -16.70
C ALA B 40 -14.35 -24.86 -15.54
N PRO B 41 -15.56 -25.04 -15.00
CA PRO B 41 -16.06 -24.10 -13.99
C PRO B 41 -15.13 -23.98 -12.80
N GLY B 42 -14.91 -22.73 -12.37
CA GLY B 42 -14.10 -22.44 -11.21
C GLY B 42 -12.61 -22.65 -11.41
N GLN B 43 -12.25 -23.51 -12.36
CA GLN B 43 -10.87 -23.87 -12.58
C GLN B 43 -10.22 -22.89 -13.55
N GLY B 44 -9.04 -23.24 -14.07
CA GLY B 44 -8.22 -22.31 -14.82
C GLY B 44 -8.23 -22.57 -16.32
N LEU B 45 -7.41 -21.79 -17.01
CA LEU B 45 -7.32 -21.88 -18.46
C LEU B 45 -6.64 -23.17 -18.90
N GLU B 46 -7.14 -23.75 -19.99
CA GLU B 46 -6.54 -24.94 -20.59
C GLU B 46 -6.47 -24.75 -22.10
N TRP B 47 -5.28 -24.91 -22.67
CA TRP B 47 -5.09 -24.80 -24.10
C TRP B 47 -5.56 -26.06 -24.81
N MET B 48 -6.28 -25.88 -25.92
CA MET B 48 -6.85 -27.00 -26.66
C MET B 48 -6.18 -27.25 -28.00
N GLY B 49 -5.87 -26.23 -28.77
CA GLY B 49 -5.22 -26.45 -30.05
C GLY B 49 -5.11 -25.17 -30.86
N ILE B 50 -4.62 -25.34 -32.09
CA ILE B 50 -4.43 -24.27 -33.05
C ILE B 50 -5.02 -24.70 -34.40
N ILE B 51 -5.51 -23.72 -35.15
CA ILE B 51 -5.73 -23.86 -36.59
C ILE B 51 -5.18 -22.61 -37.27
N ASN B 52 -4.59 -22.80 -38.44
CA ASN B 52 -4.15 -21.69 -39.26
C ASN B 52 -5.22 -21.37 -40.29
N PRO B 53 -5.83 -20.19 -40.24
CA PRO B 53 -6.82 -19.81 -41.27
C PRO B 53 -6.35 -20.06 -42.68
N SER B 54 -5.10 -19.76 -43.00
CA SER B 54 -4.55 -20.04 -44.31
C SER B 54 -4.32 -21.54 -44.47
N GLY B 55 -3.10 -22.00 -44.19
CA GLY B 55 -2.81 -23.42 -44.22
C GLY B 55 -3.61 -24.17 -43.18
N GLY B 56 -4.76 -24.70 -43.56
CA GLY B 56 -5.73 -25.26 -42.64
C GLY B 56 -5.26 -26.38 -41.73
N SER B 57 -3.94 -26.60 -41.66
CA SER B 57 -3.40 -27.61 -40.76
C SER B 57 -3.70 -27.24 -39.31
N THR B 58 -3.84 -28.26 -38.47
CA THR B 58 -4.18 -28.09 -37.07
C THR B 58 -3.08 -28.64 -36.18
N SER B 59 -3.14 -28.27 -34.90
CA SER B 59 -2.16 -28.72 -33.92
C SER B 59 -2.82 -28.63 -32.55
N TYR B 60 -3.05 -29.77 -31.91
CA TYR B 60 -3.86 -29.85 -30.70
C TYR B 60 -2.99 -30.14 -29.48
N ALA B 61 -3.64 -30.11 -28.32
CA ALA B 61 -3.05 -30.59 -27.08
C ALA B 61 -3.28 -32.09 -26.95
N GLN B 62 -2.47 -32.72 -26.10
CA GLN B 62 -2.51 -34.19 -26.00
C GLN B 62 -3.79 -34.67 -25.34
N LYS B 63 -4.33 -33.93 -24.37
CA LYS B 63 -5.52 -34.36 -23.67
C LYS B 63 -6.72 -34.47 -24.62
N PHE B 64 -6.90 -33.48 -25.49
CA PHE B 64 -7.98 -33.49 -26.46
C PHE B 64 -7.54 -33.98 -27.83
N GLN B 65 -6.36 -34.60 -27.91
CA GLN B 65 -5.86 -35.12 -29.17
C GLN B 65 -6.76 -36.25 -29.67
N GLY B 66 -7.20 -36.14 -30.93
CA GLY B 66 -8.03 -37.13 -31.55
C GLY B 66 -9.52 -36.95 -31.33
N ARG B 67 -9.90 -36.31 -30.22
CA ARG B 67 -11.31 -36.07 -29.92
C ARG B 67 -11.74 -34.64 -30.21
N VAL B 68 -10.85 -33.82 -30.77
CA VAL B 68 -11.17 -32.44 -31.12
C VAL B 68 -10.90 -32.24 -32.61
N THR B 69 -11.85 -31.61 -33.29
CA THR B 69 -11.75 -31.30 -34.71
C THR B 69 -11.84 -29.78 -34.90
N MET B 70 -10.85 -29.22 -35.58
CA MET B 70 -10.78 -27.78 -35.84
C MET B 70 -10.82 -27.54 -37.34
N THR B 71 -11.77 -26.71 -37.78
CA THR B 71 -11.92 -26.34 -39.18
C THR B 71 -12.03 -24.84 -39.29
N ARG B 72 -11.82 -24.32 -40.50
CA ARG B 72 -11.99 -22.89 -40.76
C ARG B 72 -12.64 -22.70 -42.13
N ASP B 73 -13.35 -21.58 -42.28
CA ASP B 73 -14.05 -21.24 -43.50
C ASP B 73 -13.52 -19.89 -43.98
N THR B 74 -12.79 -19.90 -45.10
CA THR B 74 -12.17 -18.68 -45.61
C THR B 74 -13.21 -17.65 -46.03
N SER B 75 -14.36 -18.10 -46.52
CA SER B 75 -15.35 -17.17 -47.08
C SER B 75 -15.97 -16.30 -46.00
N THR B 76 -16.37 -16.89 -44.88
CA THR B 76 -17.08 -16.17 -43.83
C THR B 76 -16.19 -15.81 -42.65
N SER B 77 -14.88 -16.08 -42.74
CA SER B 77 -13.89 -15.58 -41.78
C SER B 77 -14.16 -16.11 -40.37
N THR B 78 -14.23 -17.43 -40.24
CA THR B 78 -14.53 -18.07 -38.96
C THR B 78 -13.61 -19.26 -38.73
N VAL B 79 -13.60 -19.71 -37.47
CA VAL B 79 -12.94 -20.95 -37.08
C VAL B 79 -13.95 -21.79 -36.32
N TYR B 80 -13.81 -23.11 -36.41
CA TYR B 80 -14.75 -24.02 -35.78
C TYR B 80 -14.02 -24.95 -34.82
N MET B 81 -14.78 -25.48 -33.86
CA MET B 81 -14.23 -26.30 -32.78
C MET B 81 -15.22 -27.41 -32.49
N GLU B 82 -14.80 -28.65 -32.67
CA GLU B 82 -15.66 -29.81 -32.45
C GLU B 82 -15.03 -30.74 -31.43
N LEU B 83 -15.74 -31.00 -30.35
CA LEU B 83 -15.38 -32.04 -29.40
C LEU B 83 -16.07 -33.35 -29.78
N SER B 84 -15.31 -34.43 -29.85
CA SER B 84 -15.84 -35.75 -30.13
C SER B 84 -15.89 -36.57 -28.85
N SER B 85 -16.87 -37.48 -28.79
CA SER B 85 -17.10 -38.32 -27.62
C SER B 85 -17.25 -37.46 -26.37
N LEU B 86 -18.30 -36.63 -26.37
CA LEU B 86 -18.52 -35.67 -25.31
C LEU B 86 -18.71 -36.36 -23.96
N ARG B 87 -17.96 -35.91 -22.96
CA ARG B 87 -18.01 -36.46 -21.62
C ARG B 87 -18.45 -35.40 -20.62
N SER B 88 -18.93 -35.86 -19.47
CA SER B 88 -19.54 -34.95 -18.51
C SER B 88 -18.53 -33.97 -17.94
N GLU B 89 -17.25 -34.35 -17.95
CA GLU B 89 -16.20 -33.48 -17.44
C GLU B 89 -15.79 -32.41 -18.44
N ASP B 90 -16.47 -32.31 -19.57
CA ASP B 90 -16.17 -31.30 -20.59
C ASP B 90 -17.06 -30.08 -20.47
N THR B 91 -17.99 -30.07 -19.51
CA THR B 91 -18.78 -28.88 -19.21
C THR B 91 -17.86 -27.72 -18.87
N ALA B 92 -17.84 -26.68 -19.70
CA ALA B 92 -16.88 -25.60 -19.54
C ALA B 92 -17.31 -24.42 -20.39
N VAL B 93 -16.52 -23.35 -20.33
CA VAL B 93 -16.63 -22.22 -21.24
C VAL B 93 -15.45 -22.30 -22.20
N TYR B 94 -15.74 -22.32 -23.49
CA TYR B 94 -14.74 -22.55 -24.52
C TYR B 94 -14.44 -21.24 -25.24
N TYR B 95 -13.26 -20.69 -24.96
CA TYR B 95 -12.84 -19.43 -25.57
C TYR B 95 -12.03 -19.68 -26.84
N CYS B 96 -12.05 -18.69 -27.72
CA CYS B 96 -11.15 -18.62 -28.87
C CYS B 96 -10.32 -17.36 -28.74
N ALA B 97 -9.16 -17.36 -29.39
CA ALA B 97 -8.23 -16.24 -29.23
C ALA B 97 -7.22 -16.25 -30.36
N THR B 98 -6.94 -15.07 -30.90
CA THR B 98 -5.99 -14.90 -31.99
C THR B 98 -4.65 -14.37 -31.47
N VAL B 99 -3.58 -14.83 -32.11
CA VAL B 99 -2.26 -14.27 -31.92
C VAL B 99 -1.81 -13.70 -33.25
N ARG B 100 -1.23 -12.51 -33.23
CA ARG B 100 -0.87 -11.79 -34.44
C ARG B 100 0.58 -12.04 -34.79
N VAL B 101 0.84 -12.40 -36.05
CA VAL B 101 2.18 -12.70 -36.54
C VAL B 101 3.05 -11.45 -36.41
N GLY B 102 3.93 -11.46 -35.41
CA GLY B 102 4.79 -10.32 -35.16
C GLY B 102 4.77 -9.88 -33.71
N ALA B 103 3.74 -9.10 -33.35
CA ALA B 103 3.57 -8.58 -31.99
C ALA B 103 2.30 -9.20 -31.40
N SER B 104 2.46 -10.31 -30.67
CA SER B 104 3.77 -10.92 -30.44
C SER B 104 3.65 -12.43 -30.35
N ASP B 105 3.44 -12.91 -29.12
CA ASP B 105 3.29 -14.34 -28.84
C ASP B 105 2.04 -14.66 -28.05
N ALA B 106 1.43 -13.71 -27.37
CA ALA B 106 0.21 -13.91 -26.59
C ALA B 106 -1.03 -13.69 -27.45
N PHE B 107 -2.19 -14.02 -26.87
CA PHE B 107 -3.46 -13.83 -27.56
C PHE B 107 -3.98 -12.44 -27.20
N ASP B 108 -3.86 -11.51 -28.14
CA ASP B 108 -4.24 -10.13 -27.86
C ASP B 108 -5.76 -9.96 -27.85
N ILE B 109 -6.46 -10.64 -28.76
CA ILE B 109 -7.91 -10.56 -28.86
C ILE B 109 -8.50 -11.91 -28.46
N TRP B 110 -9.48 -11.87 -27.57
CA TRP B 110 -10.14 -13.07 -27.08
C TRP B 110 -11.62 -13.06 -27.46
N GLY B 111 -12.21 -14.24 -27.51
CA GLY B 111 -13.63 -14.35 -27.73
C GLY B 111 -14.43 -14.18 -26.45
N GLN B 112 -15.75 -14.18 -26.60
CA GLN B 112 -16.65 -14.05 -25.46
C GLN B 112 -16.82 -15.35 -24.68
N GLY B 113 -16.46 -16.48 -25.27
CA GLY B 113 -16.68 -17.77 -24.63
C GLY B 113 -18.03 -18.36 -24.98
N THR B 114 -18.11 -19.68 -24.89
CA THR B 114 -19.33 -20.42 -25.19
C THR B 114 -19.50 -21.49 -24.12
N MET B 115 -20.49 -21.31 -23.25
CA MET B 115 -20.79 -22.30 -22.23
C MET B 115 -21.38 -23.54 -22.87
N VAL B 116 -20.84 -24.70 -22.51
CA VAL B 116 -21.27 -25.98 -23.06
C VAL B 116 -21.58 -26.88 -21.87
N THR B 117 -22.80 -26.78 -21.34
CA THR B 117 -23.24 -27.69 -20.29
C THR B 117 -23.46 -29.08 -20.87
N VAL B 118 -22.83 -30.08 -20.24
CA VAL B 118 -22.86 -31.45 -20.73
C VAL B 118 -23.32 -32.34 -19.59
N SER B 119 -24.52 -32.89 -19.71
CA SER B 119 -25.07 -33.77 -18.67
C SER B 119 -26.18 -34.61 -19.27
N SER B 120 -26.45 -35.74 -18.61
CA SER B 120 -27.38 -36.74 -19.13
C SER B 120 -28.84 -36.43 -18.84
N ALA B 121 -29.12 -35.43 -18.00
CA ALA B 121 -30.49 -35.15 -17.62
C ALA B 121 -31.29 -34.65 -18.83
N SER B 122 -32.61 -34.76 -18.73
CA SER B 122 -33.51 -34.37 -19.79
C SER B 122 -34.16 -33.03 -19.47
N THR B 123 -34.54 -32.30 -20.52
CA THR B 123 -35.19 -31.01 -20.36
C THR B 123 -36.50 -31.14 -19.58
N LYS B 124 -36.51 -30.65 -18.34
CA LYS B 124 -37.66 -30.81 -17.46
C LYS B 124 -38.04 -29.47 -16.84
N GLY B 125 -39.33 -29.31 -16.57
CA GLY B 125 -39.83 -28.15 -15.87
C GLY B 125 -39.79 -28.36 -14.37
N PRO B 126 -39.65 -27.27 -13.62
CA PRO B 126 -39.50 -27.39 -12.17
C PRO B 126 -40.82 -27.39 -11.41
N SER B 127 -40.81 -28.11 -10.29
CA SER B 127 -41.94 -28.12 -9.36
C SER B 127 -41.73 -27.04 -8.31
N VAL B 128 -42.82 -26.36 -7.95
CA VAL B 128 -42.77 -25.20 -7.08
C VAL B 128 -43.57 -25.49 -5.81
N PHE B 129 -42.93 -25.27 -4.66
CA PHE B 129 -43.56 -25.43 -3.36
C PHE B 129 -43.41 -24.12 -2.57
N PRO B 130 -44.49 -23.55 -2.08
CA PRO B 130 -44.38 -22.28 -1.34
C PRO B 130 -43.73 -22.48 0.02
N LEU B 131 -42.89 -21.52 0.41
CA LEU B 131 -42.14 -21.58 1.65
C LEU B 131 -42.69 -20.51 2.60
N ALA B 132 -43.35 -20.96 3.67
CA ALA B 132 -44.07 -20.09 4.58
C ALA B 132 -43.12 -19.34 5.52
N PRO B 133 -43.47 -18.10 5.90
CA PRO B 133 -42.62 -17.33 6.82
C PRO B 133 -42.75 -17.78 8.26
N SER B 134 -42.21 -16.99 9.18
CA SER B 134 -42.25 -17.32 10.60
C SER B 134 -43.69 -17.45 11.07
N SER B 135 -43.98 -18.53 11.80
CA SER B 135 -45.36 -18.87 12.15
C SER B 135 -46.00 -17.78 12.99
N LYS B 136 -45.38 -17.43 14.13
CA LYS B 136 -45.90 -16.37 14.99
C LYS B 136 -45.81 -15.04 14.26
N SER B 137 -44.74 -14.28 14.50
CA SER B 137 -44.47 -13.01 13.81
C SER B 137 -45.66 -12.06 13.85
N THR B 138 -46.62 -12.30 14.76
CA THR B 138 -47.76 -11.39 14.89
C THR B 138 -47.31 -10.06 15.45
N SER B 139 -46.47 -10.08 16.49
CA SER B 139 -45.82 -8.89 17.03
C SER B 139 -44.31 -9.19 17.04
N GLY B 140 -43.71 -9.15 15.85
CA GLY B 140 -42.30 -9.49 15.70
C GLY B 140 -41.47 -8.41 15.05
N GLY B 141 -41.55 -8.31 13.73
CA GLY B 141 -40.77 -7.31 13.01
C GLY B 141 -40.78 -7.51 11.52
N THR B 142 -39.73 -8.14 10.98
CA THR B 142 -39.64 -8.45 9.57
C THR B 142 -39.36 -9.94 9.41
N ALA B 143 -39.91 -10.52 8.34
CA ALA B 143 -39.77 -11.95 8.08
C ALA B 143 -39.46 -12.17 6.61
N ALA B 144 -39.09 -13.41 6.29
CA ALA B 144 -38.73 -13.79 4.93
C ALA B 144 -39.65 -14.90 4.44
N LEU B 145 -40.09 -14.77 3.19
CA LEU B 145 -40.87 -15.79 2.51
C LEU B 145 -40.22 -16.07 1.16
N GLY B 146 -40.64 -17.14 0.50
CA GLY B 146 -40.03 -17.46 -0.77
C GLY B 146 -40.71 -18.62 -1.48
N CYS B 147 -40.19 -18.91 -2.67
CA CYS B 147 -40.66 -20.01 -3.50
C CYS B 147 -39.48 -20.95 -3.77
N LEU B 148 -39.78 -22.25 -3.80
CA LEU B 148 -38.76 -23.26 -4.07
C LEU B 148 -38.92 -23.75 -5.51
N VAL B 149 -37.90 -23.52 -6.33
CA VAL B 149 -37.90 -23.94 -7.72
C VAL B 149 -37.07 -25.21 -7.78
N LYS B 150 -37.73 -26.36 -7.70
CA LYS B 150 -37.06 -27.65 -7.58
C LYS B 150 -37.12 -28.42 -8.88
N ASP B 151 -35.97 -28.96 -9.29
CA ASP B 151 -35.86 -30.02 -10.30
C ASP B 151 -36.12 -29.55 -11.74
N TYR B 152 -35.05 -29.22 -12.45
CA TYR B 152 -35.09 -28.83 -13.86
C TYR B 152 -33.66 -28.87 -14.39
N PHE B 153 -33.49 -29.19 -15.68
CA PHE B 153 -32.16 -29.24 -16.30
C PHE B 153 -32.06 -28.38 -17.57
N PRO B 154 -32.56 -27.17 -17.54
CA PRO B 154 -31.87 -26.09 -18.23
C PRO B 154 -31.76 -24.88 -17.31
N GLU B 155 -30.60 -24.24 -17.26
CA GLU B 155 -30.41 -23.24 -16.21
C GLU B 155 -30.70 -21.80 -16.64
N PRO B 156 -31.78 -21.52 -17.41
CA PRO B 156 -32.36 -20.18 -17.32
C PRO B 156 -33.82 -20.22 -16.88
N VAL B 157 -34.04 -20.31 -15.57
CA VAL B 157 -35.38 -20.17 -15.00
C VAL B 157 -35.47 -18.78 -14.37
N THR B 158 -36.58 -18.09 -14.63
CA THR B 158 -36.74 -16.70 -14.22
C THR B 158 -37.93 -16.58 -13.26
N VAL B 159 -37.70 -15.96 -12.11
CA VAL B 159 -38.71 -15.77 -11.08
C VAL B 159 -38.90 -14.28 -10.87
N SER B 160 -40.15 -13.84 -10.83
CA SER B 160 -40.49 -12.46 -10.56
C SER B 160 -41.76 -12.41 -9.70
N TRP B 161 -41.81 -11.44 -8.80
CA TRP B 161 -42.91 -11.32 -7.84
C TRP B 161 -43.95 -10.34 -8.36
N ASN B 162 -45.20 -10.78 -8.40
CA ASN B 162 -46.36 -9.94 -8.71
C ASN B 162 -46.13 -9.11 -9.97
N SER B 163 -45.73 -9.79 -11.04
CA SER B 163 -45.53 -9.18 -12.37
C SER B 163 -44.50 -8.05 -12.34
N GLY B 164 -43.59 -8.09 -11.36
CA GLY B 164 -42.50 -7.13 -11.28
C GLY B 164 -42.75 -5.96 -10.36
N ALA B 165 -43.94 -5.84 -9.77
CA ALA B 165 -44.21 -4.73 -8.86
C ALA B 165 -43.38 -4.82 -7.59
N LEU B 166 -43.08 -6.04 -7.14
CA LEU B 166 -42.29 -6.25 -5.94
C LEU B 166 -40.81 -6.24 -6.30
N THR B 167 -40.07 -5.33 -5.69
CA THR B 167 -38.64 -5.16 -5.94
C THR B 167 -37.83 -5.10 -4.66
N SER B 168 -38.31 -4.39 -3.64
CA SER B 168 -37.56 -4.21 -2.41
C SER B 168 -37.54 -5.51 -1.60
N GLY B 169 -36.34 -5.95 -1.23
CA GLY B 169 -36.17 -7.16 -0.46
C GLY B 169 -35.91 -8.41 -1.25
N VAL B 170 -35.96 -8.35 -2.57
CA VAL B 170 -35.82 -9.53 -3.41
C VAL B 170 -34.35 -9.93 -3.50
N HIS B 171 -34.08 -11.23 -3.34
CA HIS B 171 -32.74 -11.77 -3.51
C HIS B 171 -32.89 -13.20 -4.04
N THR B 172 -32.86 -13.34 -5.36
CA THR B 172 -32.95 -14.63 -6.02
C THR B 172 -31.55 -15.24 -6.07
N PHE B 173 -31.36 -16.34 -5.36
CA PHE B 173 -30.03 -16.91 -5.19
C PHE B 173 -29.63 -17.74 -6.42
N PRO B 174 -28.34 -17.81 -6.71
CA PRO B 174 -27.88 -18.70 -7.78
C PRO B 174 -28.30 -20.14 -7.55
N ALA B 175 -28.67 -20.81 -8.63
CA ALA B 175 -29.16 -22.18 -8.54
C ALA B 175 -28.06 -23.12 -8.09
N VAL B 176 -28.47 -24.21 -7.45
CA VAL B 176 -27.57 -25.29 -7.08
C VAL B 176 -27.71 -26.39 -8.12
N LEU B 177 -26.62 -27.13 -8.33
CA LEU B 177 -26.63 -28.30 -9.20
C LEU B 177 -26.52 -29.53 -8.31
N GLN B 178 -27.65 -30.19 -8.06
CA GLN B 178 -27.63 -31.40 -7.25
C GLN B 178 -26.91 -32.52 -8.01
N SER B 179 -26.55 -33.57 -7.26
CA SER B 179 -25.71 -34.62 -7.81
C SER B 179 -26.36 -35.38 -8.96
N SER B 180 -27.68 -35.31 -9.10
CA SER B 180 -28.38 -36.04 -10.15
C SER B 180 -28.37 -35.31 -11.49
N GLY B 181 -27.58 -34.26 -11.64
CA GLY B 181 -27.57 -33.49 -12.88
C GLY B 181 -28.78 -32.60 -13.07
N LEU B 182 -29.36 -32.11 -11.98
CA LEU B 182 -30.62 -31.40 -12.02
C LEU B 182 -30.49 -30.16 -11.13
N TYR B 183 -31.26 -29.12 -11.42
CA TYR B 183 -31.07 -27.83 -10.77
C TYR B 183 -32.19 -27.54 -9.78
N SER B 184 -31.92 -26.54 -8.93
CA SER B 184 -32.87 -26.05 -7.93
C SER B 184 -32.39 -24.74 -7.33
N LEU B 185 -33.27 -23.74 -7.25
CA LEU B 185 -32.92 -22.46 -6.66
C LEU B 185 -34.07 -21.94 -5.81
N SER B 186 -33.83 -20.82 -5.13
CA SER B 186 -34.82 -20.18 -4.27
C SER B 186 -34.79 -18.68 -4.48
N SER B 187 -35.95 -18.05 -4.30
CA SER B 187 -36.10 -16.61 -4.42
C SER B 187 -36.89 -16.09 -3.23
N VAL B 188 -36.34 -15.13 -2.50
CA VAL B 188 -36.87 -14.73 -1.21
C VAL B 188 -36.94 -13.22 -1.11
N VAL B 189 -38.04 -12.73 -0.55
CA VAL B 189 -38.26 -11.30 -0.34
C VAL B 189 -38.38 -11.04 1.16
N THR B 190 -37.76 -9.96 1.62
CA THR B 190 -37.81 -9.54 3.02
C THR B 190 -38.74 -8.34 3.14
N VAL B 191 -39.76 -8.45 4.00
CA VAL B 191 -40.76 -7.40 4.11
C VAL B 191 -41.18 -7.26 5.57
N PRO B 192 -41.59 -6.06 5.98
CA PRO B 192 -42.17 -5.89 7.33
C PRO B 192 -43.37 -6.80 7.53
N SER B 193 -43.41 -7.44 8.71
CA SER B 193 -44.44 -8.42 9.01
C SER B 193 -45.80 -7.83 9.35
N SER B 194 -45.90 -6.49 9.49
CA SER B 194 -47.19 -5.88 9.77
C SER B 194 -48.20 -6.08 8.66
N SER B 195 -47.75 -6.53 7.48
CA SER B 195 -48.60 -6.70 6.30
C SER B 195 -48.75 -8.17 5.93
N LEU B 196 -48.82 -9.05 6.92
CA LEU B 196 -48.88 -10.48 6.70
C LEU B 196 -50.27 -10.97 6.25
N GLY B 197 -51.13 -10.08 5.75
CA GLY B 197 -52.43 -10.50 5.27
C GLY B 197 -53.19 -9.46 4.49
N THR B 198 -52.56 -8.31 4.22
CA THR B 198 -53.23 -7.23 3.52
C THR B 198 -52.66 -6.94 2.13
N GLN B 199 -51.46 -7.43 1.82
CA GLN B 199 -50.96 -7.45 0.45
C GLN B 199 -50.66 -8.88 0.04
N THR B 200 -50.82 -9.15 -1.25
CA THR B 200 -50.70 -10.50 -1.80
C THR B 200 -49.29 -10.74 -2.33
N TYR B 201 -48.74 -11.92 -2.03
CA TYR B 201 -47.41 -12.33 -2.46
C TYR B 201 -47.54 -13.55 -3.36
N ILE B 202 -47.31 -13.37 -4.66
CA ILE B 202 -47.35 -14.46 -5.63
C ILE B 202 -46.11 -14.39 -6.49
N CYS B 203 -45.40 -15.52 -6.60
CA CYS B 203 -44.22 -15.62 -7.46
C CYS B 203 -44.60 -16.32 -8.76
N ASN B 204 -44.02 -15.84 -9.86
CA ASN B 204 -44.25 -16.41 -11.19
C ASN B 204 -42.97 -17.13 -11.61
N VAL B 205 -42.99 -18.46 -11.53
CA VAL B 205 -41.84 -19.27 -11.89
C VAL B 205 -42.02 -19.65 -13.36
N ASN B 206 -41.30 -18.96 -14.23
CA ASN B 206 -41.32 -19.23 -15.67
C ASN B 206 -40.09 -20.04 -16.05
N HIS B 207 -40.30 -21.04 -16.91
CA HIS B 207 -39.23 -21.90 -17.39
C HIS B 207 -39.41 -22.05 -18.89
N LYS B 208 -38.69 -21.21 -19.66
CA LYS B 208 -38.95 -21.09 -21.09
C LYS B 208 -38.68 -22.36 -21.91
N PRO B 209 -37.64 -23.17 -21.67
CA PRO B 209 -37.38 -24.29 -22.59
C PRO B 209 -38.44 -25.38 -22.53
N SER B 210 -39.21 -25.47 -21.45
CA SER B 210 -40.38 -26.33 -21.39
C SER B 210 -41.68 -25.55 -21.46
N ASN B 211 -41.60 -24.23 -21.58
CA ASN B 211 -42.77 -23.34 -21.58
C ASN B 211 -43.73 -23.66 -20.44
N THR B 212 -43.16 -23.91 -19.26
CA THR B 212 -43.93 -24.19 -18.06
C THR B 212 -44.13 -22.88 -17.32
N LYS B 213 -45.34 -22.33 -17.39
CA LYS B 213 -45.69 -21.06 -16.74
C LYS B 213 -46.57 -21.41 -15.55
N VAL B 214 -46.00 -21.34 -14.35
CA VAL B 214 -46.69 -21.74 -13.13
C VAL B 214 -46.63 -20.61 -12.11
N ASP B 215 -47.80 -20.22 -11.60
CA ASP B 215 -47.89 -19.27 -10.51
C ASP B 215 -48.08 -20.02 -9.20
N LYS B 216 -47.61 -19.41 -8.11
CA LYS B 216 -47.67 -20.07 -6.80
C LYS B 216 -47.67 -19.00 -5.72
N LYS B 217 -48.75 -18.95 -4.93
CA LYS B 217 -48.87 -17.95 -3.88
C LYS B 217 -48.17 -18.40 -2.60
N VAL B 218 -47.73 -17.44 -1.81
CA VAL B 218 -47.11 -17.68 -0.52
C VAL B 218 -47.95 -16.93 0.52
N GLU B 219 -48.87 -17.63 1.17
CA GLU B 219 -49.68 -17.09 2.25
C GLU B 219 -49.01 -17.38 3.58
N PRO B 220 -49.39 -16.67 4.65
CA PRO B 220 -48.83 -16.98 5.97
C PRO B 220 -49.17 -18.41 6.38
N LYS B 221 -48.31 -18.97 7.24
CA LYS B 221 -48.38 -20.39 7.56
C LYS B 221 -49.74 -20.77 8.15
N SER B 222 -50.28 -21.88 7.67
CA SER B 222 -51.55 -22.42 8.17
C SER B 222 -51.67 -23.90 7.83
N TYR C 2 20.42 -24.34 19.64
CA TYR C 2 21.69 -24.22 20.33
C TYR C 2 22.85 -24.38 19.32
N VAL C 3 23.95 -23.68 19.61
CA VAL C 3 24.74 -23.03 18.57
C VAL C 3 25.39 -24.02 17.61
N LEU C 4 25.29 -23.69 16.32
CA LEU C 4 26.19 -24.20 15.28
C LEU C 4 27.08 -23.05 14.86
N THR C 5 28.38 -23.29 14.74
CA THR C 5 29.35 -22.24 14.51
C THR C 5 30.22 -22.58 13.31
N GLN C 6 30.38 -21.62 12.40
CA GLN C 6 31.19 -21.74 11.20
C GLN C 6 32.12 -20.54 11.09
N PRO C 7 33.29 -20.71 10.48
CA PRO C 7 34.13 -19.56 10.18
C PRO C 7 33.44 -18.65 9.18
N PRO C 8 33.58 -17.33 9.32
CA PRO C 8 32.82 -16.44 8.45
C PRO C 8 33.27 -16.47 7.00
N SER C 9 34.56 -16.71 6.75
CA SER C 9 35.08 -16.70 5.39
C SER C 9 36.06 -17.86 5.20
N VAL C 10 36.07 -18.38 3.98
CA VAL C 10 37.08 -19.32 3.51
C VAL C 10 37.29 -19.05 2.03
N SER C 11 38.52 -18.73 1.64
CA SER C 11 38.83 -18.40 0.24
C SER C 11 39.98 -19.27 -0.22
N VAL C 12 39.75 -20.06 -1.27
CA VAL C 12 40.72 -21.03 -1.74
C VAL C 12 40.81 -20.94 -3.27
N ALA C 13 42.02 -21.08 -3.80
CA ALA C 13 42.27 -20.90 -5.22
C ALA C 13 41.54 -21.98 -6.04
N PRO C 14 41.30 -21.71 -7.33
CA PRO C 14 40.62 -22.71 -8.16
C PRO C 14 41.47 -23.95 -8.37
N GLY C 15 40.79 -25.07 -8.62
CA GLY C 15 41.43 -26.36 -8.71
C GLY C 15 41.81 -26.98 -7.39
N GLN C 16 41.95 -26.19 -6.34
CA GLN C 16 42.26 -26.69 -5.00
C GLN C 16 41.02 -27.37 -4.44
N THR C 17 41.01 -27.59 -3.12
CA THR C 17 39.86 -28.17 -2.44
C THR C 17 39.45 -27.25 -1.31
N ALA C 18 38.19 -26.83 -1.31
CA ALA C 18 37.64 -26.01 -0.24
C ALA C 18 37.08 -26.94 0.84
N ARG C 19 37.42 -26.65 2.09
CA ARG C 19 36.97 -27.45 3.24
C ARG C 19 36.25 -26.52 4.21
N ILE C 20 35.00 -26.22 3.91
CA ILE C 20 34.19 -25.40 4.79
C ILE C 20 33.82 -26.20 6.03
N THR C 21 34.17 -25.67 7.20
CA THR C 21 33.97 -26.37 8.46
C THR C 21 32.74 -25.84 9.19
N CYS C 22 32.10 -26.73 9.94
CA CYS C 22 30.90 -26.40 10.71
C CYS C 22 31.01 -27.10 12.06
N GLY C 23 31.13 -26.33 13.13
CA GLY C 23 31.37 -26.89 14.44
C GLY C 23 30.30 -26.59 15.47
N GLY C 24 29.69 -27.65 16.02
CA GLY C 24 28.84 -27.55 17.18
C GLY C 24 29.39 -28.44 18.29
N ASN C 25 28.75 -28.35 19.44
CA ASN C 25 29.17 -29.16 20.58
C ASN C 25 28.91 -30.63 20.30
N ASN C 26 30.00 -31.40 20.18
CA ASN C 26 29.96 -32.84 19.95
C ASN C 26 28.99 -33.22 18.84
N ILE C 27 29.28 -32.70 17.65
CA ILE C 27 28.54 -33.14 16.46
C ILE C 27 29.14 -34.48 16.07
N GLY C 28 28.67 -35.56 16.71
CA GLY C 28 29.16 -36.88 16.39
C GLY C 28 28.60 -37.37 15.07
N SER C 29 28.35 -38.67 14.95
CA SER C 29 27.73 -39.20 13.75
C SER C 29 26.25 -38.84 13.71
N LYS C 30 25.94 -37.56 13.91
CA LYS C 30 24.57 -37.06 13.88
C LYS C 30 24.03 -36.97 12.46
N SER C 31 23.76 -35.76 11.99
CA SER C 31 23.20 -35.56 10.66
C SER C 31 23.31 -34.11 10.24
N VAL C 32 24.47 -33.71 9.71
CA VAL C 32 24.70 -32.35 9.25
C VAL C 32 24.30 -32.25 7.78
N HIS C 33 23.53 -31.23 7.44
CA HIS C 33 23.13 -30.96 6.07
C HIS C 33 23.70 -29.61 5.65
N TRP C 34 24.06 -29.50 4.38
CA TRP C 34 24.71 -28.31 3.84
C TRP C 34 23.86 -27.69 2.74
N TYR C 35 23.87 -26.37 2.67
CA TYR C 35 23.12 -25.62 1.65
C TYR C 35 24.03 -24.58 1.01
N GLN C 36 24.14 -24.63 -0.30
CA GLN C 36 24.85 -23.61 -1.08
C GLN C 36 23.84 -22.59 -1.59
N GLN C 37 24.16 -21.31 -1.41
CA GLN C 37 23.25 -20.23 -1.81
C GLN C 37 24.09 -19.12 -2.44
N LYS C 38 24.11 -19.08 -3.77
CA LYS C 38 24.78 -18.01 -4.50
C LYS C 38 24.02 -16.70 -4.31
N PRO C 39 24.67 -15.56 -4.55
CA PRO C 39 24.09 -14.27 -4.13
C PRO C 39 22.73 -14.00 -4.74
N GLY C 40 21.83 -13.47 -3.91
CA GLY C 40 20.52 -13.04 -4.34
C GLY C 40 19.53 -14.15 -4.65
N GLN C 41 19.90 -15.42 -4.42
CA GLN C 41 19.07 -16.54 -4.82
C GLN C 41 18.58 -17.30 -3.59
N ALA C 42 18.10 -18.52 -3.80
CA ALA C 42 17.57 -19.42 -2.79
C ALA C 42 18.61 -20.48 -2.44
N PRO C 43 18.65 -20.93 -1.19
CA PRO C 43 19.59 -21.99 -0.81
C PRO C 43 19.24 -23.30 -1.49
N VAL C 44 20.27 -24.06 -1.81
CA VAL C 44 20.13 -25.34 -2.49
C VAL C 44 20.84 -26.40 -1.64
N LEU C 45 20.09 -27.41 -1.20
CA LEU C 45 20.70 -28.54 -0.53
C LEU C 45 21.76 -29.15 -1.42
N VAL C 46 22.93 -29.44 -0.84
CA VAL C 46 24.07 -29.99 -1.58
C VAL C 46 24.54 -31.31 -0.99
N VAL C 47 24.63 -31.40 0.34
CA VAL C 47 25.01 -32.62 1.03
C VAL C 47 24.03 -32.82 2.18
N TYR C 48 23.41 -33.98 2.23
CA TYR C 48 22.51 -34.34 3.31
C TYR C 48 23.01 -35.60 3.99
N ASP C 49 22.77 -35.69 5.30
CA ASP C 49 23.17 -36.84 6.11
C ASP C 49 24.68 -37.07 6.02
N ASP C 50 25.43 -36.08 6.50
CA ASP C 50 26.88 -36.12 6.59
C ASP C 50 27.56 -36.13 5.22
N SER C 51 27.30 -37.14 4.40
CA SER C 51 28.07 -37.33 3.18
C SER C 51 27.27 -37.72 1.94
N ASP C 52 25.96 -37.90 2.04
CA ASP C 52 25.19 -38.25 0.86
C ASP C 52 25.01 -37.04 -0.06
N ARG C 53 24.43 -37.29 -1.24
CA ARG C 53 24.20 -36.23 -2.21
C ARG C 53 22.82 -36.37 -2.83
N PRO C 54 22.06 -35.28 -2.95
CA PRO C 54 20.89 -35.30 -3.83
C PRO C 54 21.32 -35.34 -5.29
N SER C 55 20.58 -36.10 -6.10
CA SER C 55 20.97 -36.34 -7.48
C SER C 55 21.08 -35.04 -8.25
N GLY C 56 21.94 -35.04 -9.27
CA GLY C 56 22.20 -33.86 -10.05
C GLY C 56 23.20 -32.91 -9.45
N ILE C 57 23.88 -33.33 -8.39
CA ILE C 57 24.90 -32.51 -7.72
C ILE C 57 26.22 -33.24 -7.82
N PRO C 58 27.29 -32.58 -8.27
CA PRO C 58 28.45 -33.31 -8.81
C PRO C 58 29.13 -34.21 -7.81
N GLU C 59 29.89 -35.17 -8.36
CA GLU C 59 30.79 -35.99 -7.56
C GLU C 59 31.79 -35.14 -6.80
N ARG C 60 32.04 -33.91 -7.24
CA ARG C 60 32.97 -33.02 -6.56
C ARG C 60 32.57 -32.82 -5.10
N PHE C 61 31.29 -32.52 -4.86
CA PHE C 61 30.85 -32.24 -3.51
C PHE C 61 30.82 -33.52 -2.68
N SER C 62 31.46 -33.47 -1.51
CA SER C 62 31.50 -34.60 -0.59
C SER C 62 31.37 -34.07 0.83
N GLY C 63 31.06 -34.98 1.75
CA GLY C 63 30.82 -34.58 3.12
C GLY C 63 31.53 -35.49 4.11
N SER C 64 31.68 -34.97 5.32
CA SER C 64 32.28 -35.72 6.42
C SER C 64 31.90 -35.04 7.73
N ASN C 65 31.65 -35.84 8.76
CA ASN C 65 31.30 -35.34 10.08
C ASN C 65 32.12 -36.13 11.11
N SER C 66 33.14 -35.47 11.67
CA SER C 66 34.12 -36.16 12.50
C SER C 66 33.67 -36.25 13.95
N GLY C 67 34.09 -35.29 14.78
CA GLY C 67 33.78 -35.33 16.20
C GLY C 67 33.14 -34.06 16.72
N ASN C 68 33.90 -32.97 16.73
CA ASN C 68 33.38 -31.66 17.12
C ASN C 68 33.28 -30.72 15.94
N THR C 69 33.60 -31.18 14.73
CA THR C 69 33.64 -30.34 13.55
C THR C 69 33.11 -31.11 12.36
N ALA C 70 32.12 -30.55 11.67
CA ALA C 70 31.58 -31.11 10.44
C ALA C 70 32.05 -30.28 9.26
N THR C 71 32.61 -30.95 8.25
CA THR C 71 33.22 -30.26 7.12
C THR C 71 32.51 -30.61 5.82
N LEU C 72 32.58 -29.68 4.86
CA LEU C 72 32.08 -29.87 3.51
C LEU C 72 33.28 -29.86 2.57
N ILE C 73 33.52 -30.98 1.90
CA ILE C 73 34.69 -31.15 1.04
C ILE C 73 34.23 -30.91 -0.39
N ILE C 74 34.49 -29.70 -0.90
CA ILE C 74 34.22 -29.36 -2.29
C ILE C 74 35.54 -29.45 -3.02
N SER C 75 35.79 -30.59 -3.67
CA SER C 75 37.04 -30.81 -4.37
C SER C 75 36.89 -30.44 -5.85
N ARG C 76 38.01 -30.10 -6.46
CA ARG C 76 38.06 -29.55 -7.82
C ARG C 76 37.13 -28.34 -7.93
N VAL C 77 37.59 -27.25 -7.29
CA VAL C 77 36.77 -26.06 -7.15
C VAL C 77 36.75 -25.27 -8.45
N GLU C 78 35.57 -24.79 -8.83
CA GLU C 78 35.37 -24.01 -10.03
C GLU C 78 34.85 -22.62 -9.66
N ALA C 79 34.79 -21.74 -10.66
CA ALA C 79 34.36 -20.37 -10.42
C ALA C 79 32.88 -20.30 -10.03
N GLY C 80 32.07 -21.22 -10.54
CA GLY C 80 30.67 -21.32 -10.17
C GLY C 80 30.39 -21.79 -8.76
N ASP C 81 31.41 -21.91 -7.90
CA ASP C 81 31.22 -22.37 -6.52
C ASP C 81 31.17 -21.24 -5.51
N GLU C 82 31.48 -20.01 -5.92
CA GLU C 82 31.38 -18.85 -5.05
C GLU C 82 29.95 -18.72 -4.53
N ALA C 83 29.77 -18.90 -3.22
CA ALA C 83 28.44 -18.87 -2.63
C ALA C 83 28.57 -18.79 -1.11
N ASP C 84 27.43 -18.63 -0.45
CA ASP C 84 27.34 -18.80 1.00
C ASP C 84 26.93 -20.23 1.29
N TYR C 85 27.62 -20.87 2.23
CA TYR C 85 27.39 -22.28 2.56
C TYR C 85 27.00 -22.38 4.03
N TYR C 86 25.82 -22.94 4.29
CA TYR C 86 25.30 -23.10 5.64
C TYR C 86 25.17 -24.57 5.97
N CYS C 87 25.40 -24.89 7.24
CA CYS C 87 25.19 -26.24 7.77
C CYS C 87 23.94 -26.24 8.63
N GLN C 88 23.40 -27.43 8.86
CA GLN C 88 22.12 -27.55 9.54
C GLN C 88 22.03 -28.92 10.21
N VAL C 89 21.53 -28.93 11.44
CA VAL C 89 21.22 -30.16 12.16
C VAL C 89 19.85 -30.01 12.81
N TRP C 90 19.32 -31.14 13.28
CA TRP C 90 18.10 -31.15 14.07
C TRP C 90 18.50 -31.25 15.54
N ASP C 91 18.43 -30.13 16.25
CA ASP C 91 18.71 -30.11 17.68
C ASP C 91 17.42 -30.46 18.40
N SER C 92 17.31 -31.71 18.85
CA SER C 92 16.10 -32.20 19.49
C SER C 92 15.96 -31.76 20.94
N SER C 93 17.02 -31.23 21.55
CA SER C 93 16.94 -30.78 22.94
C SER C 93 16.18 -29.48 23.06
N SER C 94 16.32 -28.57 22.10
CA SER C 94 15.65 -27.28 22.10
C SER C 94 14.72 -27.13 20.91
N VAL C 95 14.21 -28.25 20.40
CA VAL C 95 13.26 -28.34 19.27
C VAL C 95 13.43 -27.24 18.24
N HIS C 96 14.66 -27.01 17.79
CA HIS C 96 14.93 -26.07 16.70
C HIS C 96 15.77 -26.76 15.63
N TYR C 97 15.65 -26.23 14.41
CA TYR C 97 16.52 -26.60 13.30
C TYR C 97 17.60 -25.52 13.23
N VAL C 98 18.67 -25.71 14.01
CA VAL C 98 19.70 -24.68 14.11
C VAL C 98 20.53 -24.67 12.83
N PHE C 99 20.80 -23.47 12.33
CA PHE C 99 21.57 -23.27 11.12
C PHE C 99 22.98 -22.81 11.46
N GLY C 100 23.90 -23.01 10.51
CA GLY C 100 25.24 -22.51 10.68
C GLY C 100 25.31 -21.00 10.53
N THR C 101 26.47 -20.46 10.86
CA THR C 101 26.70 -19.02 10.77
C THR C 101 26.95 -18.58 9.33
N GLY C 102 27.04 -19.52 8.39
CA GLY C 102 27.28 -19.18 7.01
C GLY C 102 28.75 -18.97 6.72
N THR C 103 29.17 -19.23 5.49
CA THR C 103 30.57 -19.09 5.12
C THR C 103 30.66 -18.68 3.66
N LYS C 104 31.08 -17.44 3.43
CA LYS C 104 31.32 -16.96 2.07
C LYS C 104 32.57 -17.61 1.50
N LEU C 105 32.42 -18.37 0.43
CA LEU C 105 33.55 -19.00 -0.24
C LEU C 105 33.93 -18.17 -1.47
N THR C 106 35.16 -17.66 -1.48
CA THR C 106 35.65 -16.78 -2.54
C THR C 106 36.74 -17.51 -3.33
N VAL C 107 36.43 -17.89 -4.56
CA VAL C 107 37.44 -18.42 -5.46
C VAL C 107 38.33 -17.27 -5.92
N LEU C 108 39.64 -17.48 -5.95
CA LEU C 108 40.60 -16.39 -5.98
C LEU C 108 40.95 -15.92 -7.39
N GLY C 109 40.99 -16.82 -8.36
CA GLY C 109 41.58 -16.58 -9.67
C GLY C 109 41.23 -15.31 -10.44
N GLN C 110 40.85 -14.25 -9.74
CA GLN C 110 40.60 -12.95 -10.38
C GLN C 110 41.63 -11.95 -9.87
N PRO C 111 42.40 -11.31 -10.75
CA PRO C 111 43.42 -10.37 -10.28
C PRO C 111 42.81 -9.11 -9.70
N LYS C 112 43.56 -8.47 -8.80
CA LYS C 112 43.08 -7.29 -8.10
C LYS C 112 42.91 -6.12 -9.07
N ALA C 113 41.79 -5.42 -8.95
CA ALA C 113 41.49 -4.27 -9.79
C ALA C 113 41.32 -3.03 -8.92
N ALA C 114 41.62 -1.87 -9.51
CA ALA C 114 41.63 -0.58 -8.83
C ALA C 114 40.32 0.16 -9.04
N PRO C 115 39.84 0.88 -8.03
CA PRO C 115 38.55 1.57 -8.15
C PRO C 115 38.61 2.74 -9.12
N SER C 116 37.48 2.98 -9.78
CA SER C 116 37.29 4.13 -10.68
C SER C 116 36.34 5.09 -9.97
N VAL C 117 36.91 6.12 -9.36
CA VAL C 117 36.18 7.00 -8.43
C VAL C 117 35.73 8.25 -9.16
N THR C 118 34.45 8.58 -9.02
CA THR C 118 33.88 9.82 -9.52
C THR C 118 33.14 10.50 -8.38
N LEU C 119 33.47 11.78 -8.13
CA LEU C 119 32.89 12.54 -7.04
C LEU C 119 32.14 13.74 -7.60
N PHE C 120 31.01 14.08 -6.98
CA PHE C 120 30.20 15.20 -7.43
C PHE C 120 30.04 16.25 -6.35
N PRO C 121 30.14 17.52 -6.70
CA PRO C 121 29.81 18.59 -5.75
C PRO C 121 28.30 18.68 -5.57
N PRO C 122 27.80 19.54 -4.69
CA PRO C 122 26.36 19.74 -4.62
C PRO C 122 25.86 20.38 -5.90
N SER C 123 24.88 19.73 -6.53
CA SER C 123 24.35 20.23 -7.78
C SER C 123 23.79 21.63 -7.60
N SER C 124 23.79 22.41 -8.69
CA SER C 124 23.18 23.73 -8.64
C SER C 124 21.69 23.66 -8.34
N GLU C 125 21.08 22.48 -8.49
CA GLU C 125 19.66 22.32 -8.25
C GLU C 125 19.34 21.65 -6.91
N GLU C 126 20.33 21.10 -6.22
CA GLU C 126 20.11 20.64 -4.86
C GLU C 126 20.36 21.72 -3.81
N LEU C 127 21.04 22.80 -4.19
CA LEU C 127 21.43 23.84 -3.23
C LEU C 127 20.32 24.84 -2.96
N GLN C 128 19.56 25.26 -3.98
CA GLN C 128 18.46 26.18 -3.73
C GLN C 128 17.32 25.53 -2.98
N ALA C 129 17.25 24.19 -3.00
CA ALA C 129 16.30 23.45 -2.17
C ALA C 129 16.80 23.23 -0.75
N ASN C 130 17.83 23.98 -0.35
CA ASN C 130 18.40 23.91 1.00
C ASN C 130 18.93 22.51 1.32
N LYS C 131 19.65 21.93 0.35
CA LYS C 131 20.34 20.66 0.56
C LYS C 131 21.74 20.77 -0.04
N ALA C 132 22.59 19.82 0.36
CA ALA C 132 23.95 19.75 -0.17
C ALA C 132 24.47 18.34 0.09
N THR C 133 24.53 17.52 -0.95
CA THR C 133 24.96 16.13 -0.81
C THR C 133 26.10 15.86 -1.76
N LEU C 134 27.25 15.48 -1.21
CA LEU C 134 28.39 15.06 -2.01
C LEU C 134 28.24 13.59 -2.37
N VAL C 135 28.32 13.28 -3.66
CA VAL C 135 28.14 11.92 -4.16
C VAL C 135 29.49 11.38 -4.58
N CYS C 136 29.90 10.28 -3.97
CA CYS C 136 31.20 9.64 -4.24
C CYS C 136 30.92 8.23 -4.74
N LEU C 137 31.22 7.99 -6.01
CA LEU C 137 30.89 6.73 -6.67
C LEU C 137 32.16 5.93 -6.93
N ILE C 138 32.21 4.71 -6.39
CA ILE C 138 33.34 3.80 -6.54
C ILE C 138 32.92 2.65 -7.44
N SER C 139 33.82 2.24 -8.34
CA SER C 139 33.44 1.22 -9.31
C SER C 139 34.67 0.52 -9.85
N ASP C 140 34.48 -0.74 -10.28
CA ASP C 140 35.44 -1.50 -11.08
C ASP C 140 36.68 -1.89 -10.27
N PHE C 141 36.45 -2.45 -9.07
CA PHE C 141 37.55 -2.93 -8.24
C PHE C 141 37.20 -4.28 -7.64
N TYR C 142 38.21 -5.15 -7.52
CA TYR C 142 38.03 -6.43 -6.86
C TYR C 142 38.46 -6.26 -5.40
N PRO C 143 39.00 -7.30 -4.70
CA PRO C 143 38.62 -7.50 -3.29
C PRO C 143 37.58 -6.50 -2.77
N GLY C 144 36.31 -6.78 -3.04
CA GLY C 144 35.23 -5.87 -2.73
C GLY C 144 35.14 -5.43 -1.28
N ALA C 145 36.15 -4.70 -0.81
CA ALA C 145 36.18 -4.15 0.53
C ALA C 145 36.86 -2.79 0.44
N VAL C 146 36.11 -1.73 0.68
CA VAL C 146 36.60 -0.37 0.50
C VAL C 146 36.29 0.45 1.75
N THR C 147 37.22 1.31 2.14
CA THR C 147 37.11 2.14 3.33
C THR C 147 36.89 3.59 2.92
N VAL C 148 35.75 4.15 3.31
CA VAL C 148 35.38 5.51 2.97
C VAL C 148 35.58 6.41 4.18
N ALA C 149 36.23 7.55 3.97
CA ALA C 149 36.35 8.60 4.97
C ALA C 149 36.22 9.93 4.26
N TRP C 150 35.46 10.85 4.87
CA TRP C 150 35.20 12.14 4.26
C TRP C 150 36.00 13.22 4.98
N LYS C 151 36.45 14.22 4.20
CA LYS C 151 37.28 15.29 4.70
C LYS C 151 36.68 16.63 4.32
N ALA C 152 36.39 17.46 5.31
CA ALA C 152 36.19 18.89 5.09
C ALA C 152 37.54 19.58 5.26
N ASP C 153 37.82 20.51 4.35
CA ASP C 153 39.16 21.05 4.09
C ASP C 153 40.25 19.99 4.30
N SER C 154 40.61 19.69 5.55
CA SER C 154 41.51 18.58 5.81
C SER C 154 41.29 17.98 7.19
N SER C 155 40.18 18.30 7.87
CA SER C 155 39.81 17.73 9.16
C SER C 155 38.80 16.61 8.95
N PRO C 156 39.02 15.44 9.55
CA PRO C 156 38.13 14.30 9.30
C PRO C 156 36.72 14.55 9.80
N VAL C 157 35.75 13.97 9.09
CA VAL C 157 34.35 14.10 9.43
C VAL C 157 33.63 12.77 9.24
N LYS C 158 32.58 12.57 10.02
CA LYS C 158 31.63 11.48 9.81
C LYS C 158 30.23 12.11 9.95
N ALA C 159 29.24 11.27 10.25
CA ALA C 159 27.85 11.68 10.44
C ALA C 159 27.24 12.22 9.15
N GLY C 160 26.06 11.73 8.79
CA GLY C 160 25.54 11.97 7.45
C GLY C 160 26.29 11.22 6.37
N VAL C 161 27.29 10.42 6.73
CA VAL C 161 28.06 9.62 5.80
C VAL C 161 27.45 8.22 5.79
N GLU C 162 26.72 7.92 4.72
CA GLU C 162 26.15 6.59 4.51
C GLU C 162 26.75 5.99 3.25
N THR C 163 27.15 4.72 3.34
CA THR C 163 27.94 4.09 2.29
C THR C 163 27.26 2.79 1.85
N THR C 164 27.13 2.63 0.53
CA THR C 164 26.57 1.39 -0.02
C THR C 164 27.58 0.25 0.13
N THR C 165 27.08 -0.94 0.47
CA THR C 165 27.94 -2.10 0.57
C THR C 165 28.32 -2.60 -0.82
N PRO C 166 29.50 -3.24 -0.95
CA PRO C 166 29.97 -3.69 -2.26
C PRO C 166 28.92 -4.49 -3.03
N SER C 167 28.98 -4.38 -4.35
CA SER C 167 27.97 -4.99 -5.22
C SER C 167 28.60 -5.45 -6.52
N LYS C 168 28.14 -6.59 -7.01
CA LYS C 168 28.57 -7.11 -8.30
C LYS C 168 28.04 -6.23 -9.43
N GLN C 169 28.84 -6.10 -10.49
CA GLN C 169 28.45 -5.39 -11.70
C GLN C 169 28.11 -6.40 -12.80
N SER C 170 28.04 -5.92 -14.04
CA SER C 170 27.97 -6.83 -15.19
C SER C 170 29.24 -7.67 -15.27
N ASN C 171 30.40 -7.05 -15.05
CA ASN C 171 31.63 -7.80 -14.88
C ASN C 171 31.67 -8.42 -13.49
N ASN C 172 32.78 -9.07 -13.17
CA ASN C 172 33.00 -9.62 -11.82
C ASN C 172 33.84 -8.68 -10.97
N LYS C 173 33.65 -7.37 -11.14
CA LYS C 173 34.31 -6.36 -10.34
C LYS C 173 33.27 -5.52 -9.62
N TYR C 174 33.61 -5.06 -8.42
CA TYR C 174 32.64 -4.53 -7.48
C TYR C 174 32.27 -3.09 -7.80
N ALA C 175 31.38 -2.53 -6.98
CA ALA C 175 30.91 -1.16 -7.09
C ALA C 175 30.16 -0.80 -5.81
N ALA C 176 30.30 0.45 -5.37
CA ALA C 176 29.61 0.93 -4.18
C ALA C 176 29.68 2.45 -4.16
N SER C 177 28.66 3.07 -3.57
CA SER C 177 28.56 4.52 -3.51
C SER C 177 28.47 4.97 -2.06
N SER C 178 29.04 6.14 -1.77
CA SER C 178 29.04 6.73 -0.45
C SER C 178 28.65 8.20 -0.54
N TYR C 179 27.75 8.63 0.33
CA TYR C 179 27.23 9.98 0.30
C TYR C 179 27.55 10.71 1.60
N LEU C 180 27.55 12.04 1.52
CA LEU C 180 27.74 12.90 2.69
C LEU C 180 26.74 14.05 2.61
N SER C 181 25.82 14.10 3.56
CA SER C 181 24.86 15.18 3.63
C SER C 181 25.49 16.40 4.31
N LEU C 182 25.18 17.57 3.78
CA LEU C 182 25.76 18.82 4.26
C LEU C 182 24.66 19.85 4.46
N THR C 183 24.97 20.84 5.26
CA THR C 183 24.15 22.03 5.11
C THR C 183 24.74 22.89 3.99
N PRO C 184 23.89 23.59 3.23
CA PRO C 184 24.43 24.45 2.15
C PRO C 184 25.49 25.43 2.63
N GLU C 185 25.44 25.84 3.90
CA GLU C 185 26.46 26.71 4.45
C GLU C 185 27.74 25.94 4.77
N GLN C 186 27.63 24.65 5.09
CA GLN C 186 28.82 23.83 5.31
C GLN C 186 29.66 23.67 4.05
N TRP C 187 29.00 23.60 2.88
CA TRP C 187 29.72 23.32 1.64
C TRP C 187 30.57 24.51 1.22
N LYS C 188 30.00 25.71 1.22
CA LYS C 188 30.69 26.91 0.78
C LYS C 188 31.56 27.54 1.87
N SER C 189 31.64 26.91 3.05
CA SER C 189 32.48 27.44 4.12
C SER C 189 33.90 26.87 4.06
N HIS C 190 34.03 25.55 4.02
CA HIS C 190 35.34 24.93 3.91
C HIS C 190 35.91 25.15 2.51
N ARG C 191 37.23 25.31 2.44
CA ARG C 191 37.88 25.62 1.18
C ARG C 191 37.77 24.46 0.19
N SER C 192 37.90 23.23 0.68
CA SER C 192 37.82 22.06 -0.19
C SER C 192 37.16 20.92 0.58
N TYR C 193 36.72 19.92 -0.17
CA TYR C 193 36.17 18.69 0.39
C TYR C 193 36.87 17.51 -0.25
N SER C 194 36.99 16.42 0.50
CA SER C 194 37.76 15.28 0.04
C SER C 194 37.03 13.98 0.35
N CYS C 195 37.02 13.08 -0.63
CA CYS C 195 36.48 11.73 -0.49
C CYS C 195 37.65 10.74 -0.53
N GLN C 196 37.91 10.07 0.59
CA GLN C 196 39.02 9.13 0.69
C GLN C 196 38.47 7.71 0.59
N VAL C 197 39.00 6.95 -0.36
CA VAL C 197 38.48 5.64 -0.75
C VAL C 197 39.66 4.68 -0.79
N THR C 198 39.66 3.70 0.11
CA THR C 198 40.81 2.84 0.35
C THR C 198 40.50 1.40 -0.01
N HIS C 199 41.35 0.79 -0.83
CA HIS C 199 41.17 -0.60 -1.27
C HIS C 199 42.51 -1.31 -1.19
N GLU C 200 42.63 -2.26 -0.26
CA GLU C 200 43.77 -3.16 -0.14
C GLU C 200 45.09 -2.42 0.11
N GLY C 201 45.03 -1.19 0.62
CA GLY C 201 46.22 -0.43 0.90
C GLY C 201 46.64 0.55 -0.18
N SER C 202 45.71 1.14 -0.90
CA SER C 202 46.00 2.17 -1.90
C SER C 202 44.89 3.21 -1.81
N THR C 203 45.15 4.30 -1.11
CA THR C 203 44.14 5.31 -0.85
C THR C 203 44.05 6.27 -2.04
N VAL C 204 42.89 6.28 -2.69
CA VAL C 204 42.61 7.21 -3.79
C VAL C 204 41.64 8.27 -3.28
N GLU C 205 41.90 9.52 -3.62
CA GLU C 205 41.14 10.65 -3.11
C GLU C 205 40.58 11.48 -4.26
N LYS C 206 39.47 12.17 -3.98
CA LYS C 206 38.89 13.14 -4.90
C LYS C 206 38.56 14.41 -4.15
N THR C 207 38.62 15.54 -4.85
CA THR C 207 38.40 16.84 -4.24
C THR C 207 37.44 17.66 -5.09
N VAL C 208 36.67 18.52 -4.42
CA VAL C 208 35.71 19.40 -5.06
C VAL C 208 35.72 20.74 -4.36
N ALA C 209 35.56 21.82 -5.13
CA ALA C 209 35.61 23.18 -4.61
C ALA C 209 34.31 23.91 -4.90
N PRO C 210 33.85 24.78 -3.99
CA PRO C 210 32.58 25.49 -4.20
C PRO C 210 32.62 26.38 -5.44
N THR C 211 31.61 26.21 -6.30
CA THR C 211 31.45 27.00 -7.51
C THR C 211 32.71 26.99 -8.38
N GLU D 1 7.57 -30.73 -13.25
CA GLU D 1 8.51 -30.44 -12.17
C GLU D 1 7.79 -30.09 -10.88
N VAL D 2 8.39 -30.45 -9.75
CA VAL D 2 7.86 -30.11 -8.44
C VAL D 2 8.53 -28.82 -7.99
N GLN D 3 7.77 -27.72 -8.03
CA GLN D 3 8.28 -26.40 -7.71
C GLN D 3 7.58 -25.85 -6.48
N LEU D 4 8.25 -24.93 -5.80
CA LEU D 4 7.65 -24.15 -4.71
C LEU D 4 7.62 -22.69 -5.14
N VAL D 5 6.42 -22.13 -5.29
CA VAL D 5 6.23 -20.75 -5.71
C VAL D 5 5.60 -19.99 -4.54
N GLN D 6 6.24 -18.90 -4.14
CA GLN D 6 5.82 -18.10 -3.00
C GLN D 6 5.08 -16.85 -3.45
N SER D 7 4.46 -16.18 -2.48
CA SER D 7 3.80 -14.91 -2.76
C SER D 7 4.85 -13.85 -3.09
N GLY D 8 4.41 -12.82 -3.81
CA GLY D 8 5.29 -11.73 -4.19
C GLY D 8 5.78 -10.96 -2.97
N ALA D 9 6.74 -10.07 -3.24
CA ALA D 9 7.35 -9.28 -2.17
C ALA D 9 6.31 -8.38 -1.52
N GLU D 10 6.47 -8.18 -0.21
CA GLU D 10 5.58 -7.34 0.57
C GLU D 10 6.34 -6.17 1.16
N VAL D 11 5.59 -5.14 1.54
CA VAL D 11 6.13 -3.99 2.27
C VAL D 11 5.10 -3.65 3.34
N LYS D 12 5.42 -3.93 4.59
CA LYS D 12 4.52 -3.73 5.71
C LYS D 12 5.09 -2.69 6.65
N LYS D 13 4.25 -2.22 7.58
CA LYS D 13 4.68 -1.20 8.52
C LYS D 13 4.67 -1.77 9.94
N PRO D 14 5.63 -1.33 10.79
CA PRO D 14 5.82 -1.96 12.11
C PRO D 14 4.55 -2.06 12.95
N GLY D 15 4.23 -3.28 13.37
CA GLY D 15 3.04 -3.53 14.16
C GLY D 15 1.89 -4.15 13.40
N SER D 16 2.05 -4.41 12.10
CA SER D 16 0.98 -4.95 11.27
C SER D 16 1.14 -6.47 11.19
N SER D 17 0.58 -7.08 10.14
CA SER D 17 0.72 -8.50 9.89
C SER D 17 1.06 -8.71 8.41
N VAL D 18 1.66 -9.86 8.12
CA VAL D 18 1.97 -10.26 6.76
C VAL D 18 1.78 -11.77 6.64
N ARG D 19 1.08 -12.20 5.60
CA ARG D 19 0.83 -13.62 5.37
C ARG D 19 1.47 -14.02 4.05
N VAL D 20 2.40 -14.98 4.12
CA VAL D 20 3.19 -15.40 2.97
C VAL D 20 2.73 -16.78 2.54
N SER D 21 2.61 -16.99 1.24
CA SER D 21 2.12 -18.24 0.68
C SER D 21 3.28 -19.10 0.18
N CYS D 22 2.98 -20.39 -0.01
CA CYS D 22 3.96 -21.36 -0.52
C CYS D 22 3.17 -22.45 -1.23
N LYS D 23 3.22 -22.46 -2.56
CA LYS D 23 2.36 -23.32 -3.37
C LYS D 23 2.74 -24.79 -3.24
N VAL D 24 3.58 -25.26 -4.18
CA VAL D 24 4.06 -26.62 -4.49
C VAL D 24 3.38 -27.06 -5.78
N SER D 25 4.08 -27.87 -6.57
CA SER D 25 3.56 -28.39 -7.82
C SER D 25 3.18 -29.86 -7.65
N GLY D 26 2.68 -30.45 -8.72
CA GLY D 26 2.42 -31.87 -8.71
C GLY D 26 1.19 -32.22 -7.88
N TYR D 27 1.23 -33.42 -7.29
CA TYR D 27 0.08 -33.97 -6.58
C TYR D 27 0.45 -34.67 -5.30
N THR D 28 1.72 -34.63 -4.89
CA THR D 28 2.21 -35.28 -3.68
C THR D 28 2.22 -34.36 -2.47
N PHE D 29 1.66 -33.16 -2.60
CA PHE D 29 1.63 -32.11 -1.58
C PHE D 29 1.59 -32.60 -0.14
N THR D 30 0.58 -33.41 0.18
CA THR D 30 0.25 -33.71 1.57
C THR D 30 1.13 -34.79 2.19
N GLY D 31 2.21 -35.20 1.54
CA GLY D 31 3.08 -36.19 2.12
C GLY D 31 4.25 -35.59 2.88
N TYR D 32 5.06 -34.81 2.19
CA TYR D 32 6.27 -34.24 2.78
C TYR D 32 5.92 -33.21 3.85
N TYR D 33 6.84 -33.00 4.77
CA TYR D 33 6.72 -31.91 5.73
C TYR D 33 7.20 -30.60 5.09
N MET D 34 6.56 -29.50 5.46
CA MET D 34 6.92 -28.19 4.95
C MET D 34 7.50 -27.33 6.08
N HIS D 35 8.57 -26.61 5.77
CA HIS D 35 9.29 -25.80 6.73
C HIS D 35 9.26 -24.34 6.28
N TRP D 36 9.54 -23.44 7.22
CA TRP D 36 9.63 -22.01 6.93
C TRP D 36 10.93 -21.47 7.47
N VAL D 37 11.63 -20.68 6.65
CA VAL D 37 12.96 -20.17 6.98
C VAL D 37 13.00 -18.68 6.66
N ARG D 38 13.78 -17.95 7.47
CA ARG D 38 13.85 -16.50 7.42
C ARG D 38 15.30 -16.06 7.35
N GLN D 39 15.59 -15.04 6.55
CA GLN D 39 16.98 -14.60 6.35
C GLN D 39 16.99 -13.08 6.18
N ALA D 40 17.32 -12.37 7.25
CA ALA D 40 17.53 -10.94 7.16
C ALA D 40 18.72 -10.63 6.25
N PRO D 41 18.75 -9.44 5.64
CA PRO D 41 19.76 -9.18 4.59
C PRO D 41 21.19 -9.36 5.07
N GLY D 42 22.03 -9.91 4.20
CA GLY D 42 23.43 -10.14 4.47
C GLY D 42 23.75 -11.10 5.61
N GLN D 43 22.77 -11.53 6.39
CA GLN D 43 22.98 -12.37 7.56
C GLN D 43 22.65 -13.83 7.23
N GLY D 44 22.39 -14.64 8.25
CA GLY D 44 22.21 -16.07 8.08
C GLY D 44 20.76 -16.53 8.08
N LEU D 45 20.59 -17.82 7.79
CA LEU D 45 19.26 -18.42 7.76
C LEU D 45 18.75 -18.63 9.19
N GLU D 46 17.43 -18.56 9.34
CA GLU D 46 16.80 -18.74 10.65
C GLU D 46 15.57 -19.62 10.48
N TRP D 47 15.49 -20.67 11.30
CA TRP D 47 14.35 -21.56 11.30
C TRP D 47 13.17 -20.93 12.02
N MET D 48 11.99 -21.04 11.43
CA MET D 48 10.76 -20.49 12.02
C MET D 48 9.80 -21.55 12.52
N GLY D 49 9.67 -22.65 11.80
CA GLY D 49 8.77 -23.72 12.21
C GLY D 49 8.46 -24.62 11.04
N ILE D 50 7.70 -25.68 11.34
CA ILE D 50 7.29 -26.65 10.34
C ILE D 50 5.79 -26.80 10.41
N ILE D 51 5.23 -27.41 9.36
CA ILE D 51 3.80 -27.70 9.30
C ILE D 51 3.61 -29.08 8.69
N ASN D 52 2.57 -29.78 9.16
CA ASN D 52 2.17 -31.05 8.58
C ASN D 52 1.07 -30.77 7.56
N PRO D 53 1.36 -30.86 6.26
CA PRO D 53 0.32 -30.57 5.26
C PRO D 53 -0.97 -31.37 5.45
N SER D 54 -0.85 -32.63 5.86
CA SER D 54 -2.03 -33.45 6.09
C SER D 54 -2.74 -33.04 7.38
N GLY D 55 -2.07 -33.21 8.52
CA GLY D 55 -2.71 -32.96 9.78
C GLY D 55 -2.93 -31.50 10.09
N GLY D 56 -2.10 -30.63 9.49
CA GLY D 56 -2.15 -29.21 9.82
C GLY D 56 -1.43 -28.83 11.10
N SER D 57 -0.85 -29.81 11.80
CA SER D 57 -0.16 -29.54 13.05
C SER D 57 1.06 -28.66 12.83
N THR D 58 1.43 -27.91 13.85
CA THR D 58 2.53 -26.95 13.77
C THR D 58 3.47 -27.12 14.94
N SER D 59 4.69 -26.60 14.76
CA SER D 59 5.69 -26.57 15.83
C SER D 59 6.72 -25.51 15.43
N TYR D 60 6.76 -24.41 16.17
CA TYR D 60 7.58 -23.27 15.83
C TYR D 60 8.80 -23.16 16.74
N ALA D 61 9.74 -22.33 16.32
CA ALA D 61 10.82 -21.90 17.20
C ALA D 61 10.28 -20.86 18.19
N GLN D 62 10.71 -20.99 19.45
CA GLN D 62 10.14 -20.15 20.50
C GLN D 62 10.47 -18.67 20.32
N LYS D 63 11.38 -18.32 19.40
CA LYS D 63 11.67 -16.91 19.14
C LYS D 63 10.47 -16.22 18.52
N PHE D 64 9.76 -16.91 17.62
CA PHE D 64 8.53 -16.40 17.03
C PHE D 64 7.29 -16.94 17.71
N GLN D 65 7.43 -17.58 18.87
CA GLN D 65 6.28 -18.18 19.54
C GLN D 65 5.27 -17.11 19.93
N GLY D 66 4.02 -17.33 19.54
CA GLY D 66 2.95 -16.40 19.83
C GLY D 66 2.67 -15.39 18.73
N ARG D 67 3.65 -15.10 17.89
CA ARG D 67 3.48 -14.13 16.81
C ARG D 67 3.62 -14.76 15.42
N VAL D 68 3.57 -16.09 15.32
CA VAL D 68 3.61 -16.78 14.05
C VAL D 68 2.51 -17.84 14.04
N THR D 69 1.76 -17.89 12.94
CA THR D 69 0.74 -18.92 12.74
C THR D 69 0.88 -19.45 11.32
N MET D 70 1.13 -20.76 11.20
CA MET D 70 1.33 -21.39 9.90
C MET D 70 0.13 -22.28 9.57
N THR D 71 -0.33 -22.19 8.33
CA THR D 71 -1.52 -22.91 7.88
C THR D 71 -1.28 -23.47 6.49
N ARG D 72 -2.11 -24.43 6.10
CA ARG D 72 -2.08 -24.98 4.76
C ARG D 72 -3.50 -25.03 4.20
N ASP D 73 -3.59 -24.95 2.88
CA ASP D 73 -4.87 -25.06 2.16
C ASP D 73 -4.80 -26.32 1.31
N THR D 74 -5.37 -27.41 1.84
CA THR D 74 -5.30 -28.70 1.17
C THR D 74 -5.97 -28.66 -0.20
N SER D 75 -7.02 -27.85 -0.35
CA SER D 75 -7.74 -27.78 -1.61
C SER D 75 -6.89 -27.12 -2.70
N THR D 76 -6.20 -26.04 -2.36
CA THR D 76 -5.29 -25.38 -3.30
C THR D 76 -3.84 -25.82 -3.14
N SER D 77 -3.58 -26.76 -2.22
CA SER D 77 -2.26 -27.33 -1.99
C SER D 77 -1.19 -26.25 -1.82
N THR D 78 -1.33 -25.50 -0.72
CA THR D 78 -0.38 -24.45 -0.38
C THR D 78 -0.10 -24.47 1.12
N VAL D 79 0.87 -23.66 1.52
CA VAL D 79 1.18 -23.39 2.92
C VAL D 79 1.23 -21.89 3.11
N TYR D 80 0.55 -21.40 4.15
CA TYR D 80 0.52 -19.98 4.46
C TYR D 80 1.27 -19.70 5.76
N MET D 81 1.88 -18.52 5.82
CA MET D 81 2.79 -18.15 6.89
C MET D 81 2.50 -16.71 7.29
N GLU D 82 2.06 -16.52 8.54
CA GLU D 82 1.60 -15.21 9.00
C GLU D 82 2.39 -14.79 10.24
N LEU D 83 3.03 -13.62 10.15
CA LEU D 83 3.69 -12.98 11.28
C LEU D 83 2.83 -11.81 11.78
N SER D 84 2.55 -11.79 13.07
CA SER D 84 1.82 -10.70 13.70
C SER D 84 2.74 -9.96 14.66
N SER D 85 2.28 -8.77 15.09
CA SER D 85 3.06 -7.88 15.94
C SER D 85 4.44 -7.63 15.33
N LEU D 86 4.43 -7.17 14.07
CA LEU D 86 5.64 -7.07 13.28
C LEU D 86 6.54 -5.97 13.80
N ARG D 87 7.82 -6.29 13.99
CA ARG D 87 8.83 -5.33 14.42
C ARG D 87 9.80 -5.06 13.28
N SER D 88 10.39 -3.87 13.30
CA SER D 88 11.15 -3.39 12.14
C SER D 88 12.35 -4.28 11.83
N GLU D 89 12.88 -4.97 12.82
CA GLU D 89 14.02 -5.86 12.62
C GLU D 89 13.63 -7.18 11.95
N ASP D 90 12.38 -7.34 11.55
CA ASP D 90 11.91 -8.54 10.90
C ASP D 90 12.03 -8.49 9.39
N THR D 91 12.56 -7.40 8.83
CA THR D 91 12.81 -7.29 7.40
C THR D 91 13.69 -8.44 6.94
N ALA D 92 13.13 -9.37 6.16
CA ALA D 92 13.86 -10.59 5.83
C ALA D 92 13.30 -11.18 4.53
N VAL D 93 14.03 -12.16 4.01
CA VAL D 93 13.57 -13.01 2.92
C VAL D 93 13.06 -14.30 3.56
N TYR D 94 11.80 -14.64 3.29
CA TYR D 94 11.14 -15.76 3.93
C TYR D 94 11.04 -16.91 2.93
N TYR D 95 11.84 -17.95 3.16
CA TYR D 95 11.84 -19.13 2.32
C TYR D 95 10.99 -20.22 2.94
N CYS D 96 10.36 -21.02 2.07
CA CYS D 96 9.65 -22.22 2.48
C CYS D 96 10.30 -23.42 1.78
N ALA D 97 10.28 -24.56 2.45
CA ALA D 97 10.99 -25.72 1.94
C ALA D 97 10.27 -26.98 2.36
N THR D 98 10.38 -28.02 1.51
CA THR D 98 9.81 -29.32 1.83
C THR D 98 10.96 -30.27 2.13
N VAL D 99 10.67 -31.29 2.94
CA VAL D 99 11.73 -32.15 3.46
C VAL D 99 12.15 -33.17 2.41
N ARG D 100 13.30 -33.79 2.66
CA ARG D 100 13.86 -34.82 1.79
C ARG D 100 13.64 -36.21 2.37
N VAL D 101 14.13 -36.43 3.60
CA VAL D 101 14.06 -37.61 4.48
C VAL D 101 15.42 -38.27 4.47
N GLY D 102 15.89 -38.65 5.66
CA GLY D 102 17.16 -39.31 5.86
C GLY D 102 17.25 -39.77 7.31
N ALA D 103 18.45 -39.75 7.90
CA ALA D 103 18.53 -39.94 9.35
C ALA D 103 17.95 -38.75 10.09
N SER D 104 17.81 -37.61 9.40
CA SER D 104 17.05 -36.46 9.87
C SER D 104 16.79 -35.58 8.66
N ASP D 105 15.57 -35.08 8.54
CA ASP D 105 15.14 -34.45 7.30
C ASP D 105 15.95 -33.19 6.99
N ALA D 106 16.37 -33.08 5.74
CA ALA D 106 16.96 -31.87 5.18
C ALA D 106 15.96 -31.21 4.25
N PHE D 107 16.13 -29.91 4.05
CA PHE D 107 15.23 -29.15 3.18
C PHE D 107 15.80 -29.24 1.77
N ASP D 108 15.39 -30.27 1.04
CA ASP D 108 16.03 -30.53 -0.26
C ASP D 108 15.57 -29.57 -1.34
N ILE D 109 14.32 -29.11 -1.30
CA ILE D 109 13.85 -28.12 -2.28
C ILE D 109 13.29 -26.94 -1.50
N TRP D 110 13.60 -25.74 -1.98
CA TRP D 110 13.17 -24.50 -1.37
C TRP D 110 12.30 -23.73 -2.35
N GLY D 111 11.70 -22.66 -1.85
CA GLY D 111 10.97 -21.72 -2.68
C GLY D 111 11.88 -20.66 -3.25
N GLN D 112 11.27 -19.58 -3.72
CA GLN D 112 12.00 -18.46 -4.29
C GLN D 112 12.42 -17.44 -3.25
N GLY D 113 11.67 -17.32 -2.16
CA GLY D 113 11.88 -16.27 -1.20
C GLY D 113 10.89 -15.13 -1.40
N THR D 114 10.55 -14.47 -0.30
CA THR D 114 9.60 -13.35 -0.31
C THR D 114 10.21 -12.20 0.49
N MET D 115 10.74 -11.20 -0.21
CA MET D 115 11.29 -10.04 0.46
C MET D 115 10.19 -9.27 1.17
N VAL D 116 10.40 -9.02 2.46
CA VAL D 116 9.40 -8.36 3.30
C VAL D 116 10.09 -7.15 3.91
N THR D 117 10.05 -6.02 3.20
CA THR D 117 10.62 -4.78 3.70
C THR D 117 9.66 -4.16 4.70
N VAL D 118 10.14 -3.91 5.92
CA VAL D 118 9.32 -3.42 7.01
C VAL D 118 9.99 -2.20 7.62
N SER D 119 9.35 -1.05 7.50
CA SER D 119 9.84 0.19 8.10
C SER D 119 8.68 1.17 8.23
N SER D 120 8.77 2.05 9.23
CA SER D 120 7.72 3.03 9.45
C SER D 120 7.66 4.10 8.35
N ALA D 121 8.62 4.10 7.43
CA ALA D 121 8.61 5.07 6.34
C ALA D 121 7.34 4.94 5.51
N SER D 122 7.02 6.02 4.79
CA SER D 122 5.82 6.07 3.99
C SER D 122 6.19 6.31 2.52
N THR D 123 5.27 5.95 1.63
CA THR D 123 5.46 6.10 0.20
C THR D 123 5.84 7.53 -0.18
N LYS D 124 7.09 7.74 -0.57
CA LYS D 124 7.59 9.06 -0.94
C LYS D 124 8.17 9.02 -2.34
N GLY D 125 7.89 10.06 -3.11
CA GLY D 125 8.48 10.22 -4.42
C GLY D 125 9.80 10.96 -4.33
N PRO D 126 10.70 10.68 -5.26
CA PRO D 126 12.03 11.29 -5.21
C PRO D 126 12.14 12.57 -6.02
N SER D 127 12.99 13.46 -5.53
CA SER D 127 13.35 14.69 -6.24
C SER D 127 14.63 14.44 -7.05
N VAL D 128 14.64 14.93 -8.28
CA VAL D 128 15.72 14.65 -9.23
C VAL D 128 16.56 15.90 -9.38
N PHE D 129 17.85 15.79 -9.07
CA PHE D 129 18.79 16.90 -9.13
C PHE D 129 19.95 16.52 -10.05
N PRO D 130 20.16 17.24 -11.16
CA PRO D 130 21.18 16.82 -12.12
C PRO D 130 22.59 17.08 -11.61
N LEU D 131 23.43 16.06 -11.65
CA LEU D 131 24.83 16.17 -11.21
C LEU D 131 25.68 16.57 -12.41
N ALA D 132 26.04 17.85 -12.48
CA ALA D 132 26.73 18.40 -13.63
C ALA D 132 28.24 18.15 -13.55
N PRO D 133 28.91 18.00 -14.71
CA PRO D 133 30.35 17.74 -14.68
C PRO D 133 31.21 19.01 -14.65
N SER D 134 32.53 18.85 -14.55
CA SER D 134 33.46 19.96 -14.59
C SER D 134 34.70 19.53 -15.36
N SER D 135 35.58 20.50 -15.62
CA SER D 135 36.76 20.26 -16.45
C SER D 135 37.79 19.41 -15.73
N LYS D 136 38.90 20.04 -15.30
CA LYS D 136 39.99 19.38 -14.57
C LYS D 136 40.72 18.38 -15.46
N SER D 137 41.95 18.02 -15.07
CA SER D 137 42.76 17.02 -15.77
C SER D 137 43.05 17.46 -17.20
N THR D 138 43.99 18.38 -17.36
CA THR D 138 44.40 18.86 -18.68
C THR D 138 45.24 17.80 -19.38
N SER D 139 44.96 17.58 -20.68
CA SER D 139 43.94 18.31 -21.43
C SER D 139 42.95 17.40 -22.15
N GLY D 140 41.91 16.96 -21.46
CA GLY D 140 40.78 16.35 -22.12
C GLY D 140 40.77 14.84 -22.04
N GLY D 141 39.59 14.27 -22.28
CA GLY D 141 39.39 12.83 -22.25
C GLY D 141 37.92 12.48 -22.21
N THR D 142 37.44 12.08 -21.04
CA THR D 142 36.02 11.78 -20.85
C THR D 142 35.56 12.32 -19.50
N ALA D 143 34.28 12.66 -19.41
CA ALA D 143 33.70 13.22 -18.20
C ALA D 143 32.37 12.54 -17.91
N ALA D 144 31.99 12.52 -16.64
CA ALA D 144 30.82 11.80 -16.18
C ALA D 144 29.82 12.76 -15.56
N LEU D 145 28.55 12.62 -15.95
CA LEU D 145 27.44 13.39 -15.42
C LEU D 145 26.32 12.42 -15.02
N GLY D 146 25.39 12.90 -14.20
CA GLY D 146 24.35 12.00 -13.74
C GLY D 146 23.23 12.71 -13.01
N CYS D 147 22.29 11.91 -12.53
CA CYS D 147 21.14 12.37 -11.75
C CYS D 147 21.16 11.72 -10.38
N LEU D 148 21.05 12.54 -9.35
CA LEU D 148 20.93 12.04 -7.97
C LEU D 148 19.45 11.98 -7.61
N VAL D 149 18.99 10.79 -7.25
CA VAL D 149 17.58 10.51 -6.99
C VAL D 149 17.41 10.39 -5.49
N LYS D 150 16.93 11.45 -4.86
CA LYS D 150 17.02 11.62 -3.41
C LYS D 150 15.67 11.41 -2.73
N ASP D 151 15.69 10.65 -1.63
CA ASP D 151 14.58 10.54 -0.69
C ASP D 151 13.31 9.94 -1.30
N TYR D 152 13.11 8.64 -1.07
CA TYR D 152 11.92 7.94 -1.55
C TYR D 152 11.83 6.59 -0.83
N PHE D 153 10.62 6.05 -0.80
CA PHE D 153 10.37 4.76 -0.16
C PHE D 153 9.68 3.88 -1.21
N PRO D 154 9.15 2.69 -0.88
CA PRO D 154 9.43 1.49 -1.70
C PRO D 154 10.62 1.58 -2.65
N GLU D 155 11.52 0.60 -2.57
CA GLU D 155 12.71 0.67 -3.40
C GLU D 155 12.57 -0.19 -4.67
N PRO D 156 11.81 0.27 -5.68
CA PRO D 156 12.18 -0.05 -7.05
C PRO D 156 12.12 1.19 -7.94
N VAL D 157 13.20 1.96 -8.02
CA VAL D 157 13.27 3.10 -8.93
C VAL D 157 14.13 2.71 -10.11
N THR D 158 13.72 3.13 -11.30
CA THR D 158 14.36 2.72 -12.55
C THR D 158 14.71 3.95 -13.36
N VAL D 159 16.00 4.18 -13.59
CA VAL D 159 16.49 5.34 -14.31
C VAL D 159 17.10 4.87 -15.63
N SER D 160 16.84 5.63 -16.70
CA SER D 160 17.43 5.37 -18.00
C SER D 160 17.84 6.69 -18.61
N TRP D 161 18.76 6.63 -19.58
CA TRP D 161 19.38 7.82 -20.15
C TRP D 161 18.96 8.01 -21.60
N ASN D 162 18.70 9.29 -21.95
CA ASN D 162 18.35 9.68 -23.31
C ASN D 162 17.19 8.84 -23.84
N SER D 163 16.22 8.57 -22.98
CA SER D 163 15.06 7.72 -23.27
C SER D 163 15.47 6.32 -23.71
N GLY D 164 16.68 5.88 -23.33
CA GLY D 164 17.18 4.57 -23.67
C GLY D 164 18.24 4.57 -24.75
N ALA D 165 18.38 5.66 -25.51
CA ALA D 165 19.33 5.69 -26.60
C ALA D 165 20.77 5.62 -26.09
N LEU D 166 21.05 6.20 -24.93
CA LEU D 166 22.39 6.17 -24.35
C LEU D 166 22.59 4.82 -23.69
N THR D 167 23.58 4.06 -24.16
CA THR D 167 23.74 2.67 -23.75
C THR D 167 25.14 2.38 -23.22
N SER D 168 26.16 2.72 -24.01
CA SER D 168 27.54 2.40 -23.65
C SER D 168 28.04 3.36 -22.59
N GLY D 169 28.47 2.83 -21.45
CA GLY D 169 29.04 3.63 -20.38
C GLY D 169 28.09 3.93 -19.23
N VAL D 170 26.83 3.54 -19.32
CA VAL D 170 25.85 3.84 -18.28
C VAL D 170 26.07 2.92 -17.10
N HIS D 171 26.00 3.48 -15.89
CA HIS D 171 26.18 2.72 -14.66
C HIS D 171 25.26 3.30 -13.59
N THR D 172 24.17 2.59 -13.31
CA THR D 172 23.27 2.97 -12.22
C THR D 172 23.69 2.23 -10.96
N PHE D 173 24.05 3.00 -9.93
CA PHE D 173 24.64 2.41 -8.74
C PHE D 173 23.56 1.89 -7.79
N PRO D 174 23.87 0.83 -7.03
CA PRO D 174 22.93 0.35 -6.02
C PRO D 174 22.61 1.43 -5.00
N ALA D 175 21.35 1.46 -4.56
CA ALA D 175 20.89 2.54 -3.70
C ALA D 175 21.45 2.39 -2.29
N VAL D 176 21.38 3.48 -1.54
CA VAL D 176 21.78 3.52 -0.14
C VAL D 176 20.53 3.67 0.72
N LEU D 177 20.58 3.12 1.92
CA LEU D 177 19.46 3.17 2.86
C LEU D 177 19.79 4.20 3.93
N GLN D 178 19.17 5.38 3.81
CA GLN D 178 19.40 6.45 4.76
C GLN D 178 18.82 6.08 6.13
N SER D 179 19.35 6.74 7.17
CA SER D 179 18.80 6.56 8.51
C SER D 179 17.36 7.03 8.61
N SER D 180 16.93 7.93 7.72
CA SER D 180 15.54 8.37 7.66
C SER D 180 14.64 7.32 7.01
N GLY D 181 15.18 6.16 6.64
CA GLY D 181 14.39 5.10 6.03
C GLY D 181 14.17 5.25 4.55
N LEU D 182 14.73 6.27 3.91
CA LEU D 182 14.52 6.53 2.49
C LEU D 182 15.78 6.18 1.71
N TYR D 183 15.59 5.85 0.43
CA TYR D 183 16.67 5.41 -0.42
C TYR D 183 17.16 6.55 -1.32
N SER D 184 18.38 6.39 -1.82
CA SER D 184 19.00 7.39 -2.68
C SER D 184 20.10 6.72 -3.49
N LEU D 185 20.02 6.84 -4.81
CA LEU D 185 21.03 6.30 -5.70
C LEU D 185 21.41 7.34 -6.74
N SER D 186 22.48 7.05 -7.47
CA SER D 186 22.95 7.89 -8.55
C SER D 186 22.98 7.10 -9.86
N SER D 187 22.69 7.79 -10.95
CA SER D 187 22.72 7.20 -12.29
C SER D 187 23.68 8.05 -13.12
N VAL D 188 24.90 7.55 -13.32
CA VAL D 188 25.98 8.34 -13.90
C VAL D 188 26.49 7.62 -15.14
N VAL D 189 26.67 8.36 -16.23
CA VAL D 189 27.14 7.83 -17.50
C VAL D 189 28.45 8.50 -17.88
N THR D 190 29.38 7.72 -18.42
CA THR D 190 30.68 8.22 -18.86
C THR D 190 30.62 8.40 -20.38
N VAL D 191 30.87 9.64 -20.84
CA VAL D 191 30.77 9.98 -22.25
C VAL D 191 31.94 10.85 -22.64
N PRO D 192 32.29 10.87 -23.93
CA PRO D 192 33.39 11.73 -24.40
C PRO D 192 33.16 13.19 -24.02
N SER D 193 34.20 13.82 -23.46
CA SER D 193 34.10 15.21 -23.02
C SER D 193 33.97 16.20 -24.17
N SER D 194 34.27 15.78 -25.41
CA SER D 194 34.05 16.66 -26.56
C SER D 194 32.58 16.85 -26.87
N SER D 195 31.72 15.91 -26.44
CA SER D 195 30.29 15.97 -26.73
C SER D 195 29.48 16.44 -25.53
N LEU D 196 30.08 17.27 -24.66
CA LEU D 196 29.32 17.84 -23.54
C LEU D 196 28.21 18.74 -24.05
N GLY D 197 28.57 19.79 -24.78
CA GLY D 197 27.62 20.66 -25.44
C GLY D 197 27.18 20.20 -26.81
N THR D 198 27.57 19.00 -27.22
CA THR D 198 27.19 18.43 -28.50
C THR D 198 26.04 17.43 -28.39
N GLN D 199 25.96 16.70 -27.28
CA GLN D 199 24.91 15.72 -27.05
C GLN D 199 24.02 16.16 -25.89
N THR D 200 22.71 16.00 -26.06
CA THR D 200 21.74 16.35 -25.03
C THR D 200 21.42 15.12 -24.18
N TYR D 201 21.38 15.30 -22.86
CA TYR D 201 21.18 14.22 -21.92
C TYR D 201 19.99 14.53 -21.03
N ILE D 202 19.03 13.60 -20.98
CA ILE D 202 17.85 13.73 -20.12
C ILE D 202 17.63 12.42 -19.38
N CYS D 203 17.45 12.51 -18.06
CA CYS D 203 17.15 11.34 -17.26
C CYS D 203 15.66 11.00 -17.33
N ASN D 204 15.34 9.73 -17.08
CA ASN D 204 13.97 9.25 -16.95
C ASN D 204 13.88 8.54 -15.60
N VAL D 205 13.51 9.28 -14.57
CA VAL D 205 13.40 8.76 -13.21
C VAL D 205 11.95 8.36 -12.99
N ASN D 206 11.70 7.06 -12.89
CA ASN D 206 10.36 6.51 -12.75
C ASN D 206 10.25 5.81 -11.40
N HIS D 207 9.29 6.23 -10.58
CA HIS D 207 9.02 5.62 -9.27
C HIS D 207 7.54 5.27 -9.26
N LYS D 208 7.21 4.06 -9.70
CA LYS D 208 5.81 3.68 -9.92
C LYS D 208 4.95 3.70 -8.65
N PRO D 209 5.42 3.27 -7.46
CA PRO D 209 4.54 3.31 -6.28
C PRO D 209 3.88 4.66 -6.04
N SER D 210 4.55 5.77 -6.34
CA SER D 210 3.94 7.08 -6.35
C SER D 210 3.74 7.63 -7.76
N ASN D 211 4.18 6.88 -8.77
CA ASN D 211 4.13 7.28 -10.19
C ASN D 211 4.48 8.75 -10.36
N THR D 212 5.58 9.15 -9.72
CA THR D 212 6.17 10.46 -9.95
C THR D 212 7.06 10.37 -11.18
N LYS D 213 6.67 11.05 -12.25
CA LYS D 213 7.35 11.00 -13.53
C LYS D 213 8.17 12.28 -13.69
N VAL D 214 9.49 12.14 -13.72
CA VAL D 214 10.39 13.30 -13.78
C VAL D 214 11.39 13.08 -14.91
N ASP D 215 11.35 13.96 -15.90
CA ASP D 215 12.40 14.08 -16.91
C ASP D 215 13.34 15.20 -16.48
N LYS D 216 14.63 15.01 -16.74
CA LYS D 216 15.62 15.98 -16.25
C LYS D 216 16.80 16.08 -17.20
N LYS D 217 16.93 17.24 -17.85
CA LYS D 217 18.11 17.52 -18.65
C LYS D 217 19.29 17.85 -17.74
N VAL D 218 20.45 17.27 -18.04
CA VAL D 218 21.64 17.44 -17.20
C VAL D 218 22.68 18.14 -18.06
N GLU D 219 22.76 19.45 -17.94
CA GLU D 219 23.72 20.26 -18.66
C GLU D 219 24.86 20.69 -17.74
N PRO D 220 26.05 20.93 -18.31
CA PRO D 220 27.25 21.18 -17.47
C PRO D 220 27.08 22.33 -16.50
N LYS D 221 28.05 22.43 -15.60
CA LYS D 221 27.99 23.36 -14.47
C LYS D 221 27.88 24.80 -14.95
N SER D 222 27.01 25.56 -14.30
CA SER D 222 26.84 26.99 -14.57
C SER D 222 26.09 27.67 -13.43
N TYR E 2 -9.68 11.05 -7.01
CA TYR E 2 -8.30 10.99 -6.54
C TYR E 2 -7.63 12.34 -6.76
N VAL E 3 -6.72 12.68 -5.84
CA VAL E 3 -6.06 13.99 -5.75
C VAL E 3 -7.00 15.14 -6.11
N LEU E 4 -7.75 15.62 -5.13
CA LEU E 4 -8.57 16.81 -5.29
C LEU E 4 -7.71 18.03 -5.00
N THR E 5 -7.78 19.03 -5.86
CA THR E 5 -6.90 20.19 -5.78
C THR E 5 -7.70 21.47 -5.93
N GLN E 6 -7.41 22.45 -5.07
CA GLN E 6 -8.05 23.75 -5.03
C GLN E 6 -6.98 24.83 -4.95
N PRO E 7 -7.24 26.02 -5.51
CA PRO E 7 -6.28 27.10 -5.35
C PRO E 7 -6.14 27.48 -3.88
N PRO E 8 -4.97 27.98 -3.49
CA PRO E 8 -4.73 28.20 -2.06
C PRO E 8 -5.61 29.28 -1.45
N SER E 9 -5.75 30.41 -2.12
CA SER E 9 -6.42 31.57 -1.56
C SER E 9 -7.44 32.12 -2.55
N VAL E 10 -8.50 32.72 -1.99
CA VAL E 10 -9.49 33.47 -2.76
C VAL E 10 -9.90 34.66 -1.90
N SER E 11 -9.74 35.86 -2.44
CA SER E 11 -10.10 37.09 -1.75
C SER E 11 -11.16 37.83 -2.56
N VAL E 12 -12.28 38.13 -1.92
CA VAL E 12 -13.39 38.83 -2.57
C VAL E 12 -13.92 39.90 -1.64
N ALA E 13 -14.39 41.00 -2.22
CA ALA E 13 -14.95 42.08 -1.44
C ALA E 13 -16.29 41.66 -0.85
N PRO E 14 -16.65 42.21 0.32
CA PRO E 14 -17.94 41.85 0.93
C PRO E 14 -19.10 42.19 0.00
N GLY E 15 -20.11 41.32 0.00
CA GLY E 15 -21.29 41.50 -0.81
C GLY E 15 -21.25 40.78 -2.15
N GLN E 16 -20.06 40.65 -2.74
CA GLN E 16 -19.91 39.95 -4.01
C GLN E 16 -20.09 38.45 -3.77
N THR E 17 -19.87 37.64 -4.80
CA THR E 17 -20.04 36.19 -4.71
C THR E 17 -18.69 35.50 -4.78
N ALA E 18 -18.45 34.56 -3.88
CA ALA E 18 -17.19 33.83 -3.83
C ALA E 18 -17.26 32.57 -4.66
N ARG E 19 -16.13 32.22 -5.28
CA ARG E 19 -16.00 31.05 -6.15
C ARG E 19 -14.82 30.21 -5.68
N ILE E 20 -15.09 29.21 -4.84
CA ILE E 20 -14.06 28.27 -4.41
C ILE E 20 -14.08 27.09 -5.37
N THR E 21 -12.99 26.94 -6.13
CA THR E 21 -12.91 25.91 -7.16
C THR E 21 -12.17 24.69 -6.64
N CYS E 22 -12.65 23.51 -7.01
CA CYS E 22 -12.04 22.25 -6.58
C CYS E 22 -12.11 21.26 -7.74
N GLY E 23 -10.96 20.84 -8.23
CA GLY E 23 -10.89 20.01 -9.42
C GLY E 23 -10.23 18.67 -9.16
N GLY E 24 -10.85 17.61 -9.70
CA GLY E 24 -10.25 16.29 -9.75
C GLY E 24 -10.18 15.83 -11.18
N ASN E 25 -10.14 14.51 -11.41
CA ASN E 25 -10.33 14.01 -12.77
C ASN E 25 -11.79 14.16 -13.15
N ASN E 26 -12.26 13.39 -14.13
CA ASN E 26 -13.66 13.50 -14.56
C ASN E 26 -14.61 13.36 -13.38
N ILE E 27 -14.91 14.48 -12.72
CA ILE E 27 -15.81 14.48 -11.58
C ILE E 27 -17.23 14.30 -12.10
N GLY E 28 -17.75 15.31 -12.78
CA GLY E 28 -19.06 15.24 -13.42
C GLY E 28 -20.20 14.82 -12.51
N SER E 29 -20.26 13.53 -12.19
CA SER E 29 -21.23 12.99 -11.26
C SER E 29 -20.54 12.15 -10.20
N LYS E 30 -19.38 12.62 -9.74
CA LYS E 30 -18.72 12.00 -8.59
C LYS E 30 -19.29 12.47 -7.27
N SER E 31 -20.19 13.46 -7.29
CA SER E 31 -20.86 13.99 -6.10
C SER E 31 -19.87 14.44 -5.05
N VAL E 32 -19.30 15.63 -5.24
CA VAL E 32 -18.34 16.22 -4.32
C VAL E 32 -19.09 17.09 -3.32
N HIS E 33 -18.50 17.27 -2.14
CA HIS E 33 -19.12 18.12 -1.12
C HIS E 33 -18.06 18.84 -0.31
N TRP E 34 -18.51 19.87 0.41
CA TRP E 34 -17.64 20.90 0.95
C TRP E 34 -17.77 20.98 2.47
N TYR E 35 -16.72 21.53 3.09
CA TYR E 35 -16.70 21.83 4.52
C TYR E 35 -16.03 23.16 4.76
N GLN E 36 -16.60 23.95 5.68
CA GLN E 36 -16.06 25.24 6.08
C GLN E 36 -15.35 25.08 7.42
N GLN E 37 -14.12 25.60 7.49
CA GLN E 37 -13.31 25.51 8.71
C GLN E 37 -12.87 26.91 9.11
N LYS E 38 -13.47 27.43 10.17
CA LYS E 38 -13.03 28.70 10.73
C LYS E 38 -11.72 28.48 11.49
N PRO E 39 -10.93 29.54 11.68
CA PRO E 39 -9.60 29.36 12.29
C PRO E 39 -9.68 28.75 13.68
N GLY E 40 -8.83 27.76 13.91
CA GLY E 40 -8.72 27.12 15.21
C GLY E 40 -9.92 26.28 15.59
N GLN E 41 -10.81 26.04 14.63
CA GLN E 41 -12.05 25.34 14.89
C GLN E 41 -12.10 24.03 14.08
N ALA E 42 -13.27 23.41 14.05
CA ALA E 42 -13.52 22.17 13.33
C ALA E 42 -14.38 22.42 12.10
N PRO E 43 -14.22 21.62 11.06
CA PRO E 43 -15.02 21.82 9.85
C PRO E 43 -16.49 21.46 10.08
N VAL E 44 -17.37 22.25 9.46
CA VAL E 44 -18.81 22.01 9.48
C VAL E 44 -19.27 21.93 8.03
N LEU E 45 -20.06 20.89 7.73
CA LEU E 45 -20.51 20.69 6.35
C LEU E 45 -21.46 21.81 5.95
N VAL E 46 -21.26 22.35 4.75
CA VAL E 46 -22.07 23.48 4.28
C VAL E 46 -22.81 23.12 3.00
N VAL E 47 -22.25 22.19 2.22
CA VAL E 47 -22.85 21.70 0.99
C VAL E 47 -22.51 20.23 0.84
N TYR E 48 -23.50 19.41 0.50
CA TYR E 48 -23.21 18.02 0.16
C TYR E 48 -23.99 17.63 -1.09
N ASP E 49 -23.52 16.55 -1.73
CA ASP E 49 -24.08 16.04 -2.97
C ASP E 49 -24.17 17.15 -4.02
N ASP E 50 -22.99 17.65 -4.38
CA ASP E 50 -22.81 18.70 -5.39
C ASP E 50 -23.31 20.07 -4.93
N SER E 51 -24.57 20.18 -4.50
CA SER E 51 -25.17 21.51 -4.41
C SER E 51 -26.18 21.74 -3.29
N ASP E 52 -26.55 20.75 -2.49
CA ASP E 52 -27.63 20.97 -1.53
C ASP E 52 -27.08 21.55 -0.22
N ARG E 53 -27.96 21.72 0.76
CA ARG E 53 -27.58 22.33 2.03
C ARG E 53 -27.93 21.41 3.19
N PRO E 54 -27.19 21.53 4.31
CA PRO E 54 -27.59 20.85 5.54
C PRO E 54 -28.61 21.65 6.33
N SER E 55 -29.02 21.14 7.49
CA SER E 55 -29.95 21.88 8.35
C SER E 55 -29.25 23.08 8.97
N GLY E 56 -29.91 24.24 8.94
CA GLY E 56 -29.38 25.42 9.59
C GLY E 56 -28.26 26.13 8.88
N ILE E 57 -27.94 25.73 7.65
CA ILE E 57 -26.90 26.40 6.87
C ILE E 57 -27.58 27.45 5.99
N PRO E 58 -27.06 28.68 5.93
CA PRO E 58 -27.80 29.76 5.27
C PRO E 58 -28.08 29.48 3.80
N GLU E 59 -29.14 30.10 3.30
CA GLU E 59 -29.52 30.02 1.89
C GLU E 59 -28.43 30.55 0.98
N ARG E 60 -27.49 31.32 1.53
CA ARG E 60 -26.41 31.92 0.73
C ARG E 60 -25.56 30.85 0.05
N PHE E 61 -25.28 29.75 0.75
CA PHE E 61 -24.31 28.79 0.27
C PHE E 61 -24.89 27.93 -0.84
N SER E 62 -24.07 27.68 -1.86
CA SER E 62 -24.48 26.86 -3.00
C SER E 62 -23.23 26.28 -3.66
N GLY E 63 -23.41 25.12 -4.30
CA GLY E 63 -22.33 24.46 -4.99
C GLY E 63 -22.73 24.07 -6.40
N SER E 64 -21.75 23.64 -7.17
CA SER E 64 -21.99 23.19 -8.54
C SER E 64 -20.83 22.31 -8.98
N ASN E 65 -21.15 21.35 -9.86
CA ASN E 65 -20.19 20.32 -10.26
C ASN E 65 -20.36 20.07 -11.74
N SER E 66 -19.37 20.49 -12.54
CA SER E 66 -19.49 20.47 -13.99
C SER E 66 -18.86 19.23 -14.62
N GLY E 67 -17.66 19.38 -15.17
CA GLY E 67 -16.96 18.34 -15.88
C GLY E 67 -15.98 17.65 -14.95
N ASN E 68 -14.76 18.16 -14.88
CA ASN E 68 -13.76 17.62 -13.96
C ASN E 68 -13.34 18.65 -12.92
N THR E 69 -14.14 19.69 -12.71
CA THR E 69 -13.89 20.71 -11.70
C THR E 69 -15.22 21.14 -11.11
N ALA E 70 -15.30 21.18 -9.79
CA ALA E 70 -16.51 21.59 -9.09
C ALA E 70 -16.22 22.79 -8.21
N THR E 71 -17.27 23.57 -7.94
CA THR E 71 -17.10 24.88 -7.32
C THR E 71 -18.05 25.07 -6.15
N LEU E 72 -17.62 25.89 -5.19
CA LEU E 72 -18.43 26.32 -4.06
C LEU E 72 -18.71 27.81 -4.24
N ILE E 73 -19.99 28.17 -4.27
CA ILE E 73 -20.42 29.52 -4.62
C ILE E 73 -21.18 30.10 -3.43
N ILE E 74 -20.49 30.93 -2.64
CA ILE E 74 -21.15 31.77 -1.66
C ILE E 74 -21.58 33.06 -2.34
N SER E 75 -22.81 33.49 -2.10
CA SER E 75 -23.44 34.51 -2.95
C SER E 75 -23.41 35.92 -2.35
N ARG E 76 -24.10 36.15 -1.24
CA ARG E 76 -24.05 37.44 -0.55
C ARG E 76 -22.94 37.43 0.49
N VAL E 77 -21.71 37.29 0.00
CA VAL E 77 -20.54 36.99 0.82
C VAL E 77 -20.49 37.94 2.02
N GLU E 78 -20.49 37.34 3.20
CA GLU E 78 -20.58 38.06 4.47
C GLU E 78 -19.24 37.98 5.19
N ALA E 79 -19.09 38.83 6.20
CA ALA E 79 -17.87 38.79 7.00
C ALA E 79 -17.74 37.48 7.76
N GLY E 80 -18.85 36.84 8.10
CA GLY E 80 -18.78 35.62 8.90
C GLY E 80 -18.57 34.38 8.04
N ASP E 81 -18.21 34.59 6.77
CA ASP E 81 -17.88 33.48 5.88
C ASP E 81 -16.38 33.32 5.68
N GLU E 82 -15.56 34.14 6.33
CA GLU E 82 -14.12 33.99 6.32
C GLU E 82 -13.72 32.64 6.88
N ALA E 83 -13.10 31.79 6.05
CA ALA E 83 -12.69 30.47 6.51
C ALA E 83 -11.85 29.78 5.44
N ASP E 84 -11.22 28.68 5.85
CA ASP E 84 -10.69 27.71 4.90
C ASP E 84 -11.81 26.77 4.49
N TYR E 85 -11.92 26.50 3.20
CA TYR E 85 -12.95 25.61 2.66
C TYR E 85 -12.29 24.43 1.96
N TYR E 86 -12.71 23.23 2.34
CA TYR E 86 -12.18 22.00 1.78
C TYR E 86 -13.28 21.22 1.06
N CYS E 87 -12.93 20.61 -0.07
CA CYS E 87 -13.83 19.72 -0.77
C CYS E 87 -13.49 18.28 -0.44
N GLN E 88 -14.35 17.35 -0.88
CA GLN E 88 -14.21 15.96 -0.44
C GLN E 88 -14.99 15.04 -1.35
N VAL E 89 -14.39 13.90 -1.70
CA VAL E 89 -15.02 12.88 -2.53
C VAL E 89 -14.66 11.50 -1.98
N TRP E 90 -15.54 10.54 -2.19
CA TRP E 90 -15.26 9.11 -1.99
C TRP E 90 -14.84 8.54 -3.34
N ASP E 91 -13.55 8.32 -3.53
CA ASP E 91 -13.03 7.73 -4.76
C ASP E 91 -13.10 6.22 -4.65
N SER E 92 -14.07 5.62 -5.34
CA SER E 92 -14.18 4.16 -5.34
C SER E 92 -13.03 3.49 -6.07
N SER E 93 -12.31 4.24 -6.93
CA SER E 93 -11.18 3.67 -7.64
C SER E 93 -10.06 3.29 -6.68
N SER E 94 -9.70 4.20 -5.78
CA SER E 94 -8.67 3.94 -4.78
C SER E 94 -9.25 3.66 -3.40
N VAL E 95 -10.58 3.58 -3.29
CA VAL E 95 -11.28 3.21 -2.07
C VAL E 95 -10.78 4.08 -0.92
N HIS E 96 -10.63 5.38 -1.20
CA HIS E 96 -10.18 6.35 -0.20
C HIS E 96 -11.18 7.49 -0.12
N TYR E 97 -11.06 8.28 0.94
CA TYR E 97 -11.98 9.36 1.24
C TYR E 97 -11.20 10.68 1.17
N VAL E 98 -10.81 11.06 -0.04
CA VAL E 98 -9.82 12.11 -0.23
C VAL E 98 -10.47 13.48 -0.04
N PHE E 99 -9.73 14.38 0.62
CA PHE E 99 -10.11 15.77 0.78
C PHE E 99 -9.34 16.63 -0.22
N GLY E 100 -9.87 17.83 -0.47
CA GLY E 100 -9.17 18.79 -1.29
C GLY E 100 -7.98 19.40 -0.56
N THR E 101 -7.32 20.32 -1.25
CA THR E 101 -6.12 20.95 -0.71
C THR E 101 -6.44 22.14 0.20
N GLY E 102 -7.70 22.54 0.30
CA GLY E 102 -8.06 23.67 1.15
C GLY E 102 -7.93 25.00 0.45
N THR E 103 -8.84 25.90 0.79
CA THR E 103 -8.88 27.22 0.18
C THR E 103 -9.25 28.27 1.21
N LYS E 104 -8.33 29.18 1.49
CA LYS E 104 -8.58 30.28 2.42
C LYS E 104 -9.38 31.37 1.71
N LEU E 105 -10.60 31.62 2.19
CA LEU E 105 -11.44 32.68 1.66
C LEU E 105 -11.30 33.89 2.57
N THR E 106 -10.72 34.97 2.05
CA THR E 106 -10.44 36.18 2.82
C THR E 106 -11.41 37.28 2.39
N VAL E 107 -12.39 37.55 3.24
CA VAL E 107 -13.28 38.69 3.03
C VAL E 107 -12.55 39.96 3.43
N LEU E 108 -12.65 40.99 2.59
CA LEU E 108 -11.86 42.20 2.78
C LEU E 108 -12.57 43.15 3.74
N GLY E 109 -12.05 44.37 3.85
CA GLY E 109 -12.56 45.36 4.78
C GLY E 109 -11.55 46.47 4.98
N GLN E 110 -10.49 46.17 5.72
CA GLN E 110 -9.36 47.08 5.78
C GLN E 110 -8.66 47.13 4.43
N PRO E 111 -8.14 48.29 4.03
CA PRO E 111 -7.40 48.36 2.77
C PRO E 111 -6.06 47.68 2.89
N LYS E 112 -5.57 47.18 1.74
CA LYS E 112 -4.30 46.47 1.66
C LYS E 112 -3.18 47.29 2.31
N ALA E 113 -2.64 46.77 3.42
CA ALA E 113 -1.68 47.52 4.24
C ALA E 113 -0.32 46.82 4.23
N ALA E 114 0.72 47.62 4.36
CA ALA E 114 2.13 47.22 4.30
C ALA E 114 2.62 46.76 5.67
N PRO E 115 3.48 45.74 5.70
CA PRO E 115 3.99 45.25 6.98
C PRO E 115 5.02 46.18 7.61
N SER E 116 4.98 46.26 8.93
CA SER E 116 5.99 46.98 9.72
C SER E 116 6.86 45.92 10.39
N VAL E 117 8.00 45.63 9.76
CA VAL E 117 8.83 44.50 10.13
C VAL E 117 9.92 44.96 11.10
N THR E 118 10.07 44.23 12.20
CA THR E 118 11.10 44.51 13.20
C THR E 118 11.90 43.24 13.47
N LEU E 119 13.21 43.35 13.37
CA LEU E 119 14.13 42.25 13.64
C LEU E 119 14.88 42.54 14.93
N PHE E 120 15.08 41.50 15.75
CA PHE E 120 15.82 41.64 16.99
C PHE E 120 17.10 40.83 16.96
N PRO E 121 18.22 41.42 17.32
CA PRO E 121 19.45 40.65 17.53
C PRO E 121 19.27 39.69 18.69
N PRO E 122 20.13 38.68 18.80
CA PRO E 122 20.14 37.87 20.03
C PRO E 122 20.50 38.73 21.22
N SER E 123 19.69 38.62 22.28
CA SER E 123 19.92 39.41 23.48
C SER E 123 21.25 39.04 24.12
N SER E 124 21.83 39.99 24.85
CA SER E 124 23.05 39.72 25.58
C SER E 124 22.86 38.61 26.61
N GLU E 125 21.62 38.44 27.09
CA GLU E 125 21.32 37.39 28.05
C GLU E 125 21.22 36.03 27.38
N GLU E 126 20.74 35.97 26.14
CA GLU E 126 20.72 34.71 25.42
C GLU E 126 22.12 34.27 25.02
N LEU E 127 23.04 35.22 24.87
CA LEU E 127 24.39 34.89 24.43
C LEU E 127 25.25 34.35 25.57
N GLN E 128 25.12 34.94 26.77
CA GLN E 128 25.78 34.33 27.93
C GLN E 128 25.20 32.97 28.26
N ALA E 129 23.91 32.78 27.99
CA ALA E 129 23.27 31.47 28.10
C ALA E 129 23.63 30.54 26.95
N ASN E 130 24.54 30.98 26.09
CA ASN E 130 25.09 30.17 25.01
C ASN E 130 24.02 29.75 24.01
N LYS E 131 23.17 30.70 23.63
CA LYS E 131 22.14 30.48 22.62
C LYS E 131 22.01 31.74 21.78
N ALA E 132 21.31 31.62 20.66
CA ALA E 132 21.16 32.76 19.74
C ALA E 132 19.90 32.54 18.89
N THR E 133 18.90 33.39 19.08
CA THR E 133 17.67 33.34 18.30
C THR E 133 17.40 34.71 17.70
N LEU E 134 17.20 34.75 16.38
CA LEU E 134 16.82 35.98 15.70
C LEU E 134 15.30 36.07 15.70
N VAL E 135 14.77 37.17 16.22
CA VAL E 135 13.33 37.38 16.34
C VAL E 135 12.93 38.43 15.32
N CYS E 136 12.19 38.01 14.30
CA CYS E 136 11.67 38.90 13.27
C CYS E 136 10.15 38.99 13.44
N LEU E 137 9.68 40.18 13.77
CA LEU E 137 8.28 40.41 14.10
C LEU E 137 7.64 41.30 13.04
N ILE E 138 6.63 40.75 12.37
CA ILE E 138 5.94 41.42 11.27
C ILE E 138 4.55 41.79 11.75
N SER E 139 4.11 43.01 11.45
CA SER E 139 2.85 43.49 12.01
C SER E 139 2.29 44.62 11.16
N ASP E 140 1.01 44.92 11.41
CA ASP E 140 0.32 46.10 10.88
C ASP E 140 0.13 46.03 9.36
N PHE E 141 -0.25 44.85 8.87
CA PHE E 141 -0.56 44.66 7.45
C PHE E 141 -1.90 43.95 7.34
N TYR E 142 -2.67 44.29 6.30
CA TYR E 142 -3.86 43.48 6.05
C TYR E 142 -3.43 42.36 5.11
N PRO E 143 -4.20 42.03 4.02
CA PRO E 143 -4.40 40.61 3.65
C PRO E 143 -3.44 39.64 4.33
N GLY E 144 -3.88 39.07 5.45
CA GLY E 144 -3.04 38.22 6.29
C GLY E 144 -2.38 37.06 5.58
N ALA E 145 -1.52 37.36 4.61
CA ALA E 145 -0.76 36.34 3.88
C ALA E 145 0.60 36.95 3.57
N VAL E 146 1.65 36.40 4.19
CA VAL E 146 2.99 36.96 4.06
C VAL E 146 3.99 35.82 4.01
N THR E 147 5.06 36.03 3.25
CA THR E 147 6.11 35.03 3.08
C THR E 147 7.38 35.54 3.72
N VAL E 148 7.96 34.73 4.61
CA VAL E 148 9.18 35.07 5.32
C VAL E 148 10.32 34.24 4.75
N ALA E 149 11.48 34.88 4.58
CA ALA E 149 12.69 34.22 4.13
C ALA E 149 13.87 34.86 4.84
N TRP E 150 14.84 34.03 5.24
CA TRP E 150 15.99 34.49 5.99
C TRP E 150 17.25 34.43 5.11
N LYS E 151 18.13 35.41 5.31
CA LYS E 151 19.39 35.50 4.58
C LYS E 151 20.54 35.57 5.57
N ALA E 152 21.54 34.72 5.38
CA ALA E 152 22.80 34.82 6.10
C ALA E 152 23.81 35.55 5.23
N ASP E 153 24.43 36.60 5.77
CA ASP E 153 25.25 37.51 4.98
C ASP E 153 24.43 38.02 3.81
N SER E 154 24.53 37.33 2.67
CA SER E 154 23.62 37.58 1.56
C SER E 154 23.12 36.28 0.95
N SER E 155 23.34 35.14 1.60
CA SER E 155 22.99 33.78 1.21
C SER E 155 21.77 33.30 1.98
N PRO E 156 20.82 32.67 1.30
CA PRO E 156 19.57 32.25 1.95
C PRO E 156 19.80 31.17 3.00
N VAL E 157 18.79 31.02 3.87
CA VAL E 157 18.82 30.04 4.95
C VAL E 157 17.43 29.41 5.09
N LYS E 158 17.40 28.12 5.41
CA LYS E 158 16.22 27.48 5.95
C LYS E 158 16.69 26.44 6.96
N ALA E 159 15.72 25.86 7.70
CA ALA E 159 15.96 24.97 8.83
C ALA E 159 16.58 25.75 9.99
N GLY E 160 16.11 25.47 11.20
CA GLY E 160 16.29 26.39 12.30
C GLY E 160 15.35 27.58 12.23
N VAL E 161 14.53 27.66 11.19
CA VAL E 161 13.57 28.74 11.00
C VAL E 161 12.18 28.17 11.21
N GLU E 162 11.45 28.74 12.16
CA GLU E 162 10.05 28.38 12.41
C GLU E 162 9.25 29.67 12.50
N THR E 163 8.10 29.71 11.82
CA THR E 163 7.40 30.95 11.55
C THR E 163 5.97 30.89 12.07
N THR E 164 5.55 31.96 12.74
CA THR E 164 4.18 32.09 13.24
C THR E 164 3.23 32.45 12.10
N THR E 165 2.09 31.77 12.06
CA THR E 165 1.07 32.08 11.08
C THR E 165 0.42 33.44 11.40
N PRO E 166 -0.12 34.14 10.40
CA PRO E 166 -0.62 35.50 10.65
C PRO E 166 -1.64 35.54 11.77
N SER E 167 -1.54 36.58 12.59
CA SER E 167 -2.33 36.72 13.82
C SER E 167 -2.97 38.09 13.87
N LYS E 168 -4.19 38.14 14.41
CA LYS E 168 -4.99 39.36 14.48
C LYS E 168 -4.64 40.14 15.74
N GLN E 169 -4.67 41.47 15.61
CA GLN E 169 -4.34 42.37 16.71
C GLN E 169 -5.63 42.97 17.29
N SER E 170 -5.49 44.06 18.05
CA SER E 170 -6.66 44.82 18.48
C SER E 170 -7.39 45.40 17.29
N ASN E 171 -6.67 46.11 16.42
CA ASN E 171 -7.18 46.44 15.10
C ASN E 171 -7.26 45.16 14.28
N ASN E 172 -7.82 45.25 13.07
CA ASN E 172 -7.82 44.10 12.17
C ASN E 172 -6.63 44.13 11.21
N LYS E 173 -5.55 44.81 11.57
CA LYS E 173 -4.27 44.62 10.93
C LYS E 173 -3.61 43.38 11.50
N TYR E 174 -2.98 42.59 10.64
CA TYR E 174 -2.43 41.30 11.04
C TYR E 174 -1.06 41.46 11.68
N ALA E 175 -0.47 40.32 12.05
CA ALA E 175 0.85 40.26 12.66
C ALA E 175 1.33 38.82 12.62
N ALA E 176 2.65 38.65 12.56
CA ALA E 176 3.26 37.33 12.53
C ALA E 176 4.72 37.45 12.93
N SER E 177 5.25 36.37 13.52
CA SER E 177 6.63 36.33 13.97
C SER E 177 7.38 35.21 13.28
N SER E 178 8.69 35.38 13.15
CA SER E 178 9.55 34.39 12.53
C SER E 178 10.84 34.30 13.32
N TYR E 179 11.22 33.09 13.72
CA TYR E 179 12.41 32.86 14.51
C TYR E 179 13.48 32.15 13.69
N LEU E 180 14.74 32.31 14.13
CA LEU E 180 15.85 31.61 13.51
C LEU E 180 16.89 31.34 14.60
N SER E 181 17.03 30.07 14.98
CA SER E 181 17.97 29.70 16.02
C SER E 181 19.38 29.58 15.46
N LEU E 182 20.35 29.95 16.29
CA LEU E 182 21.75 29.94 15.89
C LEU E 182 22.61 29.58 17.09
N THR E 183 23.82 29.15 16.81
CA THR E 183 24.73 29.12 17.93
C THR E 183 25.50 30.45 18.00
N PRO E 184 25.87 30.89 19.19
CA PRO E 184 26.61 32.16 19.30
C PRO E 184 27.89 32.18 18.46
N GLU E 185 28.51 31.02 18.26
CA GLU E 185 29.70 30.95 17.41
C GLU E 185 29.31 31.03 15.93
N GLN E 186 28.15 30.48 15.56
CA GLN E 186 27.59 30.74 14.24
C GLN E 186 27.24 32.21 14.08
N TRP E 187 26.65 32.79 15.13
CA TRP E 187 26.18 34.18 15.06
C TRP E 187 27.34 35.15 14.88
N LYS E 188 28.42 34.96 15.62
CA LYS E 188 29.56 35.85 15.57
C LYS E 188 30.51 35.53 14.41
N SER E 189 30.20 34.54 13.58
CA SER E 189 31.00 34.20 12.41
C SER E 189 30.49 34.84 11.13
N HIS E 190 29.17 34.85 10.92
CA HIS E 190 28.62 35.52 9.76
C HIS E 190 28.58 37.03 10.00
N ARG E 191 28.55 37.78 8.89
CA ARG E 191 28.58 39.23 9.00
C ARG E 191 27.22 39.80 9.37
N SER E 192 26.17 39.41 8.65
CA SER E 192 24.85 39.95 8.89
C SER E 192 23.80 38.90 8.57
N TYR E 193 22.64 39.04 9.20
CA TYR E 193 21.49 38.19 8.92
C TYR E 193 20.30 39.08 8.59
N SER E 194 19.42 38.58 7.74
CA SER E 194 18.36 39.39 7.16
C SER E 194 17.02 38.67 7.25
N CYS E 195 15.96 39.44 7.48
CA CYS E 195 14.59 38.96 7.44
C CYS E 195 13.92 39.58 6.22
N GLN E 196 13.60 38.75 5.23
CA GLN E 196 12.97 39.20 3.99
C GLN E 196 11.50 38.84 4.04
N VAL E 197 10.63 39.85 3.98
CA VAL E 197 9.20 39.70 4.23
C VAL E 197 8.44 40.30 3.06
N THR E 198 7.66 39.47 2.37
CA THR E 198 6.94 39.87 1.16
C THR E 198 5.44 39.73 1.38
N HIS E 199 4.71 40.83 1.17
CA HIS E 199 3.25 40.83 1.24
C HIS E 199 2.72 41.46 -0.02
N GLU E 200 2.02 40.67 -0.84
CA GLU E 200 1.40 41.14 -2.08
C GLU E 200 2.44 41.64 -3.09
N GLY E 201 3.67 41.17 -2.98
CA GLY E 201 4.71 41.57 -3.90
C GLY E 201 5.47 42.81 -3.45
N SER E 202 5.87 42.83 -2.18
CA SER E 202 6.64 43.95 -1.63
C SER E 202 7.59 43.39 -0.57
N THR E 203 8.87 43.26 -0.92
CA THR E 203 9.86 42.71 -0.01
C THR E 203 10.46 43.86 0.81
N VAL E 204 10.19 43.84 2.11
CA VAL E 204 10.83 44.74 3.07
C VAL E 204 11.83 43.91 3.87
N GLU E 205 13.07 44.39 3.96
CA GLU E 205 14.18 43.65 4.51
C GLU E 205 14.87 44.45 5.61
N LYS E 206 15.36 43.76 6.63
CA LYS E 206 16.12 44.39 7.70
C LYS E 206 17.26 43.48 8.13
N THR E 207 18.39 44.10 8.48
CA THR E 207 19.62 43.39 8.75
C THR E 207 20.21 43.84 10.08
N VAL E 208 20.91 42.94 10.76
CA VAL E 208 21.60 43.24 12.01
C VAL E 208 23.00 42.65 11.95
N ALA E 209 23.93 43.31 12.63
CA ALA E 209 25.32 42.88 12.71
C ALA E 209 25.73 42.68 14.17
N PRO E 210 26.60 41.71 14.44
CA PRO E 210 26.99 41.44 15.84
C PRO E 210 27.59 42.66 16.51
N THR E 211 27.15 42.90 17.75
CA THR E 211 27.57 44.04 18.56
C THR E 211 27.51 45.35 17.79
N GLU F 1 -28.67 19.00 17.74
CA GLU F 1 -28.33 17.84 16.92
C GLU F 1 -27.27 16.99 17.61
N VAL F 2 -27.09 15.77 17.09
CA VAL F 2 -26.20 14.79 17.70
C VAL F 2 -24.82 15.37 17.90
N GLN F 3 -24.30 15.26 19.12
CA GLN F 3 -23.03 15.87 19.51
C GLN F 3 -21.92 14.83 19.50
N LEU F 4 -20.73 15.27 19.07
CA LEU F 4 -19.51 14.46 19.16
C LEU F 4 -18.53 15.21 20.06
N VAL F 5 -18.11 14.57 21.15
CA VAL F 5 -17.19 15.19 22.11
C VAL F 5 -15.90 14.38 22.14
N GLN F 6 -14.78 15.09 22.18
CA GLN F 6 -13.46 14.48 22.05
C GLN F 6 -12.74 14.38 23.38
N SER F 7 -11.69 13.57 23.39
CA SER F 7 -10.75 13.56 24.51
C SER F 7 -10.00 14.89 24.56
N GLY F 8 -9.57 15.26 25.76
CA GLY F 8 -8.76 16.46 25.90
C GLY F 8 -7.43 16.33 25.20
N ALA F 9 -6.77 17.47 25.03
CA ALA F 9 -5.49 17.50 24.34
C ALA F 9 -4.46 16.66 25.10
N GLU F 10 -3.66 15.90 24.34
CA GLU F 10 -2.67 15.01 24.91
C GLU F 10 -1.28 15.44 24.48
N VAL F 11 -0.29 15.08 25.29
CA VAL F 11 1.12 15.24 24.96
C VAL F 11 1.83 13.94 25.29
N LYS F 12 2.46 13.33 24.28
CA LYS F 12 3.06 12.01 24.43
C LYS F 12 4.49 12.05 23.89
N LYS F 13 5.28 11.09 24.34
CA LYS F 13 6.67 11.01 23.91
C LYS F 13 6.80 10.06 22.72
N PRO F 14 7.65 10.38 21.74
CA PRO F 14 7.65 9.64 20.48
C PRO F 14 8.06 8.19 20.68
N GLY F 15 7.30 7.29 20.07
CA GLY F 15 7.46 5.86 20.27
C GLY F 15 6.44 5.26 21.21
N SER F 16 5.66 6.09 21.91
CA SER F 16 4.65 5.59 22.84
C SER F 16 3.30 5.46 22.15
N SER F 17 2.21 5.63 22.91
CA SER F 17 0.87 5.42 22.40
C SER F 17 -0.02 6.59 22.78
N VAL F 18 -1.18 6.67 22.12
CA VAL F 18 -2.19 7.70 22.42
C VAL F 18 -3.56 7.14 22.05
N ARG F 19 -4.53 7.34 22.93
CA ARG F 19 -5.90 6.91 22.72
C ARG F 19 -6.83 8.12 22.76
N VAL F 20 -7.71 8.22 21.77
CA VAL F 20 -8.64 9.34 21.65
C VAL F 20 -10.06 8.80 21.68
N SER F 21 -10.94 9.50 22.38
CA SER F 21 -12.33 9.10 22.53
C SER F 21 -13.24 9.99 21.70
N CYS F 22 -14.40 9.45 21.32
CA CYS F 22 -15.40 10.18 20.53
C CYS F 22 -16.78 9.67 20.96
N LYS F 23 -17.32 10.27 22.02
CA LYS F 23 -18.64 9.87 22.52
C LYS F 23 -19.74 10.57 21.73
N VAL F 24 -20.73 9.81 21.32
CA VAL F 24 -21.87 10.32 20.57
C VAL F 24 -23.05 10.47 21.52
N SER F 25 -23.94 11.41 21.21
CA SER F 25 -25.09 11.68 22.04
C SER F 25 -26.37 11.24 21.32
N GLY F 26 -27.36 10.82 22.10
CA GLY F 26 -28.70 10.65 21.59
C GLY F 26 -29.04 9.34 20.91
N TYR F 27 -29.01 9.33 19.58
CA TYR F 27 -29.68 8.31 18.78
C TYR F 27 -29.15 6.91 19.05
N THR F 28 -29.88 5.93 18.52
CA THR F 28 -29.49 4.52 18.59
C THR F 28 -28.09 4.34 18.03
N PHE F 29 -27.10 4.27 18.93
CA PHE F 29 -25.69 4.35 18.57
C PHE F 29 -25.33 3.43 17.41
N THR F 30 -25.74 2.17 17.49
CA THR F 30 -25.32 1.16 16.51
C THR F 30 -26.06 1.26 15.18
N GLY F 31 -26.24 2.46 14.65
CA GLY F 31 -26.95 2.61 13.39
C GLY F 31 -26.07 3.04 12.24
N TYR F 32 -25.35 4.15 12.42
CA TYR F 32 -24.66 4.82 11.32
C TYR F 32 -23.19 5.00 11.67
N TYR F 33 -22.31 4.59 10.76
CA TYR F 33 -20.89 4.47 11.03
C TYR F 33 -20.17 5.80 10.89
N MET F 34 -18.94 5.86 11.41
CA MET F 34 -18.20 7.11 11.50
C MET F 34 -16.70 6.86 11.39
N HIS F 35 -15.98 7.89 10.98
CA HIS F 35 -14.58 7.85 10.58
C HIS F 35 -13.70 8.64 11.55
N TRP F 36 -12.41 8.76 11.20
CA TRP F 36 -11.46 9.63 11.87
C TRP F 36 -10.66 10.38 10.81
N VAL F 37 -10.21 11.58 11.17
CA VAL F 37 -9.47 12.44 10.24
C VAL F 37 -8.42 13.20 11.03
N ARG F 38 -7.18 13.20 10.53
CA ARG F 38 -6.09 13.96 11.13
C ARG F 38 -5.86 15.25 10.36
N GLN F 39 -5.17 16.19 11.01
CA GLN F 39 -4.82 17.45 10.36
C GLN F 39 -3.62 18.04 11.09
N ALA F 40 -2.45 18.01 10.45
CA ALA F 40 -1.26 18.63 11.00
C ALA F 40 -1.42 20.15 11.05
N PRO F 41 -0.66 20.83 11.91
CA PRO F 41 -0.85 22.29 12.06
C PRO F 41 -0.65 23.04 10.74
N GLY F 42 -1.62 23.91 10.44
CA GLY F 42 -1.60 24.72 9.24
C GLY F 42 -1.93 23.98 7.94
N GLN F 43 -1.79 22.65 7.90
CA GLN F 43 -1.98 21.88 6.68
C GLN F 43 -3.42 21.41 6.55
N GLY F 44 -3.68 20.47 5.65
CA GLY F 44 -5.02 20.07 5.31
C GLY F 44 -5.50 18.77 5.96
N LEU F 45 -6.77 18.47 5.73
CA LEU F 45 -7.41 17.30 6.33
C LEU F 45 -7.01 16.03 5.59
N GLU F 46 -6.80 14.96 6.34
CA GLU F 46 -6.43 13.67 5.79
C GLU F 46 -7.27 12.59 6.44
N TRP F 47 -7.96 11.78 5.64
CA TRP F 47 -8.82 10.73 6.15
C TRP F 47 -7.96 9.55 6.61
N MET F 48 -8.25 9.06 7.82
CA MET F 48 -7.45 8.01 8.45
C MET F 48 -8.08 6.63 8.34
N GLY F 49 -9.35 6.49 8.68
CA GLY F 49 -9.96 5.19 8.64
C GLY F 49 -11.46 5.26 8.77
N ILE F 50 -12.07 4.08 8.91
CA ILE F 50 -13.51 3.95 9.10
C ILE F 50 -13.77 2.67 9.88
N ILE F 51 -14.71 2.75 10.84
CA ILE F 51 -15.08 1.62 11.67
C ILE F 51 -16.61 1.58 11.78
N ASN F 52 -17.19 0.40 11.56
CA ASN F 52 -18.62 0.21 11.76
C ASN F 52 -18.89 -0.08 13.23
N PRO F 53 -19.60 0.80 13.94
CA PRO F 53 -19.78 0.60 15.38
C PRO F 53 -20.55 -0.67 15.73
N SER F 54 -21.62 -0.98 14.98
CA SER F 54 -22.39 -2.18 15.27
C SER F 54 -21.57 -3.44 14.99
N GLY F 55 -20.92 -3.49 13.82
CA GLY F 55 -20.11 -4.64 13.48
C GLY F 55 -18.74 -4.66 14.11
N GLY F 56 -18.24 -3.52 14.57
CA GLY F 56 -16.88 -3.41 15.08
C GLY F 56 -15.81 -3.52 14.02
N SER F 57 -16.18 -3.79 12.78
CA SER F 57 -15.20 -4.01 11.72
C SER F 57 -14.61 -2.69 11.25
N THR F 58 -13.34 -2.74 10.85
CA THR F 58 -12.58 -1.57 10.49
C THR F 58 -11.88 -1.78 9.14
N SER F 59 -11.41 -0.66 8.59
CA SER F 59 -10.56 -0.64 7.40
C SER F 59 -9.96 0.75 7.23
N TYR F 60 -8.64 0.87 7.43
CA TYR F 60 -7.99 2.17 7.44
C TYR F 60 -7.28 2.43 6.11
N ALA F 61 -6.64 3.59 6.03
CA ALA F 61 -5.62 3.83 5.03
C ALA F 61 -4.32 3.21 5.53
N GLN F 62 -3.71 2.37 4.70
CA GLN F 62 -2.48 1.67 5.08
C GLN F 62 -1.35 2.63 5.44
N LYS F 63 -1.47 3.90 5.09
CA LYS F 63 -0.51 4.91 5.50
C LYS F 63 -0.44 5.04 7.02
N PHE F 64 -1.45 4.57 7.73
CA PHE F 64 -1.46 4.52 9.18
C PHE F 64 -1.44 3.09 9.71
N GLN F 65 -1.14 2.11 8.87
CA GLN F 65 -1.23 0.71 9.25
C GLN F 65 -0.13 0.35 10.26
N GLY F 66 -0.42 -0.67 11.06
CA GLY F 66 0.51 -1.14 12.07
C GLY F 66 0.50 -0.30 13.33
N ARG F 67 0.15 0.97 13.20
CA ARG F 67 0.12 1.89 14.33
C ARG F 67 -1.27 2.36 14.70
N VAL F 68 -2.29 2.05 13.90
CA VAL F 68 -3.65 2.50 14.14
C VAL F 68 -4.51 1.31 14.55
N THR F 69 -5.25 1.47 15.64
CA THR F 69 -6.26 0.51 16.07
C THR F 69 -7.50 1.30 16.45
N MET F 70 -8.59 1.12 15.70
CA MET F 70 -9.84 1.83 15.93
C MET F 70 -10.86 0.89 16.53
N THR F 71 -11.50 1.33 17.61
CA THR F 71 -12.36 0.48 18.42
C THR F 71 -13.61 1.26 18.80
N ARG F 72 -14.70 0.53 19.06
CA ARG F 72 -15.90 1.12 19.63
C ARG F 72 -16.22 0.43 20.94
N ASP F 73 -16.89 1.16 21.83
CA ASP F 73 -17.36 0.63 23.11
C ASP F 73 -18.88 0.83 23.10
N THR F 74 -19.60 -0.18 22.59
CA THR F 74 -21.04 -0.05 22.38
C THR F 74 -21.80 0.22 23.67
N SER F 75 -21.22 -0.08 24.83
CA SER F 75 -21.91 0.19 26.09
C SER F 75 -21.95 1.68 26.39
N THR F 76 -20.87 2.40 26.09
CA THR F 76 -20.76 3.82 26.39
C THR F 76 -20.96 4.70 25.17
N SER F 77 -21.24 4.12 24.00
CA SER F 77 -21.55 4.88 22.78
C SER F 77 -20.40 5.81 22.39
N THR F 78 -19.17 5.30 22.49
CA THR F 78 -17.99 6.03 22.05
C THR F 78 -17.19 5.18 21.08
N VAL F 79 -16.29 5.84 20.35
CA VAL F 79 -15.39 5.19 19.42
C VAL F 79 -13.97 5.60 19.77
N TYR F 80 -13.09 4.62 19.92
CA TYR F 80 -11.70 4.88 20.30
C TYR F 80 -10.78 4.67 19.11
N MET F 81 -9.70 5.47 19.08
CA MET F 81 -8.68 5.37 18.06
C MET F 81 -7.32 5.47 18.74
N GLU F 82 -6.51 4.43 18.58
CA GLU F 82 -5.18 4.38 19.18
C GLU F 82 -4.11 4.52 18.09
N LEU F 83 -3.06 5.26 18.41
CA LEU F 83 -1.93 5.47 17.52
C LEU F 83 -0.67 4.94 18.20
N SER F 84 -0.06 3.93 17.60
CA SER F 84 1.09 3.24 18.19
C SER F 84 2.39 3.71 17.56
N SER F 85 3.50 3.36 18.20
CA SER F 85 4.85 3.70 17.76
C SER F 85 4.93 5.17 17.36
N LEU F 86 4.61 6.02 18.33
CA LEU F 86 4.31 7.42 18.05
C LEU F 86 5.47 8.12 17.34
N ARG F 87 5.12 8.90 16.32
CA ARG F 87 6.09 9.55 15.44
C ARG F 87 6.24 11.02 15.81
N SER F 88 7.41 11.57 15.48
CA SER F 88 7.65 12.98 15.76
C SER F 88 6.93 13.87 14.75
N GLU F 89 6.75 13.40 13.53
CA GLU F 89 6.00 14.12 12.49
C GLU F 89 4.51 13.91 12.63
N ASP F 90 4.07 13.32 13.74
CA ASP F 90 2.71 12.83 13.90
C ASP F 90 1.84 13.77 14.75
N THR F 91 2.41 14.88 15.24
CA THR F 91 1.60 15.90 15.90
C THR F 91 0.57 16.46 14.93
N ALA F 92 -0.69 16.42 15.35
CA ALA F 92 -1.79 16.90 14.52
C ALA F 92 -3.02 17.05 15.41
N VAL F 93 -4.10 17.52 14.81
CA VAL F 93 -5.42 17.52 15.44
C VAL F 93 -6.21 16.39 14.80
N TYR F 94 -6.60 15.40 15.61
CA TYR F 94 -7.25 14.19 15.11
C TYR F 94 -8.76 14.36 15.28
N TYR F 95 -9.42 14.73 14.18
CA TYR F 95 -10.86 14.96 14.21
C TYR F 95 -11.61 13.63 14.13
N CYS F 96 -12.94 13.72 14.18
CA CYS F 96 -13.81 12.57 14.25
C CYS F 96 -15.16 12.99 13.67
N ALA F 97 -15.69 12.20 12.74
CA ALA F 97 -16.86 12.62 11.99
C ALA F 97 -17.75 11.43 11.67
N THR F 98 -19.05 11.65 11.69
CA THR F 98 -20.05 10.63 11.42
C THR F 98 -20.66 10.79 10.03
N VAL F 99 -21.23 9.69 9.54
CA VAL F 99 -22.01 9.70 8.31
C VAL F 99 -23.15 8.70 8.48
N ARG F 100 -24.36 9.11 8.13
CA ARG F 100 -25.52 8.26 8.27
C ARG F 100 -25.68 7.37 7.04
N VAL F 101 -26.01 6.10 7.27
CA VAL F 101 -26.23 5.18 6.16
C VAL F 101 -27.45 5.66 5.38
N GLY F 102 -27.21 6.43 4.33
CA GLY F 102 -28.25 7.07 3.56
C GLY F 102 -27.62 8.05 2.60
N ALA F 103 -27.22 9.21 3.13
CA ALA F 103 -26.31 10.11 2.43
C ALA F 103 -24.86 9.66 2.62
N SER F 104 -24.62 8.34 2.54
CA SER F 104 -23.32 7.72 2.77
C SER F 104 -22.26 8.26 1.81
N ASP F 105 -21.99 9.56 1.92
CA ASP F 105 -21.04 10.25 1.08
C ASP F 105 -20.45 11.39 1.88
N ALA F 106 -21.31 12.12 2.59
CA ALA F 106 -20.94 13.34 3.28
C ALA F 106 -20.66 13.08 4.75
N PHE F 107 -19.78 13.90 5.32
CA PHE F 107 -19.48 13.84 6.75
C PHE F 107 -20.48 14.71 7.48
N ASP F 108 -21.47 14.09 8.10
CA ASP F 108 -22.61 14.81 8.65
C ASP F 108 -22.18 15.77 9.76
N ILE F 109 -21.54 15.23 10.80
CA ILE F 109 -21.22 15.99 12.00
C ILE F 109 -19.78 15.70 12.40
N TRP F 110 -19.02 16.75 12.74
CA TRP F 110 -17.62 16.61 13.11
C TRP F 110 -17.46 16.72 14.62
N GLY F 111 -16.35 16.16 15.12
CA GLY F 111 -16.15 15.97 16.54
C GLY F 111 -15.40 17.07 17.29
N GLN F 112 -14.76 17.98 16.57
CA GLN F 112 -13.98 19.12 17.08
C GLN F 112 -12.96 18.75 18.17
N GLY F 113 -11.67 18.70 17.82
CA GLY F 113 -10.64 18.69 18.83
C GLY F 113 -9.66 17.55 18.91
N THR F 114 -8.91 17.54 20.02
CA THR F 114 -7.83 16.61 20.34
C THR F 114 -6.56 16.87 19.54
N MET F 115 -5.82 17.90 19.93
CA MET F 115 -4.47 18.10 19.42
C MET F 115 -3.53 17.16 20.17
N VAL F 116 -2.74 16.39 19.41
CA VAL F 116 -1.82 15.42 20.01
C VAL F 116 -0.39 15.87 19.77
N THR F 117 0.11 16.74 20.64
CA THR F 117 1.50 17.16 20.57
C THR F 117 2.41 15.99 20.92
N VAL F 118 3.46 15.78 20.12
CA VAL F 118 4.40 14.70 20.36
C VAL F 118 5.77 15.30 20.65
N SER F 119 6.84 14.68 20.15
CA SER F 119 8.23 15.04 20.44
C SER F 119 8.57 14.72 21.88
N SER F 120 9.86 14.48 22.17
CA SER F 120 10.27 14.14 23.52
C SER F 120 10.23 15.39 24.40
N ALA F 121 11.34 15.69 25.07
CA ALA F 121 11.46 16.81 25.99
C ALA F 121 10.54 16.64 27.20
N SER F 122 11.03 17.01 28.37
CA SER F 122 10.27 16.90 29.60
C SER F 122 9.64 18.24 29.95
N THR F 123 8.89 18.26 31.04
CA THR F 123 8.32 19.51 31.54
C THR F 123 9.45 20.48 31.90
N LYS F 124 9.51 21.60 31.19
CA LYS F 124 10.60 22.55 31.35
C LYS F 124 10.05 23.95 31.53
N GLY F 125 10.64 24.70 32.45
CA GLY F 125 10.31 26.08 32.65
C GLY F 125 10.91 26.95 31.56
N PRO F 126 10.20 27.99 31.16
CA PRO F 126 10.64 28.82 30.03
C PRO F 126 11.72 29.81 30.41
N SER F 127 12.63 30.04 29.47
CA SER F 127 13.66 31.06 29.59
C SER F 127 13.21 32.31 28.86
N VAL F 128 13.24 33.44 29.57
CA VAL F 128 12.79 34.72 29.03
C VAL F 128 14.02 35.59 28.81
N PHE F 129 14.19 36.07 27.59
CA PHE F 129 15.30 36.94 27.22
C PHE F 129 14.74 38.24 26.67
N PRO F 130 15.08 39.38 27.26
CA PRO F 130 14.48 40.64 26.81
C PRO F 130 14.93 41.02 25.41
N LEU F 131 14.01 41.62 24.66
CA LEU F 131 14.27 42.08 23.30
C LEU F 131 14.37 43.60 23.35
N ALA F 132 15.59 44.10 23.52
CA ALA F 132 15.82 45.53 23.56
C ALA F 132 15.64 46.13 22.17
N PRO F 133 14.94 47.26 22.05
CA PRO F 133 14.71 47.87 20.74
C PRO F 133 15.99 48.47 20.19
N SER F 134 15.90 48.91 18.93
CA SER F 134 17.06 49.46 18.22
C SER F 134 17.04 50.98 18.24
N SER F 135 17.55 51.59 17.18
CA SER F 135 17.57 53.04 17.05
C SER F 135 16.18 53.57 16.73
N LYS F 136 16.04 54.26 15.60
CA LYS F 136 14.77 54.76 15.11
C LYS F 136 14.44 54.06 13.79
N SER F 137 13.34 54.48 13.18
CA SER F 137 12.88 53.89 11.92
C SER F 137 12.38 55.00 11.01
N THR F 138 12.03 54.62 9.78
CA THR F 138 11.50 55.59 8.82
C THR F 138 10.12 56.06 9.21
N SER F 139 9.25 55.14 9.61
CA SER F 139 7.89 55.46 10.06
C SER F 139 7.72 54.87 11.46
N GLY F 140 8.17 55.62 12.47
CA GLY F 140 8.76 56.93 12.28
C GLY F 140 8.78 57.69 13.58
N GLY F 141 8.40 56.99 14.65
CA GLY F 141 8.32 57.56 15.98
C GLY F 141 7.82 56.52 16.96
N THR F 142 7.59 55.31 16.46
CA THR F 142 7.17 54.18 17.25
C THR F 142 8.18 53.04 17.11
N ALA F 143 8.31 52.25 18.17
CA ALA F 143 9.26 51.15 18.17
C ALA F 143 8.67 49.97 18.91
N ALA F 144 9.29 48.81 18.74
CA ALA F 144 8.83 47.56 19.33
C ALA F 144 9.87 47.04 20.32
N LEU F 145 9.43 46.74 21.53
CA LEU F 145 10.20 46.03 22.54
C LEU F 145 9.42 44.80 22.94
N GLY F 146 10.07 43.86 23.64
CA GLY F 146 9.34 42.68 24.04
C GLY F 146 10.22 41.68 24.78
N CYS F 147 9.62 40.51 25.00
CA CYS F 147 10.25 39.39 25.65
C CYS F 147 10.21 38.17 24.72
N LEU F 148 11.27 37.37 24.74
CA LEU F 148 11.30 36.09 24.04
C LEU F 148 11.22 35.00 25.10
N VAL F 149 10.11 34.26 25.10
CA VAL F 149 9.88 33.18 26.06
C VAL F 149 10.30 31.89 25.35
N LYS F 150 11.56 31.51 25.52
CA LYS F 150 12.14 30.40 24.76
C LYS F 150 12.25 29.14 25.62
N ASP F 151 11.91 28.00 24.99
CA ASP F 151 12.17 26.66 25.53
C ASP F 151 11.30 26.30 26.74
N TYR F 152 10.25 25.53 26.48
CA TYR F 152 9.28 25.01 27.46
C TYR F 152 8.37 24.04 26.70
N PHE F 153 7.89 23.00 27.39
CA PHE F 153 7.21 21.88 26.72
C PHE F 153 5.90 21.46 27.39
N PRO F 154 5.10 22.41 27.79
CA PRO F 154 3.67 22.36 27.42
C PRO F 154 3.26 23.71 26.89
N GLU F 155 2.21 23.79 26.06
CA GLU F 155 1.96 25.12 25.52
C GLU F 155 0.82 25.86 26.22
N PRO F 156 0.78 25.93 27.57
CA PRO F 156 0.08 27.06 28.18
C PRO F 156 1.01 27.96 28.99
N VAL F 157 1.66 28.93 28.34
CA VAL F 157 2.42 29.96 29.03
C VAL F 157 1.75 31.29 28.77
N THR F 158 1.61 32.10 29.81
CA THR F 158 0.81 33.32 29.78
C THR F 158 1.67 34.52 30.12
N VAL F 159 1.76 35.46 29.18
CA VAL F 159 2.61 36.63 29.34
C VAL F 159 1.74 37.85 29.57
N SER F 160 2.24 38.77 30.40
CA SER F 160 1.58 40.04 30.67
C SER F 160 2.64 41.06 31.07
N TRP F 161 2.36 42.32 30.75
CA TRP F 161 3.33 43.40 30.96
C TRP F 161 2.92 44.30 32.12
N ASN F 162 3.93 44.80 32.83
CA ASN F 162 3.76 45.73 33.95
C ASN F 162 2.74 45.19 34.96
N SER F 163 2.89 43.92 35.30
CA SER F 163 2.02 43.23 36.25
C SER F 163 0.56 43.25 35.82
N GLY F 164 0.29 43.42 34.52
CA GLY F 164 -1.05 43.45 33.99
C GLY F 164 -1.60 44.84 33.70
N ALA F 165 -0.88 45.89 34.12
CA ALA F 165 -1.40 47.24 33.92
C ALA F 165 -1.18 47.73 32.49
N LEU F 166 0.00 47.49 31.93
CA LEU F 166 0.27 47.87 30.55
C LEU F 166 -0.47 46.93 29.62
N THR F 167 -1.37 47.48 28.80
CA THR F 167 -2.19 46.65 27.93
C THR F 167 -2.23 47.18 26.49
N SER F 168 -2.08 48.48 26.32
CA SER F 168 -2.16 49.08 24.99
C SER F 168 -0.81 48.95 24.28
N GLY F 169 -0.82 48.30 23.12
CA GLY F 169 0.39 48.05 22.36
C GLY F 169 0.90 46.63 22.46
N VAL F 170 0.35 45.82 23.37
CA VAL F 170 0.85 44.48 23.60
C VAL F 170 0.24 43.52 22.57
N HIS F 171 1.08 42.66 22.00
CA HIS F 171 0.63 41.53 21.20
C HIS F 171 1.46 40.31 21.57
N THR F 172 0.81 39.30 22.10
CA THR F 172 1.46 38.04 22.44
C THR F 172 1.29 37.07 21.29
N PHE F 173 2.41 36.63 20.70
CA PHE F 173 2.36 35.80 19.52
C PHE F 173 2.07 34.34 19.89
N PRO F 174 1.37 33.62 19.03
CA PRO F 174 1.22 32.17 19.23
C PRO F 174 2.57 31.48 19.27
N ALA F 175 2.73 30.56 20.22
CA ALA F 175 3.99 29.86 20.37
C ALA F 175 4.28 29.00 19.15
N VAL F 176 5.58 28.81 18.88
CA VAL F 176 6.02 27.94 17.80
C VAL F 176 6.78 26.78 18.41
N LEU F 177 6.71 25.62 17.76
CA LEU F 177 7.28 24.39 18.27
C LEU F 177 8.62 24.15 17.58
N GLN F 178 9.70 24.32 18.33
CA GLN F 178 11.03 24.04 17.79
C GLN F 178 11.17 22.56 17.47
N SER F 179 12.07 22.26 16.53
CA SER F 179 12.40 20.86 16.25
C SER F 179 13.09 20.21 17.44
N SER F 180 13.71 21.01 18.30
CA SER F 180 14.27 20.52 19.55
C SER F 180 13.21 20.10 20.56
N GLY F 181 11.93 20.12 20.17
CA GLY F 181 10.86 19.68 21.04
C GLY F 181 10.38 20.70 22.04
N LEU F 182 10.87 21.93 21.99
CA LEU F 182 10.49 22.95 22.95
C LEU F 182 9.71 24.06 22.27
N TYR F 183 8.82 24.69 23.03
CA TYR F 183 8.01 25.79 22.51
C TYR F 183 8.76 27.12 22.69
N SER F 184 8.26 28.13 21.98
CA SER F 184 8.81 29.48 22.07
C SER F 184 7.84 30.51 21.49
N LEU F 185 7.60 31.61 22.21
CA LEU F 185 6.79 32.69 21.68
C LEU F 185 7.41 34.02 22.05
N SER F 186 6.93 35.07 21.39
CA SER F 186 7.32 36.44 21.70
C SER F 186 6.11 37.21 22.22
N SER F 187 6.38 38.16 23.10
CA SER F 187 5.37 39.10 23.58
C SER F 187 5.93 40.51 23.37
N VAL F 188 5.25 41.30 22.55
CA VAL F 188 5.84 42.51 22.00
C VAL F 188 4.90 43.69 22.23
N VAL F 189 5.48 44.82 22.64
CA VAL F 189 4.74 46.06 22.87
C VAL F 189 5.25 47.11 21.91
N THR F 190 4.33 47.76 21.20
CA THR F 190 4.65 48.87 20.31
C THR F 190 4.35 50.18 21.04
N VAL F 191 5.35 51.04 21.16
CA VAL F 191 5.25 52.26 21.95
C VAL F 191 5.94 53.39 21.19
N PRO F 192 5.62 54.64 21.52
CA PRO F 192 6.37 55.77 20.95
C PRO F 192 7.86 55.64 21.25
N SER F 193 8.66 55.59 20.19
CA SER F 193 10.10 55.41 20.33
C SER F 193 10.74 56.51 21.18
N SER F 194 10.05 57.63 21.35
CA SER F 194 10.56 58.69 22.22
C SER F 194 10.56 58.26 23.68
N SER F 195 9.66 57.35 24.06
CA SER F 195 9.56 56.87 25.43
C SER F 195 10.38 55.61 25.67
N LEU F 196 11.40 55.36 24.86
CA LEU F 196 12.27 54.22 25.08
C LEU F 196 13.32 54.58 26.11
N GLY F 197 13.44 53.74 27.14
CA GLY F 197 14.36 54.03 28.22
C GLY F 197 13.86 55.14 29.09
N THR F 198 12.65 55.62 28.78
CA THR F 198 11.99 56.64 29.58
C THR F 198 10.84 56.09 30.42
N GLN F 199 10.33 54.91 30.07
CA GLN F 199 9.28 54.25 30.82
C GLN F 199 9.76 52.88 31.27
N THR F 200 9.11 52.34 32.30
CA THR F 200 9.46 51.03 32.82
C THR F 200 8.61 49.97 32.12
N TYR F 201 9.28 48.92 31.63
CA TYR F 201 8.63 47.84 30.89
C TYR F 201 9.10 46.51 31.47
N ILE F 202 8.22 45.83 32.20
CA ILE F 202 8.51 44.52 32.74
C ILE F 202 7.41 43.56 32.29
N CYS F 203 7.83 42.43 31.72
CA CYS F 203 6.90 41.40 31.26
C CYS F 203 6.88 40.24 32.26
N ASN F 204 5.69 39.71 32.51
CA ASN F 204 5.48 38.68 33.52
C ASN F 204 5.01 37.41 32.82
N VAL F 205 5.85 36.39 32.83
CA VAL F 205 5.59 35.15 32.12
C VAL F 205 5.31 34.06 33.14
N ASN F 206 4.09 33.56 33.15
CA ASN F 206 3.65 32.53 34.09
C ASN F 206 3.46 31.22 33.34
N HIS F 207 3.90 30.12 33.96
CA HIS F 207 3.87 28.80 33.33
C HIS F 207 3.39 27.80 34.39
N LYS F 208 2.08 27.53 34.39
CA LYS F 208 1.51 26.64 35.40
C LYS F 208 2.13 25.24 35.43
N PRO F 209 2.36 24.56 34.30
CA PRO F 209 2.90 23.19 34.38
C PRO F 209 4.24 23.08 35.06
N SER F 210 4.92 24.19 35.35
CA SER F 210 6.21 24.11 36.04
C SER F 210 6.33 25.14 37.17
N ASN F 211 5.23 25.79 37.56
CA ASN F 211 5.25 26.82 38.62
C ASN F 211 6.28 27.90 38.33
N THR F 212 6.55 28.16 37.06
CA THR F 212 7.54 29.15 36.65
C THR F 212 6.83 30.49 36.47
N LYS F 213 7.02 31.39 37.44
CA LYS F 213 6.52 32.75 37.36
C LYS F 213 7.73 33.68 37.36
N VAL F 214 7.95 34.39 36.25
CA VAL F 214 9.18 35.14 36.05
C VAL F 214 8.84 36.52 35.48
N ASP F 215 9.46 37.55 36.03
CA ASP F 215 9.39 38.90 35.51
C ASP F 215 10.71 39.26 34.84
N LYS F 216 10.67 40.25 33.95
CA LYS F 216 11.88 40.68 33.26
C LYS F 216 11.68 42.09 32.74
N LYS F 217 12.53 43.01 33.19
CA LYS F 217 12.54 44.37 32.65
C LYS F 217 13.28 44.40 31.31
N VAL F 218 12.85 45.30 30.43
CA VAL F 218 13.40 45.43 29.09
C VAL F 218 13.95 46.83 28.96
N GLU F 219 15.27 47.00 29.20
CA GLU F 219 15.93 48.29 29.03
C GLU F 219 16.52 48.42 27.63
N PRO F 220 16.67 49.65 27.13
CA PRO F 220 17.17 49.85 25.77
C PRO F 220 18.58 49.28 25.59
N LYS F 221 19.00 49.24 24.33
CA LYS F 221 20.30 48.68 23.98
C LYS F 221 21.43 49.56 24.51
N SER F 222 22.48 48.91 25.00
CA SER F 222 23.67 49.60 25.50
C SER F 222 24.83 48.63 25.66
#